data_6UO8
#
_entry.id   6UO8
#
_cell.length_a   1.00
_cell.length_b   1.00
_cell.length_c   1.00
_cell.angle_alpha   90.00
_cell.angle_beta   90.00
_cell.angle_gamma   90.00
#
_symmetry.space_group_name_H-M   'P 1'
#
loop_
_entity.id
_entity.type
_entity.pdbx_description
1 polymer 'Gamma-aminobutyric acid type B receptor subunit 1'
2 polymer 'Gamma-aminobutyric acid type B receptor subunit 2'
3 branched 2-acetamido-2-deoxy-beta-D-glucopyranose-(1-4)-2-acetamido-2-deoxy-beta-D-glucopyranose
4 branched beta-D-mannopyranose-(1-4)-2-acetamido-2-deoxy-beta-D-glucopyranose-(1-4)-2-acetamido-2-deoxy-beta-D-glucopyranose
5 non-polymer '(R)-(3-aminopropyl)methylphosphinic acid'
6 non-polymer 2-acetamido-2-deoxy-beta-D-glucopyranose
7 non-polymer N~4~,N~6~-dicyclopentyl-2-(methylsulfanyl)-5-nitropyrimidine-4,6-diamine
#
loop_
_entity_poly.entity_id
_entity_poly.type
_entity_poly.pdbx_seq_one_letter_code
_entity_poly.pdbx_strand_id
1 'polypeptide(L)'
;GSERRAVYIGALFPMSGGWPGGQACQPAVEMALEDVNSRRDILPDYELKLIHHDSKCDPGQATKYLYELLYNDPIKIILM
PGCSSVSTLVAEAARMWNLIVLSYGSSSPALSNRQRFPTFFRTHPSATLHNPTRVKLFEKWGWKKIATIQQTTEVFTSTL
DDLEERVKEAGIEITFRQSFFSDPAVPVKNLKRQDARIIVGLFYETEARKVFCEVYKERLFGKKYVWFLIGWYADNWFKI
YDPSINCTVDEMTEAVEGHITTEIVMLNPANTRSISNMTSQEFVEKLTKRLKRHPEETGGFQEAPLAYDAIWALALALNK
TSGGGGRSGVRLEDFNYNNQTITDQIYRAMNSSSFEGVSGHVVFDASGSRMAWTLIEQLQGGSYKKIGYYDSTKDDLSWS
KTDKWIGGSPPADQTLVIKTFRFLSQKLFISVSVLSSLGIVLAVVCLSFNIYNSHVRYIQNSQPNLNNLTAVGCSLALAA
VFPLGLDGYHIGRNQFPFVCQARLWLLGLGFSLGYGSMFTKIWWVHTVFTKKEEKKEWRKTLEPWKLYATVGLLVGMDVL
TLAIWQIVDPLHRTIETFAKEEPKEDIDVSILPQLEHCSSRKMNTWLGIFYGYKGLLLLLGIFLAYETKSVSTEKINDHR
AVGMAIYNVAVLCLITAPVTMILSSQQDAAFAFASLAIVFSSYITLVVLFVPKMRRLITRGEWQSEAQDTMKTGSSTNNN
EEEKSRLLEKENRELEKIIAEKEERVSELRHQLQSRLEVLFQ
;
A
2 'polypeptide(L)'
;GWARGAPRPPPSSPPLSIMGLMPLTKEVAKGSIGRGVLPAVELAIEQIRNESLLRPYFLDLRLYDTECDNAKGLKAFYDA
IKYGPNHLMVFGGVCPSVTSIIAESLQGWNLVQLSFAATTPVLADKKKYPYFFRTVPSDNAVNPAILKLLKHYQWKRVGT
LTQDVQRFSEVRNDLTGVLYGEDIEISDTESFSNDPCTSVKKLKGNDVRIILGQFDQNMAAKVFCCAYEENMYGSKYQWI
IPGWYEPSWWEQVHTEANSSRCLRKNLLAAMEGYIGVDFEPLSSKQIKTISGKTPQQYEREYNNKRSGVGPSKFHGYAYD
GIWVIAKTLQRAMETLHASSRHQRIQDFNYTDHTLGRIILNAMNETNFFGVTGQVVFRNGERMGTIKFTQFQDSREVKVG
EYNAVADTLEIINDTIRFQGSEPPKDKTIILEQLRKISLPLYSILSALTILGMIMASAFLFFNIKNRNQKLIKMSSPYMN
NLIILGGMLSYASIFLFGLDGSFVSEKTFETLCTVRTWILTVGYTTAFGAMFAKTWRVHAIFKNVKMKKKIIKDQKLLVI
VGGMLLIDLCILICWQAVDPLRRTVEKYSMEPDPAGRDISIRPLLEHCENTHMTIWLGIVYAYKGLLMLFGCFLAWETRN
VSIPALNDSKYIGMSVYNVGIMCIIGAAVSFLTRDQPNVQFCIVALVIIFCSTITLCLVFVPKLITLRTNPDAATQNRRF
QFTQNQKKEDSKTSTSVTSVNQASTSRLEGLQSENHRLRMKITELDKDLEEVTMQLQDT
;
B
#
# COMPACT_ATOMS: atom_id res chain seq x y z
N GLU A 3 53.73 51.47 28.69
CA GLU A 3 53.43 50.55 27.60
C GLU A 3 52.63 49.35 28.13
N ARG A 4 51.61 48.95 27.38
CA ARG A 4 50.72 47.87 27.77
C ARG A 4 51.20 46.55 27.18
N ARG A 5 51.07 45.47 27.96
CA ARG A 5 51.41 44.15 27.48
C ARG A 5 50.34 43.65 26.51
N ALA A 6 50.66 42.59 25.78
CA ALA A 6 49.76 42.05 24.77
C ALA A 6 49.55 40.56 24.99
N VAL A 7 48.31 40.12 24.86
CA VAL A 7 47.95 38.71 24.93
C VAL A 7 47.35 38.30 23.59
N TYR A 8 47.24 36.98 23.39
CA TYR A 8 46.87 36.43 22.10
C TYR A 8 45.75 35.40 22.25
N ILE A 9 44.84 35.37 21.29
CA ILE A 9 43.77 34.39 21.23
C ILE A 9 43.87 33.66 19.90
N GLY A 10 43.30 32.45 19.86
CA GLY A 10 43.35 31.60 18.66
C GLY A 10 41.96 31.48 18.04
N ALA A 11 41.91 31.49 16.71
CA ALA A 11 40.63 31.48 16.03
C ALA A 11 40.72 30.73 14.72
N LEU A 12 39.66 29.99 14.41
CA LEU A 12 39.50 29.32 13.12
C LEU A 12 38.29 29.91 12.41
N PHE A 13 38.49 30.36 11.18
CA PHE A 13 37.43 30.99 10.40
C PHE A 13 37.12 30.17 9.16
N PRO A 14 35.98 29.49 9.07
CA PRO A 14 35.65 28.74 7.86
C PRO A 14 35.27 29.69 6.73
N MET A 15 35.96 29.55 5.60
CA MET A 15 35.72 30.38 4.44
C MET A 15 35.21 29.61 3.23
N SER A 16 35.05 28.29 3.34
CA SER A 16 34.47 27.48 2.29
C SER A 16 33.85 26.24 2.92
N GLY A 17 33.20 25.44 2.08
CA GLY A 17 32.67 24.17 2.55
C GLY A 17 31.18 24.16 2.79
N GLY A 18 30.75 23.40 3.81
CA GLY A 18 29.33 23.24 4.08
C GLY A 18 28.66 24.47 4.65
N TRP A 19 29.42 25.38 5.25
CA TRP A 19 28.86 26.61 5.81
C TRP A 19 29.92 27.69 5.77
N PRO A 20 30.01 28.43 4.67
CA PRO A 20 30.97 29.54 4.58
C PRO A 20 30.48 30.73 5.38
N GLY A 21 31.12 30.98 6.53
CA GLY A 21 30.69 32.07 7.38
C GLY A 21 31.71 33.17 7.53
N GLY A 22 32.99 32.78 7.46
CA GLY A 22 34.09 33.70 7.73
C GLY A 22 34.12 34.93 6.86
N GLN A 23 33.57 34.84 5.64
CA GLN A 23 33.52 35.98 4.73
C GLN A 23 32.75 37.15 5.33
N ALA A 24 31.81 36.87 6.23
CA ALA A 24 31.14 37.93 6.97
C ALA A 24 31.56 38.00 8.43
N CYS A 25 32.36 37.05 8.90
CA CYS A 25 32.72 37.00 10.32
C CYS A 25 34.13 37.52 10.59
N GLN A 26 35.05 37.34 9.66
CA GLN A 26 36.40 37.88 9.84
C GLN A 26 36.45 39.41 9.86
N PRO A 27 35.74 40.18 9.02
CA PRO A 27 35.81 41.64 9.18
C PRO A 27 35.14 42.13 10.45
N ALA A 28 34.06 41.48 10.90
CA ALA A 28 33.31 41.95 12.05
C ALA A 28 34.17 41.94 13.31
N VAL A 29 34.92 40.85 13.53
CA VAL A 29 35.87 40.82 14.63
C VAL A 29 36.94 41.90 14.44
N GLU A 30 37.35 42.13 13.20
CA GLU A 30 38.28 43.22 12.92
C GLU A 30 37.67 44.60 13.13
N MET A 31 36.36 44.69 13.26
CA MET A 31 35.72 45.93 13.66
C MET A 31 35.55 46.03 15.17
N ALA A 32 35.72 44.93 15.90
CA ALA A 32 35.53 44.93 17.34
C ALA A 32 36.86 45.13 18.08
N LEU A 33 37.91 44.44 17.64
CA LEU A 33 39.19 44.48 18.34
C LEU A 33 39.78 45.88 18.36
N GLU A 34 39.70 46.59 17.24
CA GLU A 34 40.17 47.98 17.17
C GLU A 34 39.38 48.89 18.11
N ASP A 35 38.18 48.48 18.52
CA ASP A 35 37.43 49.23 19.51
C ASP A 35 37.76 48.80 20.94
N VAL A 36 38.17 47.55 21.15
CA VAL A 36 38.40 47.10 22.52
C VAL A 36 39.82 47.40 22.98
N ASN A 37 40.75 47.63 22.05
CA ASN A 37 42.12 47.99 22.38
C ASN A 37 42.33 49.50 22.35
N SER A 38 41.26 50.28 22.21
CA SER A 38 41.36 51.73 22.15
C SER A 38 40.63 52.44 23.28
N ARG A 39 39.78 51.75 24.03
CA ARG A 39 39.10 52.33 25.17
C ARG A 39 39.86 51.95 26.44
N ARG A 40 40.35 52.97 27.16
CA ARG A 40 41.14 52.74 28.37
C ARG A 40 40.29 52.34 29.57
N ASP A 41 38.97 52.38 29.46
CA ASP A 41 38.11 52.03 30.58
C ASP A 41 38.11 50.53 30.82
N ILE A 42 37.94 49.75 29.76
CA ILE A 42 37.71 48.31 29.91
C ILE A 42 39.01 47.51 30.02
N LEU A 43 40.10 47.99 29.45
CA LEU A 43 41.40 47.32 29.55
C LEU A 43 42.48 48.38 29.70
N PRO A 44 42.98 48.59 30.92
CA PRO A 44 43.88 49.72 31.16
C PRO A 44 45.33 49.45 30.76
N ASP A 45 45.75 48.18 30.80
CA ASP A 45 47.15 47.87 30.56
C ASP A 45 47.34 46.60 29.73
N TYR A 46 46.40 46.30 28.82
CA TYR A 46 46.51 45.10 28.00
C TYR A 46 45.93 45.35 26.62
N GLU A 47 46.51 44.68 25.63
CA GLU A 47 45.94 44.59 24.29
C GLU A 47 45.67 43.14 23.94
N LEU A 48 44.68 42.94 23.08
CA LEU A 48 44.30 41.62 22.60
C LEU A 48 44.68 41.50 21.14
N LYS A 49 45.30 40.37 20.78
CA LYS A 49 45.64 40.09 19.39
C LYS A 49 45.04 38.75 18.97
N LEU A 50 44.89 38.60 17.66
CA LEU A 50 44.19 37.46 17.08
C LEU A 50 45.15 36.66 16.22
N ILE A 51 45.06 35.34 16.30
CA ILE A 51 45.77 34.43 15.40
C ILE A 51 44.70 33.62 14.69
N HIS A 52 44.40 33.97 13.44
CA HIS A 52 43.33 33.35 12.68
C HIS A 52 43.88 32.34 11.69
N HIS A 53 43.10 31.31 11.42
CA HIS A 53 43.45 30.34 10.40
C HIS A 53 42.22 29.88 9.63
N ASP A 54 42.36 29.76 8.31
CA ASP A 54 41.30 29.19 7.50
C ASP A 54 41.23 27.69 7.72
N SER A 55 40.02 27.15 7.69
CA SER A 55 39.85 25.72 7.96
C SER A 55 38.89 25.00 7.03
N LYS A 56 37.97 25.70 6.35
CA LYS A 56 36.84 25.14 5.61
C LYS A 56 35.93 24.26 6.46
N CYS A 57 36.11 24.33 7.79
CA CYS A 57 35.60 23.45 8.84
C CYS A 57 35.55 21.99 8.38
N ASP A 58 36.70 21.48 7.96
CA ASP A 58 36.96 20.07 7.74
C ASP A 58 37.90 19.60 8.83
N PRO A 59 37.63 18.43 9.43
CA PRO A 59 38.41 18.02 10.62
C PRO A 59 39.89 17.77 10.37
N GLY A 60 40.29 17.46 9.14
CA GLY A 60 41.70 17.22 8.85
C GLY A 60 42.55 18.47 8.94
N GLN A 61 42.18 19.49 8.16
CA GLN A 61 42.88 20.76 8.23
C GLN A 61 42.72 21.41 9.60
N ALA A 62 41.59 21.18 10.26
CA ALA A 62 41.40 21.69 11.61
C ALA A 62 42.38 21.04 12.59
N THR A 63 42.59 19.73 12.46
CA THR A 63 43.55 19.04 13.32
C THR A 63 44.97 19.50 13.05
N LYS A 64 45.31 19.69 11.77
CA LYS A 64 46.65 20.16 11.43
C LYS A 64 46.91 21.55 11.98
N TYR A 65 45.95 22.46 11.81
CA TYR A 65 46.15 23.82 12.30
C TYR A 65 46.05 23.90 13.82
N LEU A 66 45.33 22.95 14.44
CA LEU A 66 45.30 22.92 15.91
C LEU A 66 46.65 22.48 16.46
N TYR A 67 47.28 21.48 15.83
CA TYR A 67 48.64 21.11 16.23
C TYR A 67 49.61 22.24 15.96
N GLU A 68 49.41 22.99 14.88
CA GLU A 68 50.27 24.14 14.60
C GLU A 68 50.10 25.23 15.66
N LEU A 69 48.87 25.45 16.13
CA LEU A 69 48.61 26.50 17.10
C LEU A 69 49.12 26.13 18.49
N LEU A 70 48.91 24.88 18.91
CA LEU A 70 49.18 24.51 20.30
C LEU A 70 50.66 24.36 20.61
N TYR A 71 51.54 24.36 19.61
CA TYR A 71 52.96 24.08 19.82
C TYR A 71 53.82 25.18 19.22
N ASN A 72 53.46 26.43 19.49
CA ASN A 72 54.24 27.59 19.05
C ASN A 72 54.63 28.43 20.26
N ASP A 73 55.39 29.49 20.00
CA ASP A 73 55.98 30.30 21.07
C ASP A 73 55.02 31.28 21.75
N PRO A 74 54.16 32.04 21.05
CA PRO A 74 53.22 32.89 21.80
C PRO A 74 52.15 32.05 22.48
N ILE A 75 52.04 32.20 23.80
CA ILE A 75 51.09 31.42 24.58
C ILE A 75 49.70 32.01 24.40
N LYS A 76 48.73 31.15 24.11
CA LYS A 76 47.36 31.58 23.84
C LYS A 76 46.52 31.47 25.11
N ILE A 77 45.32 32.04 25.04
CA ILE A 77 44.43 32.07 26.19
C ILE A 77 43.14 31.33 25.88
N ILE A 78 42.41 31.77 24.85
CA ILE A 78 41.16 31.13 24.48
C ILE A 78 41.23 30.64 23.04
N LEU A 79 40.32 29.72 22.72
CA LEU A 79 40.15 29.21 21.37
C LEU A 79 38.75 29.55 20.87
N MET A 80 38.65 29.82 19.57
CA MET A 80 37.39 30.19 18.93
C MET A 80 37.18 29.36 17.67
N PRO A 81 36.40 28.29 17.75
CA PRO A 81 36.17 27.44 16.58
C PRO A 81 35.06 28.00 15.69
N GLY A 82 34.76 27.25 14.63
CA GLY A 82 33.77 27.68 13.66
C GLY A 82 32.50 26.83 13.68
N CYS A 83 32.32 25.98 12.68
CA CYS A 83 31.11 25.17 12.63
C CYS A 83 31.21 24.01 13.63
N SER A 84 30.11 23.26 13.72
CA SER A 84 29.94 22.36 14.86
C SER A 84 30.87 21.16 14.79
N SER A 85 31.21 20.69 13.59
CA SER A 85 32.08 19.54 13.45
C SER A 85 33.49 19.82 13.95
N VAL A 86 33.93 21.07 13.92
CA VAL A 86 35.19 21.45 14.53
C VAL A 86 35.01 21.83 16.00
N SER A 87 33.87 22.44 16.34
CA SER A 87 33.64 22.88 17.71
C SER A 87 33.59 21.70 18.68
N THR A 88 32.95 20.60 18.28
CA THR A 88 32.87 19.44 19.16
C THR A 88 34.24 18.80 19.37
N LEU A 89 35.04 18.72 18.31
CA LEU A 89 36.38 18.14 18.41
C LEU A 89 37.27 18.99 19.31
N VAL A 90 37.24 20.31 19.13
CA VAL A 90 38.07 21.19 19.95
C VAL A 90 37.62 21.14 21.41
N ALA A 91 36.31 21.11 21.65
CA ALA A 91 35.80 21.08 23.02
C ALA A 91 36.11 19.76 23.70
N GLU A 92 36.14 18.65 22.96
CA GLU A 92 36.50 17.37 23.57
C GLU A 92 38.00 17.31 23.84
N ALA A 93 38.82 17.86 22.94
CA ALA A 93 40.26 17.72 23.09
C ALA A 93 40.89 18.74 24.03
N ALA A 94 40.23 19.86 24.30
CA ALA A 94 40.84 20.93 25.07
C ALA A 94 40.89 20.65 26.57
N ARG A 95 40.44 19.48 27.03
CA ARG A 95 40.44 19.19 28.45
C ARG A 95 41.83 18.88 28.99
N MET A 96 42.76 18.48 28.13
CA MET A 96 44.09 18.08 28.57
C MET A 96 45.10 19.23 28.59
N TRP A 97 44.70 20.43 28.18
CA TRP A 97 45.57 21.58 28.21
C TRP A 97 45.08 22.70 29.11
N ASN A 98 43.89 22.54 29.71
CA ASN A 98 43.25 23.54 30.57
C ASN A 98 43.08 24.88 29.84
N LEU A 99 42.30 24.84 28.78
CA LEU A 99 42.00 26.00 27.96
C LEU A 99 40.50 26.29 28.02
N ILE A 100 40.10 27.38 27.36
CA ILE A 100 38.71 27.83 27.35
C ILE A 100 38.27 27.93 25.89
N VAL A 101 37.19 27.22 25.57
CA VAL A 101 36.62 27.24 24.22
C VAL A 101 35.42 28.17 24.22
N LEU A 102 35.41 29.13 23.29
CA LEU A 102 34.30 30.08 23.16
C LEU A 102 33.86 30.09 21.71
N SER A 103 32.76 29.41 21.42
CA SER A 103 32.27 29.29 20.07
C SER A 103 31.29 30.42 19.74
N TYR A 104 31.07 30.62 18.45
CA TYR A 104 30.15 31.65 18.00
C TYR A 104 29.26 31.21 16.84
N GLY A 105 29.36 29.96 16.40
CA GLY A 105 28.54 29.51 15.28
C GLY A 105 28.05 28.09 15.42
N SER A 106 28.38 27.44 16.53
CA SER A 106 27.96 26.07 16.74
C SER A 106 26.55 26.04 17.30
N SER A 107 25.74 25.12 16.79
CA SER A 107 24.36 24.98 17.22
C SER A 107 24.01 23.53 17.43
N SER A 108 24.92 22.77 18.03
CA SER A 108 24.63 21.37 18.30
C SER A 108 23.81 21.26 19.57
N PRO A 109 22.70 20.50 19.55
CA PRO A 109 21.97 20.27 20.80
C PRO A 109 22.71 19.38 21.78
N ALA A 110 23.65 18.58 21.31
CA ALA A 110 24.41 17.68 22.18
C ALA A 110 25.55 18.38 22.90
N LEU A 111 25.76 19.68 22.67
CA LEU A 111 26.79 20.42 23.37
C LEU A 111 26.30 20.99 24.70
N SER A 112 25.08 20.65 25.11
CA SER A 112 24.56 21.09 26.39
C SER A 112 24.95 20.16 27.54
N ASN A 113 25.38 18.94 27.24
CA ASN A 113 25.79 17.98 28.25
C ASN A 113 27.10 18.45 28.87
N ARG A 114 27.02 19.00 30.08
CA ARG A 114 28.19 19.60 30.71
C ARG A 114 29.18 18.56 31.24
N GLN A 115 28.81 17.28 31.27
CA GLN A 115 29.71 16.27 31.81
C GLN A 115 30.88 16.01 30.87
N ARG A 116 30.68 16.17 29.57
CA ARG A 116 31.74 15.89 28.61
C ARG A 116 32.51 17.14 28.20
N PHE A 117 31.88 18.32 28.23
CA PHE A 117 32.49 19.57 27.81
C PHE A 117 32.51 20.53 28.99
N PRO A 118 33.58 20.53 29.79
CA PRO A 118 33.59 21.35 31.01
C PRO A 118 33.89 22.83 30.80
N THR A 119 34.78 23.16 29.85
CA THR A 119 35.28 24.52 29.69
C THR A 119 34.85 25.11 28.35
N PHE A 120 33.59 24.89 27.99
CA PHE A 120 33.03 25.29 26.71
C PHE A 120 31.91 26.30 26.93
N PHE A 121 31.92 27.38 26.16
CA PHE A 121 30.90 28.40 26.21
C PHE A 121 30.53 28.79 24.79
N ARG A 122 29.29 29.23 24.59
CA ARG A 122 28.86 29.63 23.26
C ARG A 122 27.79 30.70 23.38
N THR A 123 27.66 31.49 22.31
CA THR A 123 26.64 32.52 22.22
C THR A 123 25.53 32.20 21.24
N HIS A 124 25.74 31.24 20.35
CA HIS A 124 24.69 30.84 19.43
C HIS A 124 23.62 30.04 20.18
N PRO A 125 22.34 30.29 19.90
CA PRO A 125 21.28 29.54 20.56
C PRO A 125 21.23 28.09 20.07
N SER A 126 20.52 27.27 20.83
CA SER A 126 20.37 25.87 20.49
C SER A 126 19.52 25.69 19.25
N ALA A 127 19.65 24.53 18.62
CA ALA A 127 18.93 24.23 17.39
C ALA A 127 17.60 23.54 17.66
N THR A 128 17.20 23.37 18.92
CA THR A 128 15.89 22.82 19.22
C THR A 128 14.79 23.87 19.15
N LEU A 129 15.09 25.09 18.73
CA LEU A 129 14.08 26.13 18.61
C LEU A 129 13.24 26.01 17.36
N HIS A 130 13.62 25.15 16.42
CA HIS A 130 12.83 24.95 15.21
C HIS A 130 11.67 23.99 15.42
N ASN A 131 11.77 23.11 16.41
CA ASN A 131 10.75 22.08 16.64
C ASN A 131 9.44 22.61 17.23
N PRO A 132 9.42 23.60 18.13
CA PRO A 132 8.12 24.21 18.49
C PRO A 132 7.45 24.95 17.34
N THR A 133 8.17 25.31 16.29
CA THR A 133 7.52 25.96 15.16
C THR A 133 6.88 24.95 14.22
N ARG A 134 7.67 23.97 13.77
CA ARG A 134 7.21 23.04 12.72
C ARG A 134 6.01 22.24 13.16
N VAL A 135 6.00 21.79 14.42
CA VAL A 135 4.86 21.07 14.99
C VAL A 135 3.60 21.93 14.90
N LYS A 136 3.74 23.23 15.17
CA LYS A 136 2.62 24.16 15.00
C LYS A 136 2.15 24.17 13.56
N LEU A 137 3.08 24.21 12.60
CA LEU A 137 2.71 24.19 11.20
C LEU A 137 2.18 22.83 10.76
N PHE A 138 2.32 21.79 11.58
CA PHE A 138 1.68 20.53 11.27
C PHE A 138 0.26 20.47 11.83
N GLU A 139 -0.10 21.34 12.75
CA GLU A 139 -1.42 21.32 13.33
C GLU A 139 -2.38 22.31 12.69
N LYS A 140 -1.85 23.35 12.03
CA LYS A 140 -2.72 24.29 11.34
C LYS A 140 -3.33 23.67 10.10
N TRP A 141 -2.53 22.94 9.33
CA TRP A 141 -3.01 22.31 8.11
C TRP A 141 -3.42 20.86 8.30
N GLY A 142 -3.28 20.31 9.51
CA GLY A 142 -3.88 19.03 9.83
C GLY A 142 -3.30 17.81 9.16
N TRP A 143 -2.07 17.45 9.50
CA TRP A 143 -1.43 16.25 8.99
C TRP A 143 -1.00 15.36 10.15
N LYS A 144 -0.84 14.07 9.86
CA LYS A 144 -0.48 13.11 10.91
C LYS A 144 0.60 12.12 10.52
N LYS A 145 0.97 12.00 9.25
CA LYS A 145 1.98 11.04 8.81
C LYS A 145 3.04 11.77 8.00
N ILE A 146 4.27 11.80 8.50
CA ILE A 146 5.37 12.50 7.88
C ILE A 146 6.53 11.52 7.66
N ALA A 147 7.61 12.03 7.08
CA ALA A 147 8.82 11.23 6.87
C ALA A 147 10.02 12.15 6.84
N THR A 148 11.16 11.63 7.31
CA THR A 148 12.38 12.41 7.45
C THR A 148 13.48 11.84 6.56
N ILE A 149 14.46 12.70 6.25
CA ILE A 149 15.68 12.26 5.59
C ILE A 149 16.82 13.15 6.07
N GLN A 150 17.91 12.53 6.52
CA GLN A 150 18.97 13.26 7.19
C GLN A 150 20.33 12.77 6.71
N GLN A 151 21.33 13.60 6.97
CA GLN A 151 22.73 13.24 6.76
C GLN A 151 23.33 12.87 8.11
N THR A 152 23.98 11.72 8.18
CA THR A 152 24.31 11.11 9.47
C THR A 152 25.46 11.79 10.20
N THR A 153 25.25 13.03 10.61
CA THR A 153 26.12 13.74 11.53
C THR A 153 25.30 14.06 12.78
N GLU A 154 25.98 14.12 13.94
CA GLU A 154 25.27 14.24 15.21
C GLU A 154 24.52 15.57 15.35
N VAL A 155 24.91 16.59 14.60
CA VAL A 155 24.22 17.88 14.64
C VAL A 155 22.78 17.73 14.18
N PHE A 156 22.55 16.86 13.20
CA PHE A 156 21.20 16.58 12.75
C PHE A 156 20.57 15.40 13.47
N THR A 157 21.38 14.48 13.99
CA THR A 157 20.85 13.35 14.72
C THR A 157 20.21 13.77 16.04
N SER A 158 20.85 14.67 16.78
CA SER A 158 20.28 15.15 18.03
C SER A 158 19.01 15.97 17.78
N THR A 159 18.99 16.74 16.68
CA THR A 159 17.80 17.50 16.33
C THR A 159 16.64 16.59 15.95
N LEU A 160 16.93 15.51 15.22
CA LEU A 160 15.90 14.54 14.89
C LEU A 160 15.38 13.83 16.13
N ASP A 161 16.27 13.54 17.09
CA ASP A 161 15.86 12.93 18.35
C ASP A 161 14.93 13.86 19.14
N ASP A 162 15.28 15.15 19.21
CA ASP A 162 14.43 16.10 19.91
C ASP A 162 13.08 16.28 19.21
N LEU A 163 13.07 16.26 17.88
CA LEU A 163 11.82 16.42 17.15
C LEU A 163 10.92 15.19 17.34
N GLU A 164 11.47 13.98 17.27
CA GLU A 164 10.65 12.81 17.47
C GLU A 164 10.26 12.63 18.94
N GLU A 165 10.97 13.27 19.86
CA GLU A 165 10.52 13.26 21.24
C GLU A 165 9.37 14.25 21.46
N ARG A 166 9.44 15.44 20.87
CA ARG A 166 8.43 16.45 21.10
C ARG A 166 7.23 16.35 20.16
N VAL A 167 7.28 15.48 19.15
CA VAL A 167 6.11 15.28 18.29
C VAL A 167 5.18 14.20 18.83
N LYS A 168 5.62 13.44 19.83
CA LYS A 168 4.78 12.39 20.40
C LYS A 168 3.63 12.97 21.21
N GLU A 169 3.77 14.20 21.71
CA GLU A 169 2.75 14.83 22.54
C GLU A 169 1.70 15.57 21.72
N ALA A 170 1.56 15.25 20.44
CA ALA A 170 0.55 15.88 19.61
C ALA A 170 -0.15 14.89 18.68
N GLY A 171 0.05 13.59 18.87
CA GLY A 171 -0.61 12.58 18.07
C GLY A 171 0.10 12.21 16.78
N ILE A 172 0.93 13.10 16.25
CA ILE A 172 1.63 12.82 14.99
C ILE A 172 2.70 11.76 15.23
N GLU A 173 2.91 10.90 14.24
CA GLU A 173 3.85 9.80 14.36
C GLU A 173 4.69 9.66 13.10
N ILE A 174 5.98 9.41 13.28
CA ILE A 174 6.88 9.17 12.16
C ILE A 174 6.57 7.81 11.54
N THR A 175 6.71 7.72 10.22
CA THR A 175 6.44 6.48 9.51
C THR A 175 7.65 5.90 8.80
N PHE A 176 8.47 6.75 8.17
CA PHE A 176 9.57 6.28 7.34
C PHE A 176 10.81 7.11 7.62
N ARG A 177 11.93 6.44 7.88
CA ARG A 177 13.20 7.09 8.15
C ARG A 177 14.23 6.66 7.13
N GLN A 178 15.14 7.58 6.78
CA GLN A 178 16.23 7.30 5.86
C GLN A 178 17.49 7.98 6.38
N SER A 179 18.64 7.51 5.90
CA SER A 179 19.92 8.09 6.26
C SER A 179 20.92 7.84 5.15
N PHE A 180 21.91 8.71 5.04
CA PHE A 180 22.98 8.54 4.08
C PHE A 180 24.23 9.27 4.56
N PHE A 181 25.39 8.76 4.16
CA PHE A 181 26.67 9.34 4.52
C PHE A 181 27.26 10.21 3.42
N SER A 182 27.30 9.70 2.18
CA SER A 182 27.81 10.49 1.06
C SER A 182 26.98 10.40 -0.22
N ASP A 183 26.20 9.35 -0.42
CA ASP A 183 25.45 9.17 -1.68
C ASP A 183 23.97 8.98 -1.34
N PRO A 184 23.12 9.96 -1.67
CA PRO A 184 21.70 9.88 -1.31
C PRO A 184 20.79 9.26 -2.36
N ALA A 185 21.32 8.55 -3.34
CA ALA A 185 20.48 8.03 -4.43
C ALA A 185 19.52 6.97 -3.93
N VAL A 186 20.02 6.01 -3.15
CA VAL A 186 19.22 4.91 -2.63
C VAL A 186 18.14 5.38 -1.65
N PRO A 187 18.39 6.32 -0.71
CA PRO A 187 17.26 6.82 0.10
C PRO A 187 16.19 7.54 -0.70
N VAL A 188 16.56 8.31 -1.72
CA VAL A 188 15.55 8.97 -2.55
C VAL A 188 14.76 7.95 -3.34
N LYS A 189 15.43 6.90 -3.83
CA LYS A 189 14.73 5.82 -4.53
C LYS A 189 13.74 5.11 -3.62
N ASN A 190 14.14 4.85 -2.37
CA ASN A 190 13.24 4.18 -1.44
C ASN A 190 12.09 5.10 -1.02
N LEU A 191 12.33 6.40 -0.91
CA LEU A 191 11.26 7.33 -0.57
C LEU A 191 10.25 7.44 -1.70
N LYS A 192 10.73 7.37 -2.95
CA LYS A 192 9.80 7.37 -4.08
C LYS A 192 9.01 6.06 -4.14
N ARG A 193 9.69 4.94 -3.91
CA ARG A 193 9.01 3.64 -3.99
C ARG A 193 8.04 3.44 -2.85
N GLN A 194 8.27 4.07 -1.70
CA GLN A 194 7.34 3.97 -0.58
C GLN A 194 6.25 5.03 -0.64
N ASP A 195 6.44 6.07 -1.44
CA ASP A 195 5.43 7.10 -1.72
C ASP A 195 4.99 7.84 -0.46
N ALA A 196 5.95 8.53 0.17
CA ALA A 196 5.61 9.46 1.23
C ALA A 196 5.19 10.80 0.64
N ARG A 197 4.59 11.65 1.47
CA ARG A 197 4.03 12.89 0.96
C ARG A 197 4.55 14.13 1.66
N ILE A 198 4.88 14.03 2.95
CA ILE A 198 5.42 15.13 3.73
C ILE A 198 6.85 14.77 4.11
N ILE A 199 7.82 15.54 3.64
CA ILE A 199 9.24 15.21 3.79
C ILE A 199 9.94 16.34 4.53
N VAL A 200 10.76 15.97 5.51
CA VAL A 200 11.57 16.91 6.27
C VAL A 200 13.04 16.60 6.02
N GLY A 201 13.79 17.57 5.52
CA GLY A 201 15.19 17.38 5.17
C GLY A 201 16.12 17.96 6.22
N LEU A 202 17.22 17.24 6.49
CA LEU A 202 18.23 17.68 7.45
C LEU A 202 19.62 17.35 6.90
N PHE A 203 20.22 18.31 6.20
CA PHE A 203 21.56 18.13 5.65
C PHE A 203 22.18 19.50 5.42
N TYR A 204 23.45 19.48 5.04
CA TYR A 204 24.23 20.71 4.85
C TYR A 204 23.85 21.38 3.55
N GLU A 205 24.61 22.42 3.16
CA GLU A 205 24.30 23.14 1.93
C GLU A 205 24.83 22.41 0.71
N THR A 206 26.03 21.84 0.79
CA THR A 206 26.63 21.18 -0.37
C THR A 206 25.92 19.89 -0.72
N GLU A 207 25.27 19.24 0.25
CA GLU A 207 24.49 18.04 -0.02
C GLU A 207 23.11 18.35 -0.58
N ALA A 208 22.66 19.60 -0.49
CA ALA A 208 21.34 19.94 -1.00
C ALA A 208 21.29 19.81 -2.51
N ARG A 209 22.34 20.24 -3.21
CA ARG A 209 22.36 20.10 -4.66
C ARG A 209 22.51 18.63 -5.05
N LYS A 210 23.36 17.89 -4.35
CA LYS A 210 23.57 16.48 -4.62
C LYS A 210 22.41 15.60 -4.17
N VAL A 211 21.41 16.14 -3.50
CA VAL A 211 20.17 15.41 -3.30
C VAL A 211 19.05 15.92 -4.20
N PHE A 212 19.09 17.19 -4.62
CA PHE A 212 18.01 17.68 -5.46
C PHE A 212 18.19 17.30 -6.93
N CYS A 213 19.44 17.18 -7.40
CA CYS A 213 19.68 16.66 -8.74
C CYS A 213 19.29 15.19 -8.86
N GLU A 214 19.18 14.48 -7.75
CA GLU A 214 18.72 13.10 -7.73
C GLU A 214 17.25 12.96 -7.35
N VAL A 215 16.64 14.00 -6.78
CA VAL A 215 15.19 13.97 -6.62
C VAL A 215 14.49 14.48 -7.88
N TYR A 216 15.22 15.20 -8.74
CA TYR A 216 14.61 15.63 -9.99
C TYR A 216 14.47 14.48 -10.99
N LYS A 217 15.40 13.52 -10.96
CA LYS A 217 15.41 12.42 -11.92
C LYS A 217 14.43 11.31 -11.56
N GLU A 218 13.56 11.51 -10.58
CA GLU A 218 12.56 10.50 -10.25
C GLU A 218 11.17 11.09 -10.08
N ARG A 219 10.98 12.37 -10.45
CA ARG A 219 9.68 13.04 -10.45
C ARG A 219 9.02 13.02 -9.07
N LEU A 220 9.83 13.22 -8.03
CA LEU A 220 9.32 13.28 -6.65
C LEU A 220 9.09 14.73 -6.24
N PHE A 221 8.25 15.41 -7.03
CA PHE A 221 7.87 16.79 -6.78
C PHE A 221 6.61 17.08 -7.55
N GLY A 222 6.14 18.32 -7.47
CA GLY A 222 4.97 18.71 -8.25
C GLY A 222 3.81 19.22 -7.43
N LYS A 223 2.71 18.46 -7.43
CA LYS A 223 1.46 18.94 -6.87
C LYS A 223 1.14 18.36 -5.50
N LYS A 224 1.65 17.18 -5.16
CA LYS A 224 1.23 16.47 -3.96
C LYS A 224 2.43 16.11 -3.08
N TYR A 225 3.41 17.00 -3.00
CA TYR A 225 4.59 16.77 -2.17
C TYR A 225 4.99 18.06 -1.47
N VAL A 226 5.26 17.99 -0.17
CA VAL A 226 5.65 19.15 0.62
C VAL A 226 7.02 18.87 1.23
N TRP A 227 7.91 19.84 1.12
CA TRP A 227 9.29 19.75 1.61
C TRP A 227 9.53 20.82 2.67
N PHE A 228 10.09 20.40 3.80
CA PHE A 228 10.52 21.31 4.85
C PHE A 228 12.04 21.32 4.91
N LEU A 229 12.62 22.53 4.89
CA LEU A 229 14.07 22.66 4.87
C LEU A 229 14.58 23.60 5.96
N ILE A 230 15.85 23.94 5.90
CA ILE A 230 16.46 24.84 6.87
C ILE A 230 16.59 26.21 6.23
N GLY A 231 16.91 27.22 7.04
CA GLY A 231 16.81 28.58 6.58
C GLY A 231 18.10 29.36 6.40
N TRP A 232 19.20 28.88 6.96
CA TRP A 232 20.46 29.64 6.89
C TRP A 232 21.26 29.36 5.63
N TYR A 233 20.63 28.82 4.58
CA TYR A 233 21.31 28.66 3.31
C TYR A 233 21.56 30.01 2.66
N ALA A 234 22.30 29.99 1.56
CA ALA A 234 22.49 31.21 0.78
C ALA A 234 21.20 31.59 0.07
N ASP A 235 21.18 32.81 -0.46
CA ASP A 235 19.96 33.33 -1.08
C ASP A 235 19.72 32.74 -2.46
N ASN A 236 20.76 32.29 -3.15
CA ASN A 236 20.67 31.76 -4.51
C ASN A 236 21.44 30.46 -4.63
N TRP A 237 21.19 29.53 -3.71
CA TRP A 237 21.99 28.32 -3.59
C TRP A 237 21.73 27.30 -4.68
N PHE A 238 20.83 27.54 -5.63
CA PHE A 238 20.68 26.62 -6.75
C PHE A 238 21.09 27.23 -8.09
N LYS A 239 21.27 28.54 -8.17
CA LYS A 239 21.66 29.20 -9.40
C LYS A 239 23.18 29.32 -9.56
N ILE A 240 23.95 28.47 -8.89
CA ILE A 240 25.40 28.51 -9.01
C ILE A 240 25.87 27.26 -9.73
N TYR A 241 27.09 27.35 -10.28
CA TYR A 241 27.66 26.27 -11.08
C TYR A 241 28.41 25.32 -10.15
N ASP A 242 28.04 24.04 -10.19
CA ASP A 242 28.70 23.01 -9.40
C ASP A 242 29.06 21.86 -10.33
N PRO A 243 30.34 21.55 -10.50
CA PRO A 243 30.72 20.50 -11.46
C PRO A 243 30.43 19.09 -11.00
N SER A 244 29.99 18.89 -9.75
CA SER A 244 29.76 17.56 -9.21
C SER A 244 28.35 17.06 -9.45
N ILE A 245 27.56 17.73 -10.28
CA ILE A 245 26.21 17.30 -10.60
C ILE A 245 26.02 17.40 -12.11
N ASN A 246 24.92 16.80 -12.59
CA ASN A 246 24.63 16.73 -14.01
C ASN A 246 23.41 17.53 -14.43
N CYS A 247 22.59 17.98 -13.47
CA CYS A 247 21.40 18.74 -13.80
C CYS A 247 21.78 20.15 -14.27
N THR A 248 20.82 20.80 -14.95
CA THR A 248 20.97 22.20 -15.35
C THR A 248 20.09 23.08 -14.48
N VAL A 249 20.28 24.39 -14.61
CA VAL A 249 19.67 25.34 -13.69
C VAL A 249 18.16 25.41 -13.89
N ASP A 250 17.68 25.27 -15.12
CA ASP A 250 16.25 25.23 -15.37
C ASP A 250 15.62 23.89 -15.03
N GLU A 251 16.43 22.85 -14.83
CA GLU A 251 15.95 21.58 -14.33
C GLU A 251 16.03 21.47 -12.82
N MET A 252 16.49 22.52 -12.14
CA MET A 252 16.43 22.60 -10.68
C MET A 252 15.51 23.70 -10.19
N THR A 253 15.39 24.80 -10.95
CA THR A 253 14.46 25.86 -10.59
C THR A 253 13.02 25.35 -10.58
N GLU A 254 12.69 24.44 -11.47
CA GLU A 254 11.40 23.78 -11.45
C GLU A 254 11.36 22.64 -10.43
N ALA A 255 12.50 22.24 -9.89
CA ALA A 255 12.53 21.17 -8.90
C ALA A 255 12.37 21.65 -7.47
N VAL A 256 12.83 22.87 -7.17
CA VAL A 256 12.81 23.39 -5.81
C VAL A 256 11.63 24.33 -5.57
N GLU A 257 10.66 24.37 -6.47
CA GLU A 257 9.55 25.30 -6.35
C GLU A 257 8.56 24.80 -5.31
N GLY A 258 8.31 25.61 -4.29
CA GLY A 258 7.31 25.28 -3.28
C GLY A 258 7.79 24.46 -2.10
N HIS A 259 8.79 24.96 -1.38
CA HIS A 259 9.23 24.37 -0.13
C HIS A 259 9.15 25.40 0.98
N ILE A 260 9.19 24.94 2.22
CA ILE A 260 8.99 25.80 3.38
C ILE A 260 10.27 25.87 4.19
N THR A 261 10.74 27.09 4.47
CA THR A 261 11.95 27.30 5.26
C THR A 261 11.62 28.05 6.54
N THR A 262 12.30 27.68 7.63
CA THR A 262 12.16 28.36 8.92
C THR A 262 13.54 28.75 9.41
N GLU A 263 13.68 29.96 9.94
CA GLU A 263 14.96 30.41 10.49
C GLU A 263 14.70 31.17 11.78
N ILE A 264 15.78 31.56 12.45
CA ILE A 264 15.73 32.28 13.72
C ILE A 264 16.31 33.67 13.51
N VAL A 265 15.63 34.69 14.05
CA VAL A 265 16.17 36.04 13.97
C VAL A 265 17.37 36.16 14.91
N MET A 266 18.28 37.07 14.58
CA MET A 266 19.52 37.23 15.34
C MET A 266 19.83 38.70 15.62
N LEU A 267 18.88 39.60 15.47
CA LEU A 267 19.12 41.02 15.66
C LEU A 267 17.93 41.64 16.37
N ASN A 268 18.23 42.48 17.35
CA ASN A 268 17.19 43.19 18.10
C ASN A 268 16.48 44.19 17.20
N PRO A 269 15.19 44.02 16.91
CA PRO A 269 14.53 44.92 15.95
C PRO A 269 14.16 46.28 16.52
N ALA A 270 14.34 46.51 17.82
CA ALA A 270 13.93 47.77 18.44
C ALA A 270 14.97 48.83 18.19
N ASN A 271 14.85 49.97 18.88
CA ASN A 271 15.77 51.09 18.75
C ASN A 271 16.23 51.49 20.15
N THR A 272 17.28 50.85 20.63
CA THR A 272 17.82 51.10 21.96
C THR A 272 19.25 51.63 21.83
N ARG A 273 19.92 51.76 22.98
CA ARG A 273 21.33 52.14 23.04
C ARG A 273 22.09 50.99 23.69
N SER A 274 23.08 50.46 22.99
CA SER A 274 23.80 49.27 23.43
C SER A 274 24.88 49.62 24.44
N ILE A 275 25.72 48.65 24.77
CA ILE A 275 26.86 48.86 25.66
C ILE A 275 28.01 49.56 24.96
N SER A 276 27.97 49.66 23.64
CA SER A 276 29.05 50.25 22.85
C SER A 276 28.63 51.52 22.14
N ASN A 277 27.53 52.15 22.58
CA ASN A 277 27.04 53.42 22.06
C ASN A 277 26.74 53.32 20.56
N MET A 278 25.94 52.32 20.22
CA MET A 278 25.62 52.04 18.82
C MET A 278 24.27 51.35 18.76
N THR A 279 23.45 51.74 17.79
CA THR A 279 22.09 51.23 17.66
C THR A 279 22.13 49.85 17.00
N SER A 280 20.96 49.34 16.62
CA SER A 280 20.83 47.99 16.09
C SER A 280 20.80 47.97 14.56
N GLN A 281 21.02 49.10 13.91
CA GLN A 281 21.14 49.15 12.46
C GLN A 281 22.36 49.90 11.97
N GLU A 282 22.96 50.78 12.78
CA GLU A 282 24.21 51.41 12.40
C GLU A 282 25.33 50.39 12.31
N PHE A 283 25.30 49.36 13.16
CA PHE A 283 26.25 48.26 13.04
C PHE A 283 26.12 47.55 11.71
N VAL A 284 24.89 47.31 11.27
CA VAL A 284 24.65 46.65 9.99
C VAL A 284 25.14 47.52 8.84
N GLU A 285 24.86 48.83 8.90
CA GLU A 285 25.31 49.73 7.84
C GLU A 285 26.83 49.82 7.78
N LYS A 286 27.49 49.92 8.94
CA LYS A 286 28.94 50.00 8.98
C LYS A 286 29.58 48.70 8.49
N LEU A 287 29.00 47.56 8.85
CA LEU A 287 29.53 46.28 8.38
C LEU A 287 29.38 46.13 6.88
N THR A 288 28.23 46.55 6.33
CA THR A 288 28.02 46.47 4.89
C THR A 288 28.95 47.41 4.14
N LYS A 289 29.29 48.56 4.74
CA LYS A 289 30.30 49.43 4.14
C LYS A 289 31.68 48.80 4.20
N ARG A 290 31.98 48.06 5.26
CA ARG A 290 33.31 47.49 5.42
C ARG A 290 33.58 46.36 4.44
N LEU A 291 32.55 45.66 3.99
CA LEU A 291 32.73 44.54 3.08
C LEU A 291 33.05 45.05 1.67
N LYS A 292 33.26 44.11 0.76
CA LYS A 292 33.60 44.43 -0.62
C LYS A 292 32.55 43.97 -1.63
N ARG A 293 31.95 42.80 -1.42
CA ARG A 293 30.92 42.31 -2.31
C ARG A 293 29.54 42.70 -1.78
N HIS A 294 28.50 42.24 -2.46
CA HIS A 294 27.15 42.59 -2.06
C HIS A 294 26.75 41.88 -0.78
N PRO A 295 25.95 42.52 0.08
CA PRO A 295 25.55 41.89 1.34
C PRO A 295 24.51 40.79 1.17
N GLU A 296 23.98 40.60 -0.04
CA GLU A 296 22.94 39.59 -0.24
C GLU A 296 23.53 38.19 -0.44
N GLU A 297 24.74 38.09 -0.98
CA GLU A 297 25.35 36.81 -1.29
C GLU A 297 26.56 36.49 -0.41
N THR A 298 26.95 37.38 0.49
CA THR A 298 28.03 37.08 1.41
C THR A 298 27.57 36.03 2.43
N GLY A 299 28.31 34.94 2.53
CA GLY A 299 27.88 33.84 3.39
C GLY A 299 28.05 34.17 4.85
N GLY A 300 27.08 33.73 5.65
CA GLY A 300 27.13 33.94 7.08
C GLY A 300 26.90 35.38 7.51
N PHE A 301 26.03 36.11 6.81
CA PHE A 301 25.81 37.51 7.15
C PHE A 301 24.92 37.67 8.37
N GLN A 302 24.05 36.69 8.64
CA GLN A 302 23.13 36.80 9.77
C GLN A 302 23.83 36.60 11.11
N GLU A 303 24.97 35.91 11.13
CA GLU A 303 25.68 35.58 12.36
C GLU A 303 26.82 36.55 12.65
N ALA A 304 26.69 37.80 12.24
CA ALA A 304 27.69 38.82 12.53
C ALA A 304 27.58 39.43 13.94
N PRO A 305 26.40 39.82 14.45
CA PRO A 305 26.36 40.37 15.82
C PRO A 305 26.74 39.38 16.90
N LEU A 306 26.58 38.07 16.67
CA LEU A 306 27.06 37.09 17.62
C LEU A 306 28.58 37.15 17.75
N ALA A 307 29.27 37.24 16.62
CA ALA A 307 30.72 37.40 16.66
C ALA A 307 31.12 38.77 17.20
N TYR A 308 30.27 39.78 17.04
CA TYR A 308 30.58 41.09 17.61
C TYR A 308 30.41 41.10 19.12
N ASP A 309 29.52 40.26 19.65
CA ASP A 309 29.33 40.18 21.10
C ASP A 309 30.29 39.22 21.77
N ALA A 310 30.80 38.22 21.03
CA ALA A 310 31.70 37.24 21.60
C ALA A 310 33.03 37.84 22.08
N ILE A 311 33.41 39.00 21.54
CA ILE A 311 34.59 39.70 22.02
C ILE A 311 34.28 40.56 23.23
N TRP A 312 33.14 41.25 23.20
CA TRP A 312 32.76 42.15 24.28
C TRP A 312 32.50 41.40 25.58
N ALA A 313 31.92 40.20 25.49
CA ALA A 313 31.65 39.42 26.69
C ALA A 313 32.94 39.02 27.38
N LEU A 314 33.93 38.54 26.62
CA LEU A 314 35.22 38.19 27.19
C LEU A 314 35.96 39.42 27.69
N ALA A 315 35.81 40.56 27.03
CA ALA A 315 36.44 41.78 27.50
C ALA A 315 35.90 42.19 28.86
N LEU A 316 34.58 42.14 29.03
CA LEU A 316 33.98 42.48 30.32
C LEU A 316 34.36 41.46 31.40
N ALA A 317 34.43 40.18 31.04
CA ALA A 317 34.81 39.16 32.02
C ALA A 317 36.26 39.31 32.46
N LEU A 318 37.17 39.55 31.52
CA LEU A 318 38.57 39.74 31.86
C LEU A 318 38.82 41.07 32.57
N ASN A 319 37.95 42.06 32.36
CA ASN A 319 38.05 43.26 33.19
C ASN A 319 37.54 43.01 34.60
N LYS A 320 36.52 42.16 34.74
CA LYS A 320 36.07 41.78 36.08
C LYS A 320 37.16 41.02 36.83
N THR A 321 37.89 40.15 36.13
CA THR A 321 39.04 39.50 36.76
C THR A 321 40.19 40.48 36.95
N SER A 322 40.61 41.12 35.86
CA SER A 322 41.71 42.11 35.83
C SER A 322 43.02 41.57 36.43
N ARG A 331 48.22 40.25 36.16
CA ARG A 331 48.78 38.95 36.51
C ARG A 331 48.65 37.97 35.36
N LEU A 332 48.26 38.47 34.19
CA LEU A 332 48.06 37.64 33.00
C LEU A 332 49.33 37.57 32.16
N GLU A 333 50.43 37.17 32.79
CA GLU A 333 51.71 37.08 32.10
C GLU A 333 52.45 35.78 32.40
N ASP A 334 51.90 34.91 33.25
CA ASP A 334 52.55 33.66 33.62
C ASP A 334 51.55 32.51 33.58
N PHE A 335 50.73 32.47 32.53
CA PHE A 335 49.72 31.42 32.38
C PHE A 335 50.34 30.28 31.59
N ASN A 336 50.53 29.14 32.25
CA ASN A 336 51.11 27.97 31.61
C ASN A 336 50.00 27.10 31.03
N TYR A 337 50.36 25.88 30.60
CA TYR A 337 49.41 24.94 30.04
C TYR A 337 49.12 23.77 30.95
N ASN A 338 49.50 23.85 32.23
CA ASN A 338 49.25 22.77 33.17
C ASN A 338 48.79 23.24 34.54
N ASN A 339 48.45 24.51 34.71
CA ASN A 339 47.95 25.02 35.97
C ASN A 339 46.43 25.17 35.91
N GLN A 340 45.77 24.75 36.98
CA GLN A 340 44.31 24.79 37.05
C GLN A 340 43.78 26.07 37.70
N THR A 341 44.53 26.64 38.64
CA THR A 341 44.03 27.65 39.57
C THR A 341 43.62 28.96 38.89
N ILE A 342 43.98 29.18 37.63
CA ILE A 342 43.57 30.38 36.93
C ILE A 342 42.31 30.10 36.11
N THR A 343 42.21 28.85 35.63
CA THR A 343 41.13 28.50 34.73
C THR A 343 39.78 28.48 35.44
N ASP A 344 39.73 27.93 36.66
CA ASP A 344 38.48 27.94 37.41
C ASP A 344 38.08 29.35 37.81
N GLN A 345 39.06 30.21 38.09
CA GLN A 345 38.77 31.61 38.41
C GLN A 345 38.16 32.32 37.20
N ILE A 346 38.74 32.12 36.02
CA ILE A 346 38.18 32.72 34.81
C ILE A 346 36.81 32.12 34.49
N TYR A 347 36.62 30.83 34.76
CA TYR A 347 35.33 30.19 34.52
C TYR A 347 34.24 30.77 35.44
N ARG A 348 34.57 30.99 36.72
CA ARG A 348 33.60 31.57 37.63
C ARG A 348 33.35 33.04 37.33
N ALA A 349 34.35 33.75 36.81
CA ALA A 349 34.12 35.13 36.42
C ALA A 349 33.28 35.24 35.16
N MET A 350 33.41 34.27 34.25
CA MET A 350 32.65 34.28 33.02
C MET A 350 31.22 33.79 33.23
N ASN A 351 31.03 32.87 34.19
CA ASN A 351 29.70 32.30 34.43
C ASN A 351 28.73 33.34 34.97
N SER A 352 29.22 34.33 35.70
CA SER A 352 28.36 35.32 36.37
C SER A 352 28.32 36.65 35.62
N SER A 353 28.32 36.61 34.29
CA SER A 353 28.29 37.81 33.47
C SER A 353 26.97 37.90 32.71
N SER A 354 26.42 39.11 32.62
CA SER A 354 25.21 39.36 31.87
C SER A 354 25.09 40.85 31.57
N PHE A 355 24.79 41.18 30.32
CA PHE A 355 24.63 42.56 29.91
C PHE A 355 23.76 42.59 28.65
N GLU A 356 23.65 43.76 28.04
CA GLU A 356 22.94 43.95 26.78
C GLU A 356 23.93 44.36 25.71
N GLY A 357 23.82 43.73 24.54
CA GLY A 357 24.69 44.02 23.42
C GLY A 357 23.94 44.35 22.15
N VAL A 358 24.23 43.64 21.08
CA VAL A 358 23.57 43.84 19.80
C VAL A 358 22.47 42.81 19.57
N SER A 359 22.71 41.56 19.98
CA SER A 359 21.70 40.53 19.87
C SER A 359 20.71 40.54 21.03
N GLY A 360 20.94 41.37 22.05
CA GLY A 360 20.04 41.43 23.18
C GLY A 360 20.73 41.20 24.51
N HIS A 361 20.03 40.55 25.44
CA HIS A 361 20.58 40.23 26.75
C HIS A 361 21.34 38.91 26.65
N VAL A 362 22.55 38.88 27.20
CA VAL A 362 23.37 37.67 27.19
C VAL A 362 23.26 37.03 28.57
N VAL A 363 22.53 35.92 28.64
CA VAL A 363 22.39 35.20 29.91
C VAL A 363 23.57 34.26 30.13
N PHE A 364 24.03 33.61 29.06
CA PHE A 364 25.31 32.90 28.91
C PHE A 364 25.39 31.57 29.65
N ASP A 365 24.39 31.18 30.45
CA ASP A 365 24.42 29.85 31.06
C ASP A 365 22.99 29.35 31.20
N ALA A 366 22.57 28.54 30.23
CA ALA A 366 21.27 27.89 30.25
C ALA A 366 21.37 26.69 29.32
N SER A 367 20.21 26.14 28.93
CA SER A 367 20.13 25.14 27.88
C SER A 367 19.89 25.77 26.52
N GLY A 368 20.38 26.98 26.31
CA GLY A 368 20.05 27.75 25.12
C GLY A 368 18.78 28.54 25.32
N SER A 369 18.18 28.93 24.19
CA SER A 369 16.87 29.59 24.12
C SER A 369 16.86 30.90 24.92
N ARG A 370 17.68 31.85 24.48
CA ARG A 370 17.59 33.21 24.97
C ARG A 370 16.94 34.15 23.97
N MET A 371 16.82 33.75 22.71
CA MET A 371 15.98 34.43 21.74
C MET A 371 14.56 33.88 21.83
N ALA A 372 13.63 34.57 21.18
CA ALA A 372 12.23 34.18 21.24
C ALA A 372 11.63 33.84 19.88
N TRP A 373 11.77 34.73 18.90
CA TRP A 373 10.96 34.65 17.69
C TRP A 373 11.63 33.79 16.62
N THR A 374 10.84 33.45 15.60
CA THR A 374 11.33 32.76 14.41
C THR A 374 10.88 33.49 13.15
N LEU A 375 11.06 32.87 11.98
CA LEU A 375 10.66 33.49 10.72
C LEU A 375 10.42 32.39 9.70
N ILE A 376 9.31 32.49 8.96
CA ILE A 376 8.89 31.47 8.02
C ILE A 376 8.86 32.06 6.61
N GLU A 377 9.40 31.32 5.65
CA GLU A 377 9.54 31.80 4.29
C GLU A 377 9.19 30.69 3.29
N GLN A 378 8.83 31.13 2.08
CA GLN A 378 8.49 30.22 0.99
C GLN A 378 9.18 30.71 -0.27
N LEU A 379 9.36 29.81 -1.22
CA LEU A 379 9.98 30.10 -2.51
C LEU A 379 8.91 30.18 -3.59
N GLN A 380 8.81 31.33 -4.25
CA GLN A 380 7.86 31.56 -5.32
C GLN A 380 8.60 32.18 -6.49
N GLY A 381 8.55 31.51 -7.65
CA GLY A 381 9.12 32.03 -8.89
C GLY A 381 10.59 32.33 -8.84
N GLY A 382 11.34 31.62 -8.00
CA GLY A 382 12.74 31.94 -7.83
C GLY A 382 13.01 33.13 -6.93
N SER A 383 12.12 33.40 -5.98
CA SER A 383 12.36 34.46 -5.01
C SER A 383 11.74 34.06 -3.67
N TYR A 384 12.36 34.53 -2.59
CA TYR A 384 11.90 34.23 -1.24
C TYR A 384 10.88 35.25 -0.77
N LYS A 385 9.84 34.77 -0.07
CA LYS A 385 8.83 35.64 0.50
C LYS A 385 8.52 35.21 1.92
N LYS A 386 8.41 36.19 2.82
CA LYS A 386 8.20 35.95 4.24
C LYS A 386 6.71 35.82 4.52
N ILE A 387 6.28 34.66 4.99
CA ILE A 387 4.86 34.44 5.24
C ILE A 387 4.43 35.11 6.54
N GLY A 388 5.01 34.68 7.66
CA GLY A 388 4.61 35.19 8.95
C GLY A 388 5.49 34.76 10.11
N TYR A 389 5.58 35.59 11.15
CA TYR A 389 6.45 35.34 12.28
C TYR A 389 5.80 34.35 13.24
N TYR A 390 6.42 34.14 14.39
CA TYR A 390 5.93 33.22 15.41
C TYR A 390 6.62 33.54 16.73
N ASP A 391 5.92 33.27 17.83
CA ASP A 391 6.48 33.40 19.16
C ASP A 391 6.28 32.09 19.91
N SER A 392 7.23 31.75 20.78
CA SER A 392 7.24 30.44 21.41
C SER A 392 6.44 30.39 22.71
N THR A 393 6.46 31.46 23.51
CA THR A 393 5.85 31.41 24.83
C THR A 393 4.34 31.57 24.75
N LYS A 394 3.87 32.72 24.27
CA LYS A 394 2.45 33.05 24.26
C LYS A 394 1.72 32.50 23.04
N ASP A 395 2.39 31.67 22.24
CA ASP A 395 1.81 31.00 21.06
C ASP A 395 1.25 32.01 20.06
N ASP A 396 1.92 33.14 19.90
CA ASP A 396 1.51 34.14 18.93
C ASP A 396 1.95 33.72 17.54
N LEU A 397 1.09 33.96 16.54
CA LEU A 397 1.37 33.56 15.16
C LEU A 397 0.75 34.60 14.25
N SER A 398 1.56 35.59 13.85
CA SER A 398 1.06 36.73 13.08
C SER A 398 1.10 36.40 11.59
N TRP A 399 0.06 35.68 11.15
CA TRP A 399 -0.06 35.28 9.75
C TRP A 399 -0.36 36.49 8.87
N SER A 400 -0.03 36.35 7.58
CA SER A 400 -0.25 37.44 6.64
C SER A 400 -0.90 37.04 5.32
N LYS A 401 -1.13 35.75 5.07
CA LYS A 401 -1.84 35.24 3.90
C LYS A 401 -1.17 35.66 2.60
N THR A 402 0.05 35.18 2.41
CA THR A 402 0.84 35.44 1.21
C THR A 402 1.47 34.13 0.73
N ASP A 403 0.68 33.08 0.67
CA ASP A 403 1.15 31.78 0.22
C ASP A 403 0.26 31.27 -0.90
N LYS A 404 0.87 30.91 -2.03
CA LYS A 404 0.14 30.50 -3.23
C LYS A 404 0.43 29.02 -3.49
N TRP A 405 -0.53 28.18 -3.17
CA TRP A 405 -0.45 26.76 -3.48
C TRP A 405 -1.01 26.52 -4.89
N ILE A 406 -1.14 25.26 -5.27
CA ILE A 406 -1.79 24.90 -6.53
C ILE A 406 -3.26 24.65 -6.25
N GLY A 407 -4.13 25.43 -6.89
CA GLY A 407 -5.54 25.30 -6.66
C GLY A 407 -6.05 26.01 -5.42
N GLY A 408 -5.27 26.93 -4.86
CA GLY A 408 -5.71 27.70 -3.71
C GLY A 408 -5.88 26.91 -2.44
N SER A 409 -5.25 25.74 -2.33
CA SER A 409 -5.42 24.90 -1.15
C SER A 409 -4.22 23.99 -1.02
N PRO A 410 -3.71 23.77 0.18
CA PRO A 410 -2.55 22.89 0.34
C PRO A 410 -2.94 21.44 0.16
N PRO A 411 -1.99 20.57 -0.20
CA PRO A 411 -2.30 19.15 -0.35
C PRO A 411 -2.48 18.45 1.00
N ALA A 412 -2.69 17.13 0.96
CA ALA A 412 -2.86 16.35 2.17
C ALA A 412 -2.41 14.94 1.89
N ASP A 413 -2.66 14.03 2.83
CA ASP A 413 -2.32 12.63 2.68
C ASP A 413 -3.41 11.93 1.89
N GLN A 414 -3.34 10.60 1.79
CA GLN A 414 -4.35 9.86 1.06
C GLN A 414 -5.59 9.67 1.92
N THR A 415 -6.76 9.74 1.27
CA THR A 415 -8.04 9.68 1.98
C THR A 415 -8.98 8.75 1.21
N LEU A 416 -10.24 8.73 1.63
CA LEU A 416 -11.22 7.80 1.10
C LEU A 416 -12.62 8.35 1.36
N VAL A 417 -13.43 8.43 0.31
CA VAL A 417 -14.78 8.97 0.43
C VAL A 417 -15.80 7.85 0.38
N ILE A 418 -16.97 8.12 0.95
CA ILE A 418 -18.06 7.17 1.10
C ILE A 418 -19.23 7.67 0.25
N LYS A 419 -19.77 6.80 -0.60
CA LYS A 419 -20.82 7.20 -1.54
C LYS A 419 -21.95 6.19 -1.53
N THR A 420 -23.15 6.65 -1.21
CA THR A 420 -24.35 5.83 -1.31
C THR A 420 -24.86 5.81 -2.74
N PHE A 421 -25.54 4.73 -3.11
CA PHE A 421 -26.11 4.62 -4.43
C PHE A 421 -27.47 5.29 -4.52
N ARG A 422 -27.82 5.65 -5.75
CA ARG A 422 -29.15 6.12 -6.12
C ARG A 422 -29.47 5.42 -7.43
N PHE A 423 -30.50 5.89 -8.14
CA PHE A 423 -30.80 5.34 -9.45
C PHE A 423 -31.35 6.47 -10.31
N LEU A 424 -32.00 6.12 -11.42
CA LEU A 424 -32.52 7.13 -12.33
C LEU A 424 -33.73 7.81 -11.68
N SER A 425 -33.47 8.83 -10.87
CA SER A 425 -34.50 9.46 -10.06
C SER A 425 -35.48 10.29 -10.88
N GLN A 426 -35.23 10.46 -12.18
CA GLN A 426 -36.16 11.16 -13.05
C GLN A 426 -36.73 10.23 -14.11
N LYS A 427 -35.88 9.59 -14.92
CA LYS A 427 -36.34 8.94 -16.14
C LYS A 427 -37.11 7.66 -15.84
N LEU A 428 -36.57 6.81 -14.97
CA LEU A 428 -37.23 5.56 -14.64
C LEU A 428 -38.34 5.73 -13.61
N PHE A 429 -38.34 6.83 -12.87
CA PHE A 429 -39.29 7.02 -11.77
C PHE A 429 -40.52 7.83 -12.17
N ILE A 430 -40.34 8.92 -12.91
CA ILE A 430 -41.48 9.75 -13.28
C ILE A 430 -42.38 9.02 -14.29
N SER A 431 -41.79 8.14 -15.12
CA SER A 431 -42.60 7.35 -16.03
C SER A 431 -43.52 6.39 -15.29
N VAL A 432 -42.98 5.74 -14.25
CA VAL A 432 -43.81 4.87 -13.41
C VAL A 432 -44.88 5.68 -12.69
N SER A 433 -44.53 6.90 -12.24
CA SER A 433 -45.50 7.73 -11.54
C SER A 433 -46.64 8.15 -12.45
N VAL A 434 -46.34 8.56 -13.69
CA VAL A 434 -47.41 8.99 -14.57
C VAL A 434 -48.23 7.80 -15.05
N LEU A 435 -47.60 6.62 -15.20
CA LEU A 435 -48.36 5.44 -15.57
C LEU A 435 -49.28 4.98 -14.45
N SER A 436 -48.90 5.21 -13.19
CA SER A 436 -49.80 4.91 -12.09
C SER A 436 -50.93 5.92 -12.00
N SER A 437 -50.62 7.20 -12.24
CA SER A 437 -51.65 8.23 -12.16
C SER A 437 -52.65 8.13 -13.29
N LEU A 438 -52.25 7.54 -14.42
CA LEU A 438 -53.18 7.36 -15.51
C LEU A 438 -54.25 6.33 -15.17
N GLY A 439 -53.96 5.39 -14.27
CA GLY A 439 -54.88 4.31 -13.99
C GLY A 439 -55.62 4.42 -12.67
N ILE A 440 -55.03 5.13 -11.70
CA ILE A 440 -55.66 5.23 -10.38
C ILE A 440 -56.97 6.00 -10.45
N VAL A 441 -57.12 6.91 -11.43
CA VAL A 441 -58.38 7.64 -11.57
C VAL A 441 -59.38 6.86 -12.42
N LEU A 442 -58.90 6.06 -13.37
CA LEU A 442 -59.80 5.22 -14.13
C LEU A 442 -60.43 4.15 -13.25
N ALA A 443 -59.68 3.65 -12.26
CA ALA A 443 -60.23 2.69 -11.30
C ALA A 443 -61.41 3.30 -10.54
N VAL A 444 -61.25 4.53 -10.04
CA VAL A 444 -62.32 5.10 -9.23
C VAL A 444 -63.47 5.59 -10.11
N VAL A 445 -63.23 5.95 -11.37
CA VAL A 445 -64.39 6.35 -12.17
C VAL A 445 -65.17 5.12 -12.62
N CYS A 446 -64.51 3.98 -12.81
CA CYS A 446 -65.25 2.75 -13.05
C CYS A 446 -65.99 2.29 -11.80
N LEU A 447 -65.42 2.54 -10.62
CA LEU A 447 -66.12 2.28 -9.38
C LEU A 447 -67.38 3.13 -9.25
N SER A 448 -67.28 4.42 -9.61
CA SER A 448 -68.44 5.29 -9.60
C SER A 448 -69.50 4.84 -10.60
N PHE A 449 -69.06 4.42 -11.79
CA PHE A 449 -69.98 3.87 -12.79
C PHE A 449 -70.68 2.62 -12.28
N ASN A 450 -69.98 1.78 -11.51
CA ASN A 450 -70.64 0.65 -10.86
C ASN A 450 -71.65 1.13 -9.82
N ILE A 451 -71.36 2.25 -9.15
CA ILE A 451 -72.25 2.71 -8.09
C ILE A 451 -73.55 3.29 -8.66
N TYR A 452 -73.45 4.35 -9.47
CA TYR A 452 -74.65 5.14 -9.75
C TYR A 452 -75.49 4.61 -10.91
N ASN A 453 -74.98 3.68 -11.71
CA ASN A 453 -75.73 3.20 -12.87
C ASN A 453 -76.82 2.23 -12.42
N SER A 454 -78.00 2.36 -13.04
CA SER A 454 -79.14 1.51 -12.72
C SER A 454 -78.88 0.10 -13.24
N HIS A 455 -78.48 -0.79 -12.34
CA HIS A 455 -78.13 -2.15 -12.75
C HIS A 455 -79.38 -2.95 -13.06
N VAL A 456 -79.38 -3.60 -14.23
CA VAL A 456 -80.48 -4.48 -14.63
C VAL A 456 -79.91 -5.86 -14.88
N ARG A 457 -78.97 -5.96 -15.83
CA ARG A 457 -78.29 -7.22 -16.07
C ARG A 457 -77.35 -7.57 -14.92
N TYR A 458 -76.74 -6.56 -14.30
CA TYR A 458 -75.92 -6.80 -13.11
C TYR A 458 -76.78 -7.16 -11.92
N ILE A 459 -77.99 -6.61 -11.84
CA ILE A 459 -78.94 -7.02 -10.81
C ILE A 459 -79.37 -8.46 -11.03
N GLN A 460 -79.53 -8.85 -12.30
CA GLN A 460 -79.74 -10.25 -12.61
C GLN A 460 -78.49 -11.07 -12.30
N ASN A 461 -77.32 -10.46 -12.42
CA ASN A 461 -76.06 -11.10 -12.08
C ASN A 461 -75.86 -11.06 -10.57
N SER A 462 -74.64 -11.37 -10.12
CA SER A 462 -74.33 -11.32 -8.70
C SER A 462 -74.33 -9.88 -8.18
N GLN A 463 -74.38 -9.76 -6.86
CA GLN A 463 -74.44 -8.44 -6.24
C GLN A 463 -73.11 -7.71 -6.43
N PRO A 464 -73.13 -6.45 -6.86
CA PRO A 464 -71.89 -5.78 -7.26
C PRO A 464 -71.02 -5.30 -6.11
N ASN A 465 -71.39 -5.56 -4.85
CA ASN A 465 -70.58 -5.12 -3.72
C ASN A 465 -69.24 -5.85 -3.69
N LEU A 466 -69.25 -7.16 -3.99
CA LEU A 466 -68.00 -7.90 -4.08
C LEU A 466 -67.17 -7.49 -5.29
N ASN A 467 -67.76 -6.79 -6.25
CA ASN A 467 -67.01 -6.17 -7.34
C ASN A 467 -66.46 -4.80 -6.96
N ASN A 468 -67.19 -4.03 -6.14
CA ASN A 468 -66.60 -2.81 -5.59
C ASN A 468 -65.42 -3.13 -4.71
N LEU A 469 -65.48 -4.26 -3.99
CA LEU A 469 -64.33 -4.73 -3.23
C LEU A 469 -63.12 -4.97 -4.15
N THR A 470 -63.34 -5.64 -5.28
CA THR A 470 -62.26 -5.93 -6.22
C THR A 470 -61.68 -4.63 -6.81
N ALA A 471 -62.56 -3.68 -7.13
CA ALA A 471 -62.11 -2.42 -7.71
C ALA A 471 -61.28 -1.61 -6.72
N VAL A 472 -61.75 -1.52 -5.47
CA VAL A 472 -61.00 -0.82 -4.45
C VAL A 472 -59.68 -1.52 -4.18
N GLY A 473 -59.68 -2.86 -4.27
CA GLY A 473 -58.46 -3.60 -4.02
C GLY A 473 -57.41 -3.38 -5.09
N CYS A 474 -57.81 -3.38 -6.36
CA CYS A 474 -56.82 -3.15 -7.41
C CYS A 474 -56.38 -1.69 -7.45
N SER A 475 -57.26 -0.75 -7.07
CA SER A 475 -56.83 0.65 -6.99
C SER A 475 -55.81 0.86 -5.88
N LEU A 476 -56.07 0.27 -4.71
CA LEU A 476 -55.14 0.41 -3.59
C LEU A 476 -53.86 -0.38 -3.83
N ALA A 477 -53.91 -1.43 -4.65
CA ALA A 477 -52.69 -2.12 -5.03
C ALA A 477 -51.89 -1.29 -6.03
N LEU A 478 -52.57 -0.63 -6.96
CA LEU A 478 -51.88 0.21 -7.93
C LEU A 478 -51.23 1.41 -7.26
N ALA A 479 -51.88 1.97 -6.25
CA ALA A 479 -51.33 3.13 -5.57
C ALA A 479 -50.29 2.73 -4.53
N ALA A 480 -49.27 1.98 -4.94
CA ALA A 480 -48.22 1.56 -4.01
C ALA A 480 -46.83 1.69 -4.62
N VAL A 481 -46.68 2.43 -5.71
CA VAL A 481 -45.36 2.62 -6.31
C VAL A 481 -44.61 3.78 -5.69
N PHE A 482 -45.33 4.76 -5.15
CA PHE A 482 -44.68 5.92 -4.55
C PHE A 482 -43.89 5.60 -3.28
N PRO A 483 -44.33 4.75 -2.35
CA PRO A 483 -43.42 4.34 -1.26
C PRO A 483 -42.27 3.45 -1.72
N LEU A 484 -42.29 2.94 -2.95
CA LEU A 484 -41.25 1.99 -3.35
C LEU A 484 -40.07 2.68 -4.02
N GLY A 485 -40.29 3.82 -4.67
CA GLY A 485 -39.23 4.48 -5.39
C GLY A 485 -38.42 5.47 -4.57
N LEU A 486 -38.98 5.91 -3.45
CA LEU A 486 -38.28 6.86 -2.60
C LEU A 486 -37.17 6.18 -1.82
N ASP A 487 -36.11 6.91 -1.56
CA ASP A 487 -34.92 6.40 -0.89
C ASP A 487 -34.28 7.54 -0.10
N GLY A 488 -33.00 7.38 0.24
CA GLY A 488 -32.25 8.43 0.91
C GLY A 488 -32.05 9.69 0.09
N TYR A 489 -32.44 9.69 -1.19
CA TYR A 489 -32.44 10.91 -1.98
C TYR A 489 -33.37 11.96 -1.39
N HIS A 490 -34.52 11.54 -0.87
CA HIS A 490 -35.53 12.47 -0.36
C HIS A 490 -35.83 12.27 1.11
N ILE A 491 -36.18 11.04 1.53
CA ILE A 491 -36.82 10.85 2.82
C ILE A 491 -35.97 9.95 3.71
N GLY A 492 -35.14 9.11 3.11
CA GLY A 492 -34.49 8.03 3.85
C GLY A 492 -33.41 8.43 4.83
N ARG A 493 -33.75 9.28 5.80
CA ARG A 493 -32.84 9.66 6.87
C ARG A 493 -33.33 9.21 8.23
N ASN A 494 -34.54 9.61 8.62
CA ASN A 494 -35.09 9.29 9.94
C ASN A 494 -36.39 8.50 9.86
N GLN A 495 -37.33 8.93 9.02
CA GLN A 495 -38.62 8.27 8.90
C GLN A 495 -38.62 7.14 7.88
N PHE A 496 -37.46 6.55 7.62
CA PHE A 496 -37.37 5.33 6.84
C PHE A 496 -38.26 4.18 7.33
N PRO A 497 -38.42 3.91 8.65
CA PRO A 497 -39.36 2.85 9.04
C PRO A 497 -40.79 3.13 8.66
N PHE A 498 -41.23 4.39 8.61
CA PHE A 498 -42.58 4.65 8.15
C PHE A 498 -42.70 4.49 6.63
N VAL A 499 -41.61 4.68 5.89
CA VAL A 499 -41.63 4.36 4.46
C VAL A 499 -41.78 2.86 4.25
N CYS A 500 -41.02 2.06 5.01
CA CYS A 500 -41.21 0.61 4.97
C CYS A 500 -42.60 0.21 5.43
N GLN A 501 -43.17 0.96 6.38
CA GLN A 501 -44.53 0.67 6.84
C GLN A 501 -45.55 0.92 5.74
N ALA A 502 -45.40 2.04 5.01
CA ALA A 502 -46.28 2.32 3.89
C ALA A 502 -46.19 1.23 2.83
N ARG A 503 -44.95 0.83 2.50
CA ARG A 503 -44.74 -0.25 1.54
C ARG A 503 -45.44 -1.54 1.97
N LEU A 504 -45.18 -1.98 3.21
CA LEU A 504 -45.67 -3.29 3.63
C LEU A 504 -47.18 -3.27 3.83
N TRP A 505 -47.74 -2.17 4.33
CA TRP A 505 -49.18 -2.11 4.54
C TRP A 505 -49.92 -2.07 3.21
N LEU A 506 -49.43 -1.28 2.26
CA LEU A 506 -50.07 -1.23 0.94
C LEU A 506 -49.97 -2.57 0.22
N LEU A 507 -48.80 -3.22 0.31
CA LEU A 507 -48.62 -4.52 -0.34
C LEU A 507 -49.51 -5.59 0.29
N GLY A 508 -49.59 -5.61 1.63
CA GLY A 508 -50.40 -6.60 2.29
C GLY A 508 -51.89 -6.41 2.08
N LEU A 509 -52.32 -5.16 1.87
CA LEU A 509 -53.76 -4.95 1.67
C LEU A 509 -54.15 -5.21 0.22
N GLY A 510 -53.56 -4.44 -0.71
CA GLY A 510 -54.10 -4.30 -2.06
C GLY A 510 -54.14 -5.57 -2.87
N PHE A 511 -53.28 -6.54 -2.57
CA PHE A 511 -53.35 -7.83 -3.25
C PHE A 511 -54.42 -8.70 -2.62
N SER A 512 -54.46 -8.74 -1.29
CA SER A 512 -55.31 -9.69 -0.58
C SER A 512 -56.78 -9.38 -0.79
N LEU A 513 -57.14 -8.10 -0.78
CA LEU A 513 -58.56 -7.73 -0.88
C LEU A 513 -59.14 -8.18 -2.22
N GLY A 514 -58.49 -7.77 -3.32
CA GLY A 514 -59.00 -8.13 -4.64
C GLY A 514 -58.91 -9.62 -4.93
N TYR A 515 -57.81 -10.26 -4.50
CA TYR A 515 -57.67 -11.69 -4.77
C TYR A 515 -58.71 -12.50 -4.02
N GLY A 516 -59.01 -12.13 -2.77
CA GLY A 516 -60.09 -12.80 -2.06
C GLY A 516 -61.44 -12.54 -2.69
N SER A 517 -61.69 -11.30 -3.12
CA SER A 517 -62.99 -10.97 -3.69
C SER A 517 -63.22 -11.69 -5.03
N MET A 518 -62.16 -12.12 -5.71
CA MET A 518 -62.36 -13.00 -6.86
C MET A 518 -62.45 -14.47 -6.45
N PHE A 519 -61.62 -14.88 -5.48
CA PHE A 519 -61.49 -16.29 -5.15
C PHE A 519 -62.75 -16.84 -4.52
N THR A 520 -63.48 -16.03 -3.74
CA THR A 520 -64.71 -16.54 -3.14
C THR A 520 -65.80 -16.75 -4.18
N LYS A 521 -65.87 -15.86 -5.19
CA LYS A 521 -66.80 -16.07 -6.29
C LYS A 521 -66.49 -17.34 -7.05
N ILE A 522 -65.20 -17.60 -7.32
CA ILE A 522 -64.88 -18.82 -8.06
C ILE A 522 -65.11 -20.05 -7.19
N TRP A 523 -64.94 -19.93 -5.86
CA TRP A 523 -65.23 -21.03 -4.94
C TRP A 523 -66.71 -21.38 -4.97
N TRP A 524 -67.57 -20.38 -4.88
CA TRP A 524 -69.01 -20.65 -4.89
C TRP A 524 -69.46 -21.19 -6.25
N VAL A 525 -68.99 -20.60 -7.35
CA VAL A 525 -69.42 -21.04 -8.67
C VAL A 525 -68.91 -22.43 -8.99
N HIS A 526 -67.85 -22.90 -8.31
CA HIS A 526 -67.55 -24.32 -8.38
C HIS A 526 -68.50 -25.14 -7.52
N THR A 527 -68.64 -24.77 -6.24
CA THR A 527 -69.23 -25.71 -5.28
C THR A 527 -70.75 -25.80 -5.36
N VAL A 528 -71.42 -24.89 -6.06
CA VAL A 528 -72.89 -24.96 -6.08
C VAL A 528 -73.39 -26.06 -7.00
N PHE A 529 -72.72 -26.29 -8.14
CA PHE A 529 -73.40 -26.91 -9.28
C PHE A 529 -73.66 -28.40 -9.08
N THR A 530 -72.60 -29.21 -8.98
CA THR A 530 -72.76 -30.67 -9.01
C THR A 530 -72.16 -31.31 -7.75
N LYS A 531 -72.91 -31.22 -6.64
CA LYS A 531 -72.62 -31.85 -5.36
C LYS A 531 -73.92 -32.00 -4.58
N LYS A 532 -74.19 -33.20 -4.07
CA LYS A 532 -75.45 -33.45 -3.36
C LYS A 532 -75.23 -34.15 -2.02
N GLU A 533 -74.07 -33.92 -1.39
CA GLU A 533 -73.76 -34.61 -0.14
C GLU A 533 -74.19 -33.79 1.07
N GLU A 534 -73.57 -32.62 1.27
CA GLU A 534 -73.92 -31.76 2.40
C GLU A 534 -73.53 -30.33 2.04
N LYS A 535 -74.49 -29.54 1.60
CA LYS A 535 -74.24 -28.14 1.29
C LYS A 535 -75.31 -27.19 1.80
N LYS A 536 -76.52 -27.64 2.08
CA LYS A 536 -77.66 -26.78 2.39
C LYS A 536 -77.42 -25.92 3.64
N GLU A 537 -77.25 -24.61 3.43
CA GLU A 537 -76.87 -23.63 4.45
C GLU A 537 -75.59 -24.05 5.16
N TRP A 538 -74.52 -24.21 4.38
CA TRP A 538 -73.22 -24.61 4.90
C TRP A 538 -72.22 -23.49 4.67
N ARG A 539 -71.32 -23.33 5.65
CA ARG A 539 -70.12 -22.49 5.63
C ARG A 539 -70.47 -21.00 5.71
N LYS A 540 -71.76 -20.67 5.55
CA LYS A 540 -72.26 -19.30 5.51
C LYS A 540 -73.78 -19.30 5.36
N THR A 541 -74.37 -18.12 5.29
CA THR A 541 -75.80 -17.99 5.01
C THR A 541 -75.93 -17.67 3.50
N LEU A 542 -77.15 -17.38 3.04
CA LEU A 542 -77.35 -17.08 1.61
C LEU A 542 -76.94 -15.65 1.29
N GLU A 543 -77.26 -14.71 2.19
CA GLU A 543 -77.00 -13.27 2.11
C GLU A 543 -75.59 -12.94 1.67
N PRO A 544 -75.37 -11.78 0.97
CA PRO A 544 -74.01 -11.37 0.57
C PRO A 544 -72.99 -11.31 1.70
N TRP A 545 -73.46 -11.30 2.94
CA TRP A 545 -72.65 -11.57 4.13
C TRP A 545 -71.89 -12.89 4.04
N LYS A 546 -72.36 -13.86 3.23
CA LYS A 546 -71.59 -15.08 2.99
C LYS A 546 -70.22 -14.77 2.41
N LEU A 547 -70.22 -14.19 1.21
CA LEU A 547 -68.98 -13.81 0.55
C LEU A 547 -68.22 -12.79 1.38
N TYR A 548 -68.95 -11.88 2.03
CA TYR A 548 -68.30 -10.87 2.86
C TYR A 548 -67.56 -11.50 4.03
N ALA A 549 -68.13 -12.54 4.64
CA ALA A 549 -67.53 -13.15 5.81
C ALA A 549 -66.34 -14.01 5.44
N THR A 550 -66.42 -14.72 4.32
CA THR A 550 -65.26 -15.52 3.92
C THR A 550 -64.13 -14.64 3.39
N VAL A 551 -64.47 -13.51 2.73
CA VAL A 551 -63.45 -12.51 2.40
C VAL A 551 -62.83 -11.95 3.67
N GLY A 552 -63.66 -11.69 4.68
CA GLY A 552 -63.14 -11.14 5.93
C GLY A 552 -62.22 -12.10 6.65
N LEU A 553 -62.54 -13.38 6.64
CA LEU A 553 -61.65 -14.39 7.22
C LEU A 553 -60.33 -14.45 6.47
N LEU A 554 -60.39 -14.48 5.14
CA LEU A 554 -59.17 -14.57 4.33
C LEU A 554 -58.28 -13.34 4.52
N VAL A 555 -58.88 -12.15 4.59
CA VAL A 555 -58.05 -10.95 4.76
C VAL A 555 -57.58 -10.82 6.20
N GLY A 556 -58.38 -11.31 7.15
CA GLY A 556 -57.99 -11.22 8.54
C GLY A 556 -56.80 -12.09 8.85
N MET A 557 -56.70 -13.23 8.15
CA MET A 557 -55.48 -14.04 8.18
C MET A 557 -54.26 -13.19 7.81
N ASP A 558 -54.37 -12.42 6.72
CA ASP A 558 -53.29 -11.56 6.25
C ASP A 558 -52.98 -10.46 7.26
N VAL A 559 -54.02 -9.95 7.94
CA VAL A 559 -53.80 -8.96 9.00
C VAL A 559 -53.00 -9.57 10.14
N LEU A 560 -53.31 -10.80 10.53
CA LEU A 560 -52.52 -11.47 11.57
C LEU A 560 -51.09 -11.68 11.11
N THR A 561 -50.89 -12.07 9.85
CA THR A 561 -49.52 -12.29 9.35
C THR A 561 -48.73 -10.99 9.35
N LEU A 562 -49.35 -9.87 8.97
CA LEU A 562 -48.58 -8.62 9.00
C LEU A 562 -48.32 -8.16 10.43
N ALA A 563 -49.31 -8.29 11.32
CA ALA A 563 -49.18 -7.77 12.67
C ALA A 563 -48.27 -8.61 13.56
N ILE A 564 -48.02 -9.87 13.22
CA ILE A 564 -47.09 -10.65 14.05
C ILE A 564 -45.66 -10.17 13.87
N TRP A 565 -45.13 -10.24 12.65
CA TRP A 565 -43.76 -9.82 12.44
C TRP A 565 -43.65 -8.36 12.01
N GLN A 566 -44.69 -7.56 12.23
CA GLN A 566 -44.52 -6.12 12.27
C GLN A 566 -44.32 -5.59 13.68
N ILE A 567 -44.72 -6.37 14.68
CA ILE A 567 -44.52 -5.98 16.08
C ILE A 567 -43.48 -6.86 16.77
N VAL A 568 -43.09 -7.98 16.18
CA VAL A 568 -42.05 -8.84 16.75
C VAL A 568 -40.69 -8.60 16.09
N ASP A 569 -40.66 -8.41 14.76
CA ASP A 569 -39.41 -8.26 14.03
C ASP A 569 -39.62 -7.30 12.87
N PRO A 570 -39.57 -5.99 13.14
CA PRO A 570 -39.81 -5.00 12.08
C PRO A 570 -38.59 -4.84 11.20
N LEU A 571 -38.73 -4.00 10.17
CA LEU A 571 -37.68 -3.73 9.20
C LEU A 571 -37.22 -2.29 9.37
N HIS A 572 -35.99 -2.09 9.85
CA HIS A 572 -35.52 -0.73 10.09
C HIS A 572 -34.68 -0.18 8.94
N ARG A 573 -33.51 -0.76 8.68
CA ARG A 573 -32.53 -0.21 7.74
C ARG A 573 -31.38 -1.20 7.59
N THR A 574 -30.73 -1.26 6.43
CA THR A 574 -29.58 -2.13 6.23
C THR A 574 -28.71 -1.58 5.12
N ILE A 575 -27.43 -1.36 5.41
CA ILE A 575 -26.45 -0.90 4.43
C ILE A 575 -25.63 -2.10 3.96
N GLU A 576 -25.36 -2.16 2.65
CA GLU A 576 -24.49 -3.17 2.08
C GLU A 576 -23.36 -2.50 1.33
N THR A 577 -22.14 -2.95 1.58
CA THR A 577 -20.93 -2.36 1.01
C THR A 577 -20.15 -3.41 0.24
N PHE A 578 -19.86 -3.12 -1.02
CA PHE A 578 -19.03 -4.01 -1.84
C PHE A 578 -17.87 -3.23 -2.45
N ALA A 579 -17.21 -3.81 -3.45
CA ALA A 579 -15.89 -3.42 -3.92
C ALA A 579 -15.82 -1.95 -4.33
N LYS A 580 -14.59 -1.45 -4.40
CA LYS A 580 -14.31 -0.01 -4.40
C LYS A 580 -13.20 0.27 -5.41
N GLU A 581 -12.56 1.43 -5.25
CA GLU A 581 -11.48 1.92 -6.11
C GLU A 581 -11.96 2.13 -7.55
N GLU A 582 -12.85 3.11 -7.66
CA GLU A 582 -13.11 3.74 -8.94
C GLU A 582 -11.98 4.71 -9.27
N PRO A 583 -11.72 4.98 -10.56
CA PRO A 583 -10.63 5.90 -10.91
C PRO A 583 -10.81 7.32 -10.42
N LYS A 584 -12.05 7.75 -10.17
CA LYS A 584 -12.39 9.01 -9.50
C LYS A 584 -11.92 10.26 -10.26
N GLU A 585 -11.67 10.12 -11.56
CA GLU A 585 -11.40 11.24 -12.48
C GLU A 585 -10.18 12.06 -12.05
N ASP A 586 -9.02 11.37 -12.02
CA ASP A 586 -7.68 11.88 -11.70
C ASP A 586 -7.62 12.84 -10.50
N ILE A 587 -8.43 12.56 -9.47
CA ILE A 587 -8.35 13.27 -8.20
C ILE A 587 -7.82 12.30 -7.16
N ASP A 588 -6.94 12.78 -6.28
CA ASP A 588 -6.28 11.93 -5.29
C ASP A 588 -7.29 11.56 -4.21
N VAL A 589 -8.16 10.61 -4.55
CA VAL A 589 -9.23 10.18 -3.65
C VAL A 589 -9.66 8.79 -4.11
N SER A 590 -10.25 8.02 -3.19
CA SER A 590 -10.70 6.66 -3.47
C SER A 590 -12.15 6.53 -3.05
N ILE A 591 -12.99 6.10 -3.99
CA ILE A 591 -14.43 6.03 -3.79
C ILE A 591 -14.78 4.68 -3.18
N LEU A 592 -15.69 4.69 -2.21
CA LEU A 592 -16.23 3.46 -1.64
C LEU A 592 -17.74 3.45 -1.81
N PRO A 593 -18.28 2.63 -2.71
CA PRO A 593 -19.73 2.59 -2.93
C PRO A 593 -20.46 1.66 -1.98
N GLN A 594 -21.64 2.11 -1.55
CA GLN A 594 -22.53 1.27 -0.77
C GLN A 594 -23.96 1.51 -1.25
N LEU A 595 -24.88 0.67 -0.76
CA LEU A 595 -26.29 0.77 -1.13
C LEU A 595 -27.12 0.36 0.07
N GLU A 596 -28.12 1.17 0.41
CA GLU A 596 -28.95 0.91 1.57
C GLU A 596 -30.34 0.48 1.13
N HIS A 597 -30.94 -0.43 1.89
CA HIS A 597 -32.30 -0.86 1.65
C HIS A 597 -32.90 -1.36 2.95
N CYS A 598 -34.22 -1.47 2.95
CA CYS A 598 -34.99 -1.76 4.14
C CYS A 598 -35.13 -3.27 4.30
N SER A 599 -34.57 -3.82 5.39
CA SER A 599 -34.68 -5.24 5.67
C SER A 599 -34.49 -5.49 7.15
N SER A 600 -35.08 -6.57 7.64
CA SER A 600 -34.92 -7.00 9.01
C SER A 600 -33.62 -7.79 9.15
N ARG A 601 -33.44 -8.44 10.29
CA ARG A 601 -32.33 -9.36 10.46
C ARG A 601 -32.58 -10.67 9.72
N LYS A 602 -33.84 -11.06 9.56
CA LYS A 602 -34.21 -12.30 8.89
C LYS A 602 -35.35 -12.02 7.92
N MET A 603 -35.14 -12.36 6.65
CA MET A 603 -36.13 -12.17 5.60
C MET A 603 -36.39 -13.43 4.79
N ASN A 604 -35.37 -14.25 4.56
CA ASN A 604 -35.46 -15.43 3.70
C ASN A 604 -36.27 -16.56 4.30
N THR A 605 -36.73 -16.41 5.54
CA THR A 605 -37.67 -17.36 6.15
C THR A 605 -39.11 -16.86 6.05
N TRP A 606 -39.36 -15.63 6.51
CA TRP A 606 -40.71 -15.08 6.51
C TRP A 606 -41.24 -14.87 5.09
N LEU A 607 -40.41 -14.28 4.23
CA LEU A 607 -40.83 -14.07 2.84
C LEU A 607 -41.08 -15.40 2.14
N GLY A 608 -40.24 -16.40 2.42
CA GLY A 608 -40.42 -17.70 1.81
C GLY A 608 -41.71 -18.38 2.24
N ILE A 609 -42.00 -18.37 3.55
CA ILE A 609 -43.18 -19.08 4.02
C ILE A 609 -44.46 -18.35 3.60
N PHE A 610 -44.42 -17.01 3.55
CA PHE A 610 -45.60 -16.28 3.12
C PHE A 610 -45.83 -16.45 1.62
N TYR A 611 -44.76 -16.46 0.83
CA TYR A 611 -44.91 -16.66 -0.61
C TYR A 611 -45.39 -18.07 -0.93
N GLY A 612 -44.93 -19.06 -0.17
CA GLY A 612 -45.43 -20.41 -0.40
C GLY A 612 -46.88 -20.59 0.00
N TYR A 613 -47.26 -20.00 1.14
CA TYR A 613 -48.65 -20.06 1.59
C TYR A 613 -49.58 -19.36 0.60
N LYS A 614 -49.11 -18.29 -0.03
CA LYS A 614 -49.93 -17.63 -1.03
C LYS A 614 -49.91 -18.38 -2.36
N GLY A 615 -48.80 -19.02 -2.70
CA GLY A 615 -48.72 -19.70 -3.98
C GLY A 615 -49.52 -20.97 -4.05
N LEU A 616 -49.61 -21.71 -2.93
CA LEU A 616 -50.49 -22.88 -2.90
C LEU A 616 -51.95 -22.47 -3.11
N LEU A 617 -52.35 -21.34 -2.51
CA LEU A 617 -53.72 -20.86 -2.68
C LEU A 617 -53.94 -20.35 -4.10
N LEU A 618 -52.91 -19.76 -4.71
CA LEU A 618 -53.02 -19.29 -6.09
C LEU A 618 -53.19 -20.46 -7.06
N LEU A 619 -52.42 -21.53 -6.85
CA LEU A 619 -52.56 -22.70 -7.71
C LEU A 619 -53.90 -23.39 -7.50
N LEU A 620 -54.39 -23.43 -6.26
CA LEU A 620 -55.73 -23.94 -6.01
C LEU A 620 -56.78 -23.10 -6.71
N GLY A 621 -56.59 -21.78 -6.71
CA GLY A 621 -57.54 -20.90 -7.39
C GLY A 621 -57.56 -21.10 -8.89
N ILE A 622 -56.39 -21.27 -9.50
CA ILE A 622 -56.39 -21.47 -10.95
C ILE A 622 -56.92 -22.87 -11.31
N PHE A 623 -56.73 -23.86 -10.43
CA PHE A 623 -57.32 -25.18 -10.69
C PHE A 623 -58.84 -25.12 -10.62
N LEU A 624 -59.37 -24.48 -9.57
CA LEU A 624 -60.82 -24.29 -9.45
C LEU A 624 -61.38 -23.42 -10.57
N ALA A 625 -60.58 -22.51 -11.13
CA ALA A 625 -61.05 -21.70 -12.23
C ALA A 625 -61.04 -22.47 -13.55
N TYR A 626 -60.09 -23.39 -13.73
CA TYR A 626 -60.06 -24.15 -14.97
C TYR A 626 -61.10 -25.26 -15.00
N GLU A 627 -61.37 -25.93 -13.87
CA GLU A 627 -62.24 -27.10 -13.91
C GLU A 627 -63.70 -26.78 -14.24
N THR A 628 -64.09 -25.51 -14.22
CA THR A 628 -65.36 -25.08 -14.79
C THR A 628 -65.10 -23.98 -15.82
N LYS A 629 -65.57 -24.19 -17.04
CA LYS A 629 -65.30 -23.26 -18.14
C LYS A 629 -66.54 -22.64 -18.74
N SER A 630 -67.49 -23.46 -19.19
CA SER A 630 -68.55 -22.99 -20.08
C SER A 630 -69.92 -23.49 -19.61
N VAL A 631 -70.20 -23.34 -18.32
CA VAL A 631 -71.52 -23.59 -17.77
C VAL A 631 -71.98 -22.34 -17.03
N SER A 632 -73.21 -21.91 -17.31
CA SER A 632 -73.70 -20.66 -16.76
C SER A 632 -75.22 -20.70 -16.65
N THR A 633 -75.73 -20.17 -15.54
CA THR A 633 -77.17 -20.06 -15.31
C THR A 633 -77.39 -18.91 -14.34
N GLU A 634 -78.29 -17.98 -14.72
CA GLU A 634 -78.72 -16.82 -13.94
C GLU A 634 -77.63 -15.75 -13.83
N LYS A 635 -76.42 -16.04 -14.32
CA LYS A 635 -75.30 -15.12 -14.26
C LYS A 635 -74.99 -14.63 -15.68
N ILE A 636 -74.58 -13.37 -15.78
CA ILE A 636 -74.38 -12.78 -17.10
C ILE A 636 -72.98 -13.07 -17.62
N ASN A 637 -71.96 -12.51 -16.98
CA ASN A 637 -70.61 -12.67 -17.50
C ASN A 637 -69.55 -12.78 -16.40
N ASP A 638 -69.92 -13.26 -15.21
CA ASP A 638 -69.02 -13.11 -14.07
C ASP A 638 -67.90 -14.15 -14.07
N HIS A 639 -68.24 -15.44 -14.11
CA HIS A 639 -67.24 -16.45 -13.78
C HIS A 639 -66.19 -16.61 -14.87
N ARG A 640 -66.56 -16.43 -16.14
CA ARG A 640 -65.56 -16.47 -17.22
C ARG A 640 -64.58 -15.32 -17.09
N ALA A 641 -65.09 -14.12 -16.81
CA ALA A 641 -64.23 -12.95 -16.68
C ALA A 641 -63.30 -13.07 -15.49
N VAL A 642 -63.82 -13.53 -14.34
CA VAL A 642 -62.95 -13.63 -13.17
C VAL A 642 -61.96 -14.77 -13.36
N GLY A 643 -62.31 -15.81 -14.12
CA GLY A 643 -61.35 -16.85 -14.42
C GLY A 643 -60.20 -16.38 -15.28
N MET A 644 -60.51 -15.61 -16.33
CA MET A 644 -59.45 -15.05 -17.17
C MET A 644 -58.56 -14.10 -16.37
N ALA A 645 -59.17 -13.25 -15.55
CA ALA A 645 -58.40 -12.30 -14.75
C ALA A 645 -57.53 -13.02 -13.72
N ILE A 646 -58.05 -14.08 -13.10
CA ILE A 646 -57.26 -14.73 -12.06
C ILE A 646 -56.15 -15.55 -12.70
N TYR A 647 -56.35 -16.04 -13.93
CA TYR A 647 -55.27 -16.71 -14.64
C TYR A 647 -54.14 -15.74 -14.96
N ASN A 648 -54.50 -14.56 -15.47
CA ASN A 648 -53.48 -13.56 -15.80
C ASN A 648 -52.70 -13.13 -14.56
N VAL A 649 -53.41 -12.80 -13.49
CA VAL A 649 -52.77 -12.35 -12.25
C VAL A 649 -51.90 -13.46 -11.67
N ALA A 650 -52.38 -14.70 -11.74
CA ALA A 650 -51.64 -15.84 -11.20
C ALA A 650 -50.32 -16.03 -11.94
N VAL A 651 -50.36 -16.06 -13.27
CA VAL A 651 -49.13 -16.34 -14.01
C VAL A 651 -48.15 -15.17 -13.88
N LEU A 652 -48.66 -13.93 -13.85
CA LEU A 652 -47.76 -12.79 -13.74
C LEU A 652 -47.09 -12.74 -12.37
N CYS A 653 -47.85 -13.00 -11.30
CA CYS A 653 -47.26 -12.99 -9.97
C CYS A 653 -46.27 -14.13 -9.79
N LEU A 654 -46.63 -15.33 -10.26
CA LEU A 654 -45.75 -16.49 -10.09
C LEU A 654 -44.45 -16.34 -10.88
N ILE A 655 -44.48 -15.60 -11.99
CA ILE A 655 -43.22 -15.39 -12.72
C ILE A 655 -42.42 -14.24 -12.11
N THR A 656 -43.09 -13.16 -11.69
CA THR A 656 -42.36 -11.96 -11.30
C THR A 656 -41.80 -12.06 -9.88
N ALA A 657 -42.57 -12.62 -8.94
CA ALA A 657 -42.19 -12.52 -7.52
C ALA A 657 -40.87 -13.20 -7.16
N PRO A 658 -40.54 -14.42 -7.60
CA PRO A 658 -39.23 -14.97 -7.22
C PRO A 658 -38.04 -14.34 -7.94
N VAL A 659 -38.26 -13.38 -8.85
CA VAL A 659 -37.15 -12.75 -9.54
C VAL A 659 -36.58 -11.60 -8.71
N THR A 660 -37.44 -10.76 -8.15
CA THR A 660 -37.00 -9.58 -7.41
C THR A 660 -36.28 -9.91 -6.12
N MET A 661 -36.39 -11.14 -5.62
CA MET A 661 -35.60 -11.56 -4.46
C MET A 661 -34.16 -11.86 -4.83
N ILE A 662 -33.91 -12.29 -6.07
CA ILE A 662 -32.57 -12.68 -6.48
C ILE A 662 -31.72 -11.46 -6.79
N LEU A 663 -32.25 -10.55 -7.60
CA LEU A 663 -31.50 -9.36 -8.01
C LEU A 663 -31.44 -8.36 -6.85
N SER A 664 -30.23 -8.10 -6.37
CA SER A 664 -30.01 -7.09 -5.35
C SER A 664 -29.60 -5.75 -5.91
N SER A 665 -29.05 -5.71 -7.13
CA SER A 665 -28.71 -4.46 -7.80
C SER A 665 -30.01 -3.83 -8.28
N GLN A 666 -30.61 -3.02 -7.41
CA GLN A 666 -31.95 -2.47 -7.65
C GLN A 666 -31.92 -1.10 -8.30
N GLN A 667 -30.93 -0.83 -9.14
CA GLN A 667 -30.90 0.44 -9.86
C GLN A 667 -31.99 0.49 -10.92
N ASP A 668 -32.10 -0.56 -11.72
CA ASP A 668 -33.12 -0.57 -12.76
C ASP A 668 -33.79 -1.93 -12.94
N ALA A 669 -33.52 -2.91 -12.09
CA ALA A 669 -34.11 -4.24 -12.24
C ALA A 669 -35.25 -4.48 -11.26
N ALA A 670 -34.97 -4.38 -9.96
CA ALA A 670 -35.94 -4.78 -8.95
C ALA A 670 -37.10 -3.80 -8.87
N PHE A 671 -36.86 -2.53 -9.20
CA PHE A 671 -37.96 -1.58 -9.28
C PHE A 671 -38.80 -1.81 -10.53
N ALA A 672 -38.14 -2.02 -11.66
CA ALA A 672 -38.84 -2.10 -12.94
C ALA A 672 -39.71 -3.34 -13.02
N PHE A 673 -39.22 -4.49 -12.53
CA PHE A 673 -40.00 -5.72 -12.59
C PHE A 673 -41.29 -5.60 -11.79
N ALA A 674 -41.17 -5.14 -10.55
CA ALA A 674 -42.34 -5.00 -9.69
C ALA A 674 -43.32 -3.97 -10.23
N SER A 675 -42.81 -2.85 -10.74
CA SER A 675 -43.71 -1.80 -11.25
C SER A 675 -44.45 -2.26 -12.50
N LEU A 676 -43.74 -2.91 -13.43
CA LEU A 676 -44.39 -3.40 -14.64
C LEU A 676 -45.43 -4.47 -14.31
N ALA A 677 -45.10 -5.37 -13.36
CA ALA A 677 -46.04 -6.42 -12.99
C ALA A 677 -47.31 -5.83 -12.37
N ILE A 678 -47.15 -4.87 -11.46
CA ILE A 678 -48.30 -4.28 -10.78
C ILE A 678 -49.18 -3.54 -11.78
N VAL A 679 -48.57 -2.71 -12.62
CA VAL A 679 -49.34 -1.88 -13.55
C VAL A 679 -50.05 -2.74 -14.59
N PHE A 680 -49.36 -3.75 -15.14
CA PHE A 680 -49.98 -4.60 -16.15
C PHE A 680 -51.11 -5.44 -15.57
N SER A 681 -50.90 -6.02 -14.37
CA SER A 681 -51.95 -6.81 -13.75
C SER A 681 -53.18 -5.96 -13.45
N SER A 682 -52.97 -4.74 -12.93
CA SER A 682 -54.10 -3.87 -12.61
C SER A 682 -54.87 -3.47 -13.87
N TYR A 683 -54.14 -3.10 -14.93
CA TYR A 683 -54.78 -2.70 -16.19
C TYR A 683 -55.61 -3.83 -16.77
N ILE A 684 -55.02 -5.03 -16.88
CA ILE A 684 -55.71 -6.15 -17.53
C ILE A 684 -56.91 -6.57 -16.70
N THR A 685 -56.74 -6.63 -15.37
CA THR A 685 -57.84 -7.00 -14.49
C THR A 685 -59.01 -6.03 -14.62
N LEU A 686 -58.72 -4.72 -14.60
CA LEU A 686 -59.78 -3.72 -14.68
C LEU A 686 -60.52 -3.81 -16.02
N VAL A 687 -59.77 -3.83 -17.13
CA VAL A 687 -60.43 -3.75 -18.43
C VAL A 687 -61.18 -5.04 -18.74
N VAL A 688 -60.63 -6.21 -18.36
CA VAL A 688 -61.30 -7.46 -18.65
C VAL A 688 -62.52 -7.64 -17.75
N LEU A 689 -62.44 -7.18 -16.51
CA LEU A 689 -63.57 -7.37 -15.61
C LEU A 689 -64.71 -6.41 -15.93
N PHE A 690 -64.41 -5.19 -16.38
CA PHE A 690 -65.47 -4.20 -16.50
C PHE A 690 -65.55 -3.56 -17.89
N VAL A 691 -65.16 -4.26 -18.94
CA VAL A 691 -65.64 -3.90 -20.27
C VAL A 691 -67.06 -4.40 -20.57
N PRO A 692 -67.51 -5.63 -20.21
CA PRO A 692 -68.82 -6.06 -20.72
C PRO A 692 -69.99 -5.39 -20.02
N LYS A 693 -69.80 -4.85 -18.82
CA LYS A 693 -70.86 -4.08 -18.19
C LYS A 693 -71.18 -2.83 -19.00
N MET A 694 -70.14 -2.10 -19.41
CA MET A 694 -70.33 -0.96 -20.29
C MET A 694 -70.84 -1.38 -21.66
N ARG A 695 -70.42 -2.55 -22.14
CA ARG A 695 -70.90 -3.06 -23.43
C ARG A 695 -72.41 -3.30 -23.39
N ARG A 696 -72.88 -4.07 -22.42
CA ARG A 696 -74.31 -4.36 -22.29
C ARG A 696 -75.12 -3.19 -21.79
N LEU A 697 -74.48 -2.15 -21.22
CA LEU A 697 -75.19 -0.95 -20.86
C LEU A 697 -75.38 -0.01 -22.05
N ILE A 698 -74.36 0.12 -22.90
CA ILE A 698 -74.53 0.90 -24.12
C ILE A 698 -75.35 0.15 -25.16
N THR A 699 -75.42 -1.17 -25.06
CA THR A 699 -76.22 -1.96 -25.99
C THR A 699 -77.67 -2.04 -25.53
N SER B 13 73.75 -1.39 11.86
CA SER B 13 72.85 -0.90 10.83
C SER B 13 71.91 0.17 11.38
N PRO B 14 71.66 1.22 10.61
CA PRO B 14 70.74 2.27 11.04
C PRO B 14 69.31 1.77 11.07
N PRO B 15 68.55 2.12 12.11
CA PRO B 15 67.20 1.58 12.26
C PRO B 15 66.16 2.44 11.57
N LEU B 16 64.98 1.85 11.41
CA LEU B 16 63.80 2.57 10.94
C LEU B 16 62.61 2.12 11.78
N SER B 17 61.85 3.09 12.27
CA SER B 17 60.86 2.84 13.31
C SER B 17 59.46 3.18 12.84
N ILE B 18 58.48 2.42 13.34
CA ILE B 18 57.07 2.60 13.00
C ILE B 18 56.27 2.77 14.29
N MET B 19 55.25 3.61 14.21
CA MET B 19 54.45 3.98 15.37
C MET B 19 53.32 2.98 15.60
N GLY B 20 52.96 2.79 16.85
CA GLY B 20 51.84 1.92 17.19
C GLY B 20 51.05 2.39 18.38
N LEU B 21 49.72 2.32 18.28
CA LEU B 21 48.82 2.82 19.32
C LEU B 21 47.80 1.74 19.64
N MET B 22 47.70 1.38 20.92
CA MET B 22 46.77 0.37 21.39
C MET B 22 46.62 0.52 22.89
N PRO B 23 45.50 0.08 23.46
CA PRO B 23 45.34 0.14 24.92
C PRO B 23 46.26 -0.84 25.62
N LEU B 24 46.76 -0.43 26.77
CA LEU B 24 47.70 -1.25 27.52
C LEU B 24 47.28 -1.51 28.96
N THR B 25 46.67 -0.54 29.63
CA THR B 25 46.39 -0.66 31.05
C THR B 25 45.21 -1.58 31.30
N LYS B 26 44.87 -1.74 32.59
CA LYS B 26 43.76 -2.58 32.99
C LYS B 26 42.54 -1.81 33.47
N GLU B 27 42.66 -0.48 33.64
CA GLU B 27 41.56 0.35 34.09
C GLU B 27 40.55 0.65 33.00
N VAL B 28 40.78 0.19 31.77
CA VAL B 28 39.88 0.42 30.66
C VAL B 28 39.15 -0.87 30.32
N ALA B 29 38.15 -0.75 29.46
CA ALA B 29 37.33 -1.90 29.08
C ALA B 29 37.90 -2.69 27.92
N LYS B 30 38.80 -2.11 27.13
CA LYS B 30 39.36 -2.76 25.96
C LYS B 30 40.87 -2.81 26.02
N GLY B 31 41.43 -3.08 27.20
CA GLY B 31 42.86 -3.20 27.33
C GLY B 31 43.35 -4.59 27.04
N SER B 32 42.57 -5.59 27.46
CA SER B 32 42.95 -7.00 27.29
C SER B 32 43.14 -7.36 25.84
N ILE B 33 42.37 -6.73 24.94
CA ILE B 33 42.54 -6.92 23.49
C ILE B 33 43.99 -6.65 23.09
N GLY B 34 44.53 -5.53 23.57
CA GLY B 34 45.95 -5.27 23.35
C GLY B 34 46.82 -6.34 23.98
N ARG B 35 46.52 -6.71 25.22
CA ARG B 35 47.24 -7.79 25.88
C ARG B 35 46.94 -9.15 25.26
N GLY B 36 45.96 -9.23 24.37
CA GLY B 36 45.73 -10.47 23.63
C GLY B 36 46.59 -10.57 22.39
N VAL B 37 47.06 -9.43 21.87
CA VAL B 37 47.79 -9.42 20.61
C VAL B 37 49.25 -9.04 20.77
N LEU B 38 49.66 -8.60 21.94
CA LEU B 38 51.05 -8.21 22.16
C LEU B 38 52.04 -9.37 22.13
N PRO B 39 51.74 -10.58 22.65
CA PRO B 39 52.71 -11.68 22.45
C PRO B 39 52.86 -12.11 21.01
N ALA B 40 51.76 -12.11 20.23
CA ALA B 40 51.80 -12.63 18.86
C ALA B 40 52.75 -11.83 17.99
N VAL B 41 52.60 -10.50 17.99
CA VAL B 41 53.55 -9.63 17.30
C VAL B 41 54.95 -9.79 17.89
N GLU B 42 55.03 -10.09 19.19
CA GLU B 42 56.32 -10.34 19.84
C GLU B 42 57.03 -11.56 19.26
N LEU B 43 56.29 -12.47 18.64
CA LEU B 43 56.93 -13.54 17.90
C LEU B 43 57.44 -13.06 16.54
N ALA B 44 56.60 -12.28 15.84
CA ALA B 44 56.82 -12.03 14.41
C ALA B 44 58.10 -11.24 14.17
N ILE B 45 58.39 -10.27 15.04
CA ILE B 45 59.62 -9.48 14.95
C ILE B 45 60.84 -10.39 15.01
N GLU B 46 60.80 -11.39 15.92
CA GLU B 46 61.89 -12.34 16.01
C GLU B 46 62.05 -13.13 14.72
N GLN B 47 60.92 -13.45 14.07
CA GLN B 47 60.97 -14.15 12.80
C GLN B 47 61.66 -13.32 11.72
N ILE B 48 61.62 -11.99 11.85
CA ILE B 48 62.40 -11.16 10.95
C ILE B 48 63.84 -11.09 11.43
N ARG B 49 64.04 -10.96 12.74
CA ARG B 49 65.36 -10.62 13.27
C ARG B 49 66.37 -11.74 13.11
N ASN B 50 65.92 -12.97 12.87
CA ASN B 50 66.83 -14.06 12.62
C ASN B 50 67.21 -14.21 11.16
N GLU B 51 66.49 -13.55 10.26
CA GLU B 51 66.82 -13.61 8.83
C GLU B 51 67.20 -12.28 8.24
N SER B 52 66.59 -11.17 8.71
CA SER B 52 66.94 -9.80 8.34
C SER B 52 66.82 -9.58 6.83
N LEU B 53 65.59 -9.68 6.34
CA LEU B 53 65.30 -9.39 4.95
C LEU B 53 65.67 -7.96 4.60
N LEU B 54 65.46 -7.03 5.54
CA LEU B 54 65.95 -5.66 5.41
C LEU B 54 67.39 -5.65 5.92
N ARG B 55 68.29 -6.11 5.05
CA ARG B 55 69.66 -6.41 5.47
C ARG B 55 70.49 -5.20 5.89
N PRO B 56 70.54 -4.07 5.19
CA PRO B 56 71.32 -2.94 5.70
C PRO B 56 70.60 -2.09 6.74
N TYR B 57 69.44 -2.50 7.22
CA TYR B 57 68.68 -1.70 8.18
C TYR B 57 68.18 -2.62 9.29
N PHE B 58 67.30 -2.08 10.14
CA PHE B 58 66.78 -2.81 11.29
C PHE B 58 65.42 -2.24 11.66
N LEU B 59 64.45 -3.13 11.85
CA LEU B 59 63.08 -2.72 12.13
C LEU B 59 62.92 -2.36 13.61
N ASP B 60 62.17 -1.30 13.87
CA ASP B 60 61.88 -0.85 15.23
C ASP B 60 60.42 -0.48 15.36
N LEU B 61 59.82 -0.84 16.49
CA LEU B 61 58.40 -0.59 16.74
C LEU B 61 58.26 0.19 18.05
N ARG B 62 57.59 1.34 17.97
CA ARG B 62 57.31 2.15 19.15
C ARG B 62 55.86 1.96 19.55
N LEU B 63 55.60 1.88 20.86
CA LEU B 63 54.28 1.61 21.40
C LEU B 63 53.81 2.77 22.25
N TYR B 64 52.53 3.11 22.14
CA TYR B 64 51.97 4.19 22.94
C TYR B 64 50.63 3.78 23.53
N ASP B 65 49.89 4.73 24.10
CA ASP B 65 48.67 4.42 24.83
C ASP B 65 47.52 5.32 24.39
N THR B 66 46.35 4.73 24.25
CA THR B 66 45.13 5.46 23.88
C THR B 66 44.05 5.39 24.95
N GLU B 67 43.84 4.22 25.56
CA GLU B 67 42.87 3.98 26.63
C GLU B 67 41.43 4.26 26.20
N CYS B 68 41.16 4.22 24.90
CA CYS B 68 39.84 4.52 24.31
C CYS B 68 39.32 5.88 24.77
N ASP B 69 40.19 6.88 24.70
CA ASP B 69 39.84 8.24 25.07
C ASP B 69 40.27 9.19 23.96
N ASN B 70 39.39 10.13 23.61
CA ASN B 70 39.72 11.10 22.58
C ASN B 70 40.83 12.03 23.04
N ALA B 71 40.71 12.55 24.26
CA ALA B 71 41.69 13.50 24.78
C ALA B 71 43.05 12.83 24.98
N LYS B 72 43.05 11.67 25.65
CA LYS B 72 44.31 10.97 25.88
C LYS B 72 44.92 10.48 24.57
N GLY B 73 44.08 10.05 23.63
CA GLY B 73 44.61 9.60 22.35
C GLY B 73 45.26 10.72 21.56
N LEU B 74 44.59 11.88 21.48
CA LEU B 74 45.17 13.00 20.77
C LEU B 74 46.40 13.55 21.47
N LYS B 75 46.41 13.53 22.81
CA LYS B 75 47.58 13.98 23.56
C LYS B 75 48.78 13.06 23.31
N ALA B 76 48.54 11.74 23.30
CA ALA B 76 49.62 10.80 23.04
C ALA B 76 50.13 10.91 21.61
N PHE B 77 49.21 11.16 20.65
CA PHE B 77 49.61 11.32 19.26
C PHE B 77 50.46 12.57 19.08
N TYR B 78 50.05 13.68 19.69
CA TYR B 78 50.82 14.92 19.58
C TYR B 78 52.16 14.80 20.29
N ASP B 79 52.21 14.13 21.43
CA ASP B 79 53.48 13.97 22.14
C ASP B 79 54.42 13.04 21.39
N ALA B 80 53.88 12.00 20.74
CA ALA B 80 54.73 11.12 19.94
C ALA B 80 55.24 11.82 18.69
N ILE B 81 54.46 12.75 18.13
CA ILE B 81 54.96 13.53 17.00
C ILE B 81 56.05 14.50 17.46
N LYS B 82 55.83 15.17 18.59
CA LYS B 82 56.75 16.24 19.02
C LYS B 82 58.05 15.68 19.57
N TYR B 83 57.97 14.66 20.42
CA TYR B 83 59.15 14.13 21.13
C TYR B 83 59.47 12.71 20.70
N GLY B 84 59.42 12.44 19.40
CA GLY B 84 59.73 11.13 18.89
C GLY B 84 60.69 11.18 17.73
N PRO B 85 61.31 10.04 17.40
CA PRO B 85 62.19 9.99 16.23
C PRO B 85 61.41 10.02 14.92
N ASN B 86 62.12 9.93 13.80
CA ASN B 86 61.47 9.95 12.50
C ASN B 86 60.68 8.65 12.29
N HIS B 87 59.38 8.79 12.12
CA HIS B 87 58.50 7.65 11.90
C HIS B 87 58.15 7.52 10.43
N LEU B 88 57.78 6.30 10.04
CA LEU B 88 57.47 5.99 8.64
C LEU B 88 56.00 5.65 8.43
N MET B 89 55.46 4.71 9.19
CA MET B 89 54.05 4.35 9.10
C MET B 89 53.48 4.24 10.50
N VAL B 90 52.15 4.20 10.57
CA VAL B 90 51.45 4.00 11.83
C VAL B 90 50.62 2.72 11.71
N PHE B 91 50.70 1.88 12.74
CA PHE B 91 50.13 0.53 12.71
C PHE B 91 49.36 0.31 14.00
N GLY B 92 48.05 0.12 13.89
CA GLY B 92 47.23 -0.18 15.04
C GLY B 92 45.96 0.65 15.01
N GLY B 93 45.39 0.84 16.20
CA GLY B 93 44.14 1.55 16.34
C GLY B 93 42.95 0.61 16.41
N VAL B 94 42.39 0.44 17.61
CA VAL B 94 41.32 -0.52 17.81
C VAL B 94 40.02 0.12 18.29
N CYS B 95 40.05 1.34 18.80
CA CYS B 95 38.84 1.95 19.32
C CYS B 95 38.12 2.68 18.20
N PRO B 96 36.81 2.53 18.04
CA PRO B 96 36.13 2.98 16.82
C PRO B 96 35.92 4.48 16.71
N SER B 97 36.52 5.29 17.58
CA SER B 97 36.42 6.74 17.46
C SER B 97 37.78 7.40 17.26
N VAL B 98 38.76 7.04 18.09
CA VAL B 98 40.09 7.62 17.97
C VAL B 98 40.76 7.15 16.68
N THR B 99 40.39 5.97 16.18
CA THR B 99 40.92 5.49 14.91
C THR B 99 40.46 6.39 13.76
N SER B 100 39.17 6.75 13.73
CA SER B 100 38.67 7.62 12.69
C SER B 100 39.22 9.03 12.83
N ILE B 101 39.37 9.50 14.07
CA ILE B 101 39.93 10.83 14.31
C ILE B 101 41.37 10.91 13.82
N ILE B 102 42.14 9.85 14.02
CA ILE B 102 43.51 9.82 13.52
C ILE B 102 43.52 9.70 12.00
N ALA B 103 42.69 8.81 11.44
CA ALA B 103 42.74 8.51 10.01
C ALA B 103 42.24 9.65 9.14
N GLU B 104 41.38 10.53 9.67
CA GLU B 104 40.86 11.60 8.83
C GLU B 104 41.88 12.72 8.57
N SER B 105 43.03 12.72 9.23
CA SER B 105 44.00 13.80 9.13
C SER B 105 45.40 13.25 8.90
N LEU B 106 45.54 12.31 7.96
CA LEU B 106 46.83 11.73 7.65
C LEU B 106 47.53 12.39 6.47
N GLN B 107 46.80 13.11 5.62
CA GLN B 107 47.42 13.75 4.47
C GLN B 107 48.28 14.93 4.86
N GLY B 108 48.08 15.50 6.06
CA GLY B 108 48.87 16.64 6.48
C GLY B 108 50.30 16.30 6.85
N TRP B 109 50.59 15.02 7.11
CA TRP B 109 51.93 14.59 7.47
C TRP B 109 52.50 13.54 6.54
N ASN B 110 51.72 13.08 5.55
CA ASN B 110 52.12 12.07 4.57
C ASN B 110 52.53 10.76 5.25
N LEU B 111 51.57 10.15 5.93
CA LEU B 111 51.77 8.87 6.60
C LEU B 111 50.73 7.86 6.11
N VAL B 112 51.02 6.59 6.36
CA VAL B 112 50.14 5.49 5.97
C VAL B 112 49.77 4.70 7.22
N GLN B 113 48.49 4.36 7.34
CA GLN B 113 47.97 3.66 8.50
C GLN B 113 47.55 2.24 8.12
N LEU B 114 47.91 1.29 8.98
CA LEU B 114 47.51 -0.11 8.82
C LEU B 114 46.84 -0.57 10.10
N SER B 115 45.55 -0.89 10.02
CA SER B 115 44.78 -1.31 11.17
C SER B 115 44.46 -2.80 11.09
N PHE B 116 44.10 -3.38 12.22
CA PHE B 116 43.72 -4.79 12.26
C PHE B 116 42.47 -5.08 13.09
N ALA B 117 41.82 -4.06 13.66
CA ALA B 117 40.63 -4.30 14.46
C ALA B 117 39.52 -3.30 14.20
N ALA B 118 39.68 -2.37 13.27
CA ALA B 118 38.64 -1.40 12.97
C ALA B 118 37.71 -2.00 11.93
N THR B 119 36.54 -2.47 12.38
CA THR B 119 35.58 -3.12 11.50
C THR B 119 34.34 -2.26 11.26
N THR B 120 34.45 -0.96 11.42
CA THR B 120 33.31 -0.11 11.13
C THR B 120 33.16 0.07 9.61
N PRO B 121 31.93 0.08 9.10
CA PRO B 121 31.75 0.10 7.64
C PRO B 121 31.94 1.46 7.00
N VAL B 122 32.07 2.54 7.78
CA VAL B 122 32.19 3.87 7.20
C VAL B 122 33.59 4.14 6.66
N LEU B 123 34.57 3.31 7.00
CA LEU B 123 35.96 3.52 6.58
C LEU B 123 36.25 3.00 5.18
N ALA B 124 35.22 2.68 4.39
CA ALA B 124 35.44 2.20 3.04
C ALA B 124 35.43 3.31 2.00
N ASP B 125 34.94 4.50 2.34
CA ASP B 125 34.92 5.61 1.42
C ASP B 125 36.33 6.18 1.28
N LYS B 126 36.97 5.92 0.15
CA LYS B 126 38.34 6.36 -0.08
C LYS B 126 38.41 7.76 -0.70
N LYS B 127 37.31 8.51 -0.66
CA LYS B 127 37.36 9.90 -1.11
C LYS B 127 37.87 10.84 -0.03
N LYS B 128 37.85 10.43 1.24
CA LYS B 128 38.44 11.22 2.30
C LYS B 128 39.24 10.38 3.29
N TYR B 129 39.57 9.13 2.95
CA TYR B 129 40.50 8.32 3.72
C TYR B 129 41.49 7.66 2.77
N PRO B 130 42.41 8.43 2.17
CA PRO B 130 43.25 7.86 1.11
C PRO B 130 44.39 6.99 1.63
N TYR B 131 44.81 7.16 2.87
CA TYR B 131 46.05 6.57 3.38
C TYR B 131 45.77 5.57 4.49
N PHE B 132 44.71 4.78 4.33
CA PHE B 132 44.25 3.86 5.36
C PHE B 132 44.03 2.48 4.77
N PHE B 133 44.67 1.47 5.35
CA PHE B 133 44.48 0.08 4.97
C PHE B 133 44.19 -0.75 6.20
N ARG B 134 43.43 -1.83 6.02
CA ARG B 134 43.14 -2.74 7.10
C ARG B 134 43.22 -4.18 6.59
N THR B 135 43.55 -5.09 7.50
CA THR B 135 43.72 -6.50 7.18
C THR B 135 42.65 -7.35 7.85
N VAL B 136 41.41 -6.89 7.83
CA VAL B 136 40.31 -7.58 8.50
C VAL B 136 39.04 -7.34 7.69
N PRO B 137 38.23 -8.38 7.43
CA PRO B 137 36.98 -8.17 6.69
C PRO B 137 36.00 -7.32 7.49
N SER B 138 35.51 -6.25 6.86
CA SER B 138 34.61 -5.31 7.52
C SER B 138 33.18 -5.83 7.43
N ASP B 139 32.22 -4.98 7.76
CA ASP B 139 30.82 -5.34 7.71
C ASP B 139 30.21 -5.22 6.33
N ASN B 140 31.02 -4.94 5.31
CA ASN B 140 30.55 -4.94 3.92
C ASN B 140 30.88 -6.23 3.20
N ALA B 141 31.59 -7.16 3.85
CA ALA B 141 31.88 -8.47 3.29
C ALA B 141 30.78 -9.47 3.58
N VAL B 142 29.62 -9.02 4.05
CA VAL B 142 28.49 -9.88 4.36
C VAL B 142 27.53 -9.85 3.18
N ASN B 143 27.48 -8.71 2.50
CA ASN B 143 26.53 -8.54 1.39
C ASN B 143 26.77 -9.44 0.18
N PRO B 144 28.02 -9.75 -0.26
CA PRO B 144 28.14 -10.74 -1.33
C PRO B 144 27.77 -12.15 -0.90
N ALA B 145 28.27 -12.56 0.27
CA ALA B 145 28.14 -13.94 0.73
C ALA B 145 26.67 -14.34 0.84
N ILE B 146 25.86 -13.49 1.47
CA ILE B 146 24.42 -13.71 1.61
C ILE B 146 23.80 -13.98 0.24
N LEU B 147 24.21 -13.21 -0.78
CA LEU B 147 23.70 -13.38 -2.12
C LEU B 147 23.95 -14.81 -2.62
N LYS B 148 25.17 -15.30 -2.43
CA LYS B 148 25.49 -16.65 -2.87
C LYS B 148 24.65 -17.69 -2.14
N LEU B 149 24.31 -17.42 -0.88
CA LEU B 149 23.47 -18.35 -0.12
C LEU B 149 22.10 -18.49 -0.77
N LEU B 150 21.57 -17.39 -1.33
CA LEU B 150 20.29 -17.48 -2.03
C LEU B 150 20.41 -18.38 -3.24
N LYS B 151 21.54 -18.34 -3.93
CA LYS B 151 21.73 -19.20 -5.08
C LYS B 151 21.99 -20.65 -4.70
N HIS B 152 22.00 -20.98 -3.41
CA HIS B 152 21.99 -22.38 -2.99
C HIS B 152 20.61 -22.86 -2.59
N TYR B 153 19.62 -21.97 -2.52
CA TYR B 153 18.29 -22.40 -2.11
C TYR B 153 17.15 -21.77 -2.90
N GLN B 154 17.44 -20.88 -3.86
CA GLN B 154 16.46 -20.30 -4.78
C GLN B 154 15.34 -19.56 -4.03
N TRP B 155 15.72 -18.50 -3.34
CA TRP B 155 14.78 -17.61 -2.69
C TRP B 155 14.86 -16.24 -3.35
N LYS B 156 13.71 -15.76 -3.85
CA LYS B 156 13.68 -14.54 -4.66
C LYS B 156 12.66 -13.54 -4.13
N ARG B 157 12.45 -13.50 -2.82
CA ARG B 157 11.57 -12.50 -2.21
C ARG B 157 12.01 -12.33 -0.76
N VAL B 158 12.64 -11.19 -0.47
CA VAL B 158 13.23 -10.96 0.85
C VAL B 158 12.75 -9.62 1.40
N GLY B 159 12.70 -9.55 2.73
CA GLY B 159 12.37 -8.30 3.40
C GLY B 159 13.42 -7.97 4.44
N THR B 160 13.73 -6.68 4.55
CA THR B 160 14.79 -6.20 5.42
C THR B 160 14.21 -5.47 6.63
N LEU B 161 14.87 -5.63 7.77
CA LEU B 161 14.49 -4.95 9.01
C LEU B 161 15.76 -4.41 9.65
N THR B 162 15.92 -3.09 9.66
CA THR B 162 17.13 -2.45 10.13
C THR B 162 16.85 -1.46 11.24
N GLN B 163 17.87 -1.20 12.05
CA GLN B 163 17.84 -0.11 13.02
C GLN B 163 18.17 1.19 12.30
N ASP B 164 18.31 2.28 13.04
CA ASP B 164 18.69 3.56 12.43
C ASP B 164 19.88 4.15 13.20
N VAL B 165 21.07 3.66 12.87
CA VAL B 165 22.34 4.25 13.27
C VAL B 165 23.17 4.36 11.98
N GLN B 166 24.39 4.88 12.07
CA GLN B 166 25.24 5.00 10.89
C GLN B 166 25.71 3.63 10.40
N ARG B 167 26.26 2.84 11.31
CA ARG B 167 26.86 1.56 10.93
C ARG B 167 25.81 0.55 10.49
N PHE B 168 24.57 0.69 10.97
CA PHE B 168 23.50 -0.19 10.55
C PHE B 168 22.76 0.34 9.33
N SER B 169 23.08 1.53 8.86
CA SER B 169 22.51 2.05 7.62
C SER B 169 23.44 1.93 6.44
N GLU B 170 24.76 1.92 6.68
CA GLU B 170 25.70 1.74 5.57
C GLU B 170 25.55 0.36 4.93
N VAL B 171 25.31 -0.66 5.75
CA VAL B 171 25.12 -2.01 5.22
C VAL B 171 23.85 -2.10 4.40
N ARG B 172 22.77 -1.49 4.88
CA ARG B 172 21.52 -1.50 4.15
C ARG B 172 21.61 -0.69 2.85
N ASN B 173 22.42 0.37 2.84
CA ASN B 173 22.61 1.11 1.60
C ASN B 173 23.47 0.34 0.61
N ASP B 174 24.45 -0.44 1.10
CA ASP B 174 25.30 -1.22 0.20
C ASP B 174 24.59 -2.45 -0.34
N LEU B 175 23.61 -2.97 0.40
CA LEU B 175 22.92 -4.20 -0.01
C LEU B 175 22.16 -4.01 -1.31
N THR B 176 21.61 -2.81 -1.53
CA THR B 176 20.90 -2.52 -2.77
C THR B 176 21.83 -2.54 -3.97
N GLY B 177 23.00 -1.92 -3.83
CA GLY B 177 23.97 -1.93 -4.91
C GLY B 177 24.57 -3.30 -5.15
N VAL B 178 24.60 -4.15 -4.12
CA VAL B 178 25.09 -5.51 -4.31
C VAL B 178 24.07 -6.35 -5.04
N LEU B 179 22.80 -6.28 -4.63
CA LEU B 179 21.74 -7.09 -5.20
C LEU B 179 21.08 -6.46 -6.43
N TYR B 180 21.79 -5.61 -7.15
CA TYR B 180 21.28 -5.02 -8.38
C TYR B 180 21.90 -5.74 -9.57
N GLY B 181 21.07 -6.12 -10.53
CA GLY B 181 21.53 -6.85 -11.69
C GLY B 181 20.98 -8.26 -11.74
N GLU B 182 20.91 -8.91 -10.58
CA GLU B 182 20.35 -10.25 -10.51
C GLU B 182 18.82 -10.17 -10.47
N ASP B 183 18.19 -11.35 -10.58
CA ASP B 183 16.73 -11.43 -10.56
C ASP B 183 16.19 -11.63 -9.15
N ILE B 184 16.63 -10.78 -8.22
CA ILE B 184 16.17 -10.80 -6.84
C ILE B 184 15.66 -9.41 -6.51
N GLU B 185 14.50 -9.35 -5.85
CA GLU B 185 13.85 -8.09 -5.54
C GLU B 185 13.61 -7.96 -4.05
N ILE B 186 13.76 -6.74 -3.55
CA ILE B 186 13.49 -6.42 -2.15
C ILE B 186 12.01 -6.07 -2.04
N SER B 187 11.25 -6.91 -1.34
CA SER B 187 9.81 -6.68 -1.27
C SER B 187 9.46 -5.53 -0.35
N ASP B 188 9.96 -5.56 0.89
CA ASP B 188 9.66 -4.55 1.89
C ASP B 188 10.92 -3.91 2.42
N THR B 189 10.76 -2.73 3.03
CA THR B 189 11.87 -2.02 3.67
C THR B 189 11.31 -1.27 4.87
N GLU B 190 11.59 -1.75 6.07
CA GLU B 190 11.14 -1.11 7.29
C GLU B 190 12.35 -0.68 8.12
N SER B 191 12.09 0.25 9.05
CA SER B 191 13.15 0.80 9.89
C SER B 191 12.55 1.31 11.18
N PHE B 192 13.17 0.92 12.30
CA PHE B 192 12.71 1.32 13.63
C PHE B 192 13.85 2.02 14.36
N SER B 193 13.51 2.67 15.47
CA SER B 193 14.53 3.31 16.28
C SER B 193 14.50 2.89 17.75
N ASN B 194 13.32 2.76 18.35
CA ASN B 194 13.21 2.29 19.72
C ASN B 194 12.12 1.26 19.96
N ASP B 195 11.09 1.20 19.12
CA ASP B 195 10.01 0.22 19.26
C ASP B 195 10.03 -0.70 18.06
N PRO B 196 10.55 -1.93 18.20
CA PRO B 196 10.78 -2.75 17.00
C PRO B 196 9.51 -3.35 16.43
N CYS B 197 8.54 -3.75 17.25
CA CYS B 197 7.40 -4.52 16.79
C CYS B 197 6.17 -3.66 16.52
N THR B 198 6.38 -2.44 16.03
CA THR B 198 5.33 -1.73 15.31
C THR B 198 5.42 -2.00 13.82
N SER B 199 6.62 -2.25 13.30
CA SER B 199 6.83 -2.60 11.91
C SER B 199 6.79 -4.10 11.66
N VAL B 200 6.92 -4.91 12.70
CA VAL B 200 6.77 -6.36 12.57
C VAL B 200 5.36 -6.70 12.13
N LYS B 201 4.37 -5.94 12.61
CA LYS B 201 3.00 -6.14 12.16
C LYS B 201 2.83 -5.75 10.70
N LYS B 202 3.54 -4.73 10.22
CA LYS B 202 3.49 -4.39 8.80
C LYS B 202 4.12 -5.48 7.95
N LEU B 203 5.24 -6.05 8.42
CA LEU B 203 5.84 -7.17 7.72
C LEU B 203 4.94 -8.39 7.72
N LYS B 204 4.18 -8.60 8.79
CA LYS B 204 3.22 -9.70 8.84
C LYS B 204 2.06 -9.46 7.87
N GLY B 205 1.60 -8.21 7.78
CA GLY B 205 0.51 -7.89 6.88
C GLY B 205 0.91 -7.94 5.42
N ASN B 206 2.19 -7.72 5.12
CA ASN B 206 2.66 -7.86 3.75
C ASN B 206 3.05 -9.29 3.40
N ASP B 207 3.07 -10.19 4.38
CA ASP B 207 3.29 -11.63 4.18
C ASP B 207 4.64 -11.92 3.52
N VAL B 208 5.71 -11.57 4.24
CA VAL B 208 7.06 -11.92 3.84
C VAL B 208 7.48 -13.16 4.60
N ARG B 209 8.48 -13.87 4.07
CA ARG B 209 8.91 -15.13 4.67
C ARG B 209 10.41 -15.27 4.83
N ILE B 210 11.22 -14.40 4.22
CA ILE B 210 12.67 -14.38 4.42
C ILE B 210 13.05 -13.02 4.95
N ILE B 211 13.71 -12.98 6.10
CA ILE B 211 14.00 -11.73 6.80
C ILE B 211 15.51 -11.56 6.94
N LEU B 212 16.00 -10.39 6.54
CA LEU B 212 17.39 -10.00 6.75
C LEU B 212 17.42 -8.86 7.76
N GLY B 213 18.11 -9.08 8.88
CA GLY B 213 18.13 -8.12 9.97
C GLY B 213 19.49 -7.49 10.15
N GLN B 214 19.47 -6.23 10.61
CA GLN B 214 20.69 -5.51 11.01
C GLN B 214 20.35 -4.72 12.26
N PHE B 215 20.74 -5.24 13.42
CA PHE B 215 20.51 -4.55 14.69
C PHE B 215 21.50 -5.07 15.72
N ASP B 216 21.70 -4.27 16.76
CA ASP B 216 22.69 -4.57 17.79
C ASP B 216 22.14 -5.60 18.77
N GLN B 217 22.84 -5.79 19.88
CA GLN B 217 22.50 -6.86 20.82
C GLN B 217 21.29 -6.52 21.67
N ASN B 218 21.07 -5.24 21.99
CA ASN B 218 19.98 -4.86 22.88
C ASN B 218 18.63 -5.04 22.21
N MET B 219 18.51 -4.67 20.94
CA MET B 219 17.24 -4.78 20.24
C MET B 219 16.91 -6.20 19.83
N ALA B 220 17.87 -7.12 19.88
CA ALA B 220 17.61 -8.49 19.44
C ALA B 220 16.62 -9.19 20.36
N ALA B 221 16.73 -8.95 21.67
CA ALA B 221 15.78 -9.54 22.61
C ALA B 221 14.37 -9.02 22.37
N LYS B 222 14.23 -7.72 22.10
CA LYS B 222 12.92 -7.15 21.85
C LYS B 222 12.34 -7.67 20.54
N VAL B 223 13.18 -7.85 19.52
CA VAL B 223 12.69 -8.36 18.24
C VAL B 223 12.24 -9.81 18.37
N PHE B 224 13.04 -10.64 19.04
CA PHE B 224 12.67 -12.04 19.20
C PHE B 224 11.55 -12.22 20.22
N CYS B 225 11.28 -11.23 21.07
CA CYS B 225 10.13 -11.32 21.94
C CYS B 225 8.86 -10.90 21.22
N CYS B 226 8.93 -9.88 20.37
CA CYS B 226 7.77 -9.44 19.62
C CYS B 226 7.44 -10.35 18.45
N ALA B 227 8.40 -11.13 17.95
CA ALA B 227 8.11 -12.05 16.87
C ALA B 227 7.40 -13.31 17.33
N TYR B 228 7.38 -13.57 18.64
CA TYR B 228 6.73 -14.78 19.15
C TYR B 228 5.23 -14.58 19.34
N GLU B 229 4.80 -13.36 19.66
CA GLU B 229 3.37 -13.12 19.86
C GLU B 229 2.61 -13.13 18.53
N GLU B 230 3.22 -12.61 17.47
CA GLU B 230 2.55 -12.55 16.17
C GLU B 230 2.61 -13.87 15.42
N ASN B 231 3.20 -14.91 16.01
CA ASN B 231 3.38 -16.23 15.39
C ASN B 231 4.14 -16.12 14.06
N MET B 232 5.38 -15.67 14.15
CA MET B 232 6.23 -15.56 12.98
C MET B 232 7.45 -16.45 13.12
N TYR B 233 7.23 -17.70 13.53
CA TYR B 233 8.31 -18.67 13.70
C TYR B 233 7.82 -20.01 13.15
N GLY B 234 8.59 -21.06 13.40
CA GLY B 234 8.27 -22.38 12.92
C GLY B 234 8.96 -22.72 11.63
N SER B 235 8.40 -23.70 10.92
CA SER B 235 8.96 -24.12 9.63
C SER B 235 8.31 -23.37 8.47
N LYS B 236 8.26 -22.05 8.58
CA LYS B 236 7.72 -21.24 7.50
C LYS B 236 8.49 -19.96 7.24
N TYR B 237 9.52 -19.66 8.03
CA TYR B 237 10.27 -18.42 7.90
C TYR B 237 11.75 -18.70 8.08
N GLN B 238 12.58 -17.71 7.74
CA GLN B 238 14.01 -17.85 7.91
C GLN B 238 14.64 -16.49 8.19
N TRP B 239 15.44 -16.43 9.26
CA TRP B 239 16.04 -15.20 9.75
C TRP B 239 17.55 -15.21 9.50
N ILE B 240 18.05 -14.11 8.97
CA ILE B 240 19.49 -13.91 8.77
C ILE B 240 19.90 -12.74 9.67
N ILE B 241 20.64 -13.06 10.74
CA ILE B 241 20.98 -12.12 11.80
C ILE B 241 22.50 -12.03 11.86
N PRO B 242 23.08 -10.85 12.12
CA PRO B 242 24.54 -10.78 12.32
C PRO B 242 24.97 -11.59 13.53
N GLY B 243 26.19 -12.10 13.48
CA GLY B 243 26.64 -13.05 14.47
C GLY B 243 27.98 -12.73 15.12
N TRP B 244 28.25 -11.46 15.39
CA TRP B 244 29.44 -11.07 16.14
C TRP B 244 29.14 -10.87 17.61
N TYR B 245 28.04 -11.43 18.12
CA TYR B 245 27.71 -11.31 19.52
C TYR B 245 28.62 -12.18 20.37
N GLU B 246 28.72 -11.84 21.65
CA GLU B 246 29.49 -12.63 22.59
C GLU B 246 28.71 -13.91 22.93
N PRO B 247 29.42 -14.96 23.37
CA PRO B 247 28.73 -16.21 23.70
C PRO B 247 27.80 -16.05 24.90
N SER B 248 26.73 -16.85 24.88
CA SER B 248 25.69 -16.86 25.92
C SER B 248 25.07 -15.48 26.12
N TRP B 249 24.78 -14.81 25.00
CA TRP B 249 24.24 -13.45 25.06
C TRP B 249 22.78 -13.41 25.47
N TRP B 250 22.08 -14.54 25.51
CA TRP B 250 20.67 -14.57 25.84
C TRP B 250 20.40 -14.95 27.29
N GLU B 251 21.30 -15.71 27.92
CA GLU B 251 21.08 -16.11 29.30
C GLU B 251 21.25 -14.98 30.29
N GLN B 252 21.87 -13.87 29.89
CA GLN B 252 22.12 -12.75 30.79
C GLN B 252 21.52 -11.45 30.27
N VAL B 253 20.51 -11.53 29.40
CA VAL B 253 19.85 -10.32 28.93
C VAL B 253 18.93 -9.76 30.02
N HIS B 254 18.56 -10.57 30.99
CA HIS B 254 17.70 -10.15 32.09
C HIS B 254 18.30 -10.67 33.39
N THR B 255 18.85 -9.77 34.19
CA THR B 255 19.38 -10.17 35.50
C THR B 255 18.25 -10.58 36.43
N GLU B 256 17.25 -9.73 36.59
CA GLU B 256 16.00 -10.10 37.24
C GLU B 256 15.03 -10.58 36.16
N ALA B 257 13.76 -10.74 36.49
CA ALA B 257 12.75 -11.14 35.52
C ALA B 257 12.10 -9.95 34.82
N ASN B 258 12.84 -8.84 34.66
CA ASN B 258 12.28 -7.60 34.10
C ASN B 258 12.39 -7.57 32.58
N SER B 259 11.95 -8.63 31.94
CA SER B 259 11.83 -8.69 30.48
C SER B 259 10.53 -9.37 30.11
N SER B 260 9.44 -8.95 30.75
CA SER B 260 8.14 -9.59 30.60
C SER B 260 7.58 -9.34 29.20
N ARG B 261 6.38 -9.90 28.98
CA ARG B 261 5.63 -10.15 27.74
C ARG B 261 6.24 -11.30 26.96
N CYS B 262 7.37 -11.85 27.40
CA CYS B 262 7.99 -13.02 26.78
C CYS B 262 8.74 -13.79 27.84
N LEU B 263 8.44 -15.08 27.97
CA LEU B 263 9.09 -15.93 28.95
C LEU B 263 10.34 -16.57 28.34
N ARG B 264 11.07 -17.33 29.16
CA ARG B 264 12.32 -17.94 28.69
C ARG B 264 12.03 -19.08 27.72
N LYS B 265 11.29 -20.09 28.16
CA LYS B 265 11.01 -21.26 27.34
C LYS B 265 10.11 -20.96 26.16
N ASN B 266 9.44 -19.81 26.15
CA ASN B 266 8.70 -19.34 24.99
C ASN B 266 9.48 -18.31 24.18
N LEU B 267 10.79 -18.21 24.44
CA LEU B 267 11.72 -17.45 23.61
C LEU B 267 12.78 -18.34 22.98
N LEU B 268 13.27 -19.34 23.73
CA LEU B 268 14.20 -20.30 23.17
C LEU B 268 13.57 -21.11 22.06
N ALA B 269 12.25 -21.34 22.13
CA ALA B 269 11.52 -21.97 21.04
C ALA B 269 11.08 -20.96 19.99
N ALA B 270 11.34 -19.68 20.20
CA ALA B 270 11.03 -18.66 19.20
C ALA B 270 12.23 -18.38 18.31
N MET B 271 13.43 -18.26 18.89
CA MET B 271 14.65 -18.07 18.10
C MET B 271 15.31 -19.43 17.87
N GLU B 272 14.72 -20.18 16.95
CA GLU B 272 15.18 -21.53 16.62
C GLU B 272 15.73 -21.54 15.21
N GLY B 273 17.03 -21.81 15.08
CA GLY B 273 17.64 -21.97 13.78
C GLY B 273 17.76 -20.72 12.94
N TYR B 274 18.19 -19.62 13.54
CA TYR B 274 18.54 -18.46 12.74
C TYR B 274 19.95 -18.63 12.19
N ILE B 275 20.28 -17.83 11.16
CA ILE B 275 21.56 -17.96 10.48
C ILE B 275 22.43 -16.75 10.84
N GLY B 276 23.60 -17.02 11.39
CA GLY B 276 24.54 -15.97 11.79
C GLY B 276 25.74 -15.93 10.87
N VAL B 277 26.11 -14.71 10.47
CA VAL B 277 27.18 -14.48 9.50
C VAL B 277 28.32 -13.74 10.20
N ASP B 278 29.53 -14.27 10.10
CA ASP B 278 30.68 -13.63 10.74
C ASP B 278 31.90 -13.90 9.87
N PHE B 279 33.09 -13.54 10.36
CA PHE B 279 34.32 -13.89 9.69
C PHE B 279 34.98 -15.06 10.41
N GLU B 280 36.10 -15.54 9.84
CA GLU B 280 36.77 -16.73 10.33
C GLU B 280 38.15 -16.37 10.85
N PRO B 281 38.54 -16.86 12.03
CA PRO B 281 39.81 -16.45 12.62
C PRO B 281 41.04 -17.04 11.95
N LEU B 282 40.96 -18.29 11.51
CA LEU B 282 42.13 -18.97 10.95
C LEU B 282 41.74 -19.70 9.67
N SER B 283 42.71 -20.41 9.10
CA SER B 283 42.54 -21.13 7.85
C SER B 283 42.41 -22.61 8.11
N SER B 284 41.49 -23.27 7.39
CA SER B 284 41.22 -24.68 7.65
C SER B 284 42.23 -25.60 6.96
N LYS B 285 42.70 -25.24 5.77
CA LYS B 285 43.61 -26.08 5.02
C LYS B 285 45.03 -25.93 5.56
N GLN B 286 46.00 -26.55 4.90
CA GLN B 286 47.37 -26.55 5.40
C GLN B 286 48.37 -26.63 4.26
N ILE B 287 49.20 -25.60 4.15
CA ILE B 287 50.41 -25.60 3.34
C ILE B 287 51.53 -24.98 4.16
N LYS B 288 52.71 -24.87 3.56
CA LYS B 288 53.82 -24.15 4.17
C LYS B 288 53.74 -22.69 3.72
N THR B 289 53.45 -21.80 4.66
CA THR B 289 53.22 -20.40 4.33
C THR B 289 54.55 -19.67 4.18
N ILE B 290 54.50 -18.33 4.12
CA ILE B 290 55.69 -17.53 3.89
C ILE B 290 56.64 -17.56 5.09
N SER B 291 56.15 -17.90 6.28
CA SER B 291 57.01 -17.94 7.45
C SER B 291 57.84 -19.21 7.50
N GLY B 292 57.21 -20.36 7.24
CA GLY B 292 57.93 -21.63 7.24
C GLY B 292 57.33 -22.64 8.21
N LYS B 293 56.05 -22.48 8.54
CA LYS B 293 55.38 -23.39 9.46
C LYS B 293 53.91 -23.49 9.06
N THR B 294 53.28 -24.55 9.51
CA THR B 294 51.86 -24.73 9.27
C THR B 294 51.04 -23.80 10.16
N PRO B 295 49.80 -23.49 9.77
CA PRO B 295 48.93 -22.72 10.68
C PRO B 295 48.64 -23.45 11.99
N GLN B 296 48.60 -24.78 11.99
CA GLN B 296 48.48 -25.52 13.24
C GLN B 296 49.72 -25.36 14.11
N GLN B 297 50.89 -25.33 13.46
CA GLN B 297 52.15 -25.08 14.17
C GLN B 297 52.12 -23.70 14.83
N TYR B 298 51.76 -22.66 14.06
CA TYR B 298 51.72 -21.31 14.59
C TYR B 298 50.69 -21.18 15.71
N GLU B 299 49.56 -21.89 15.59
CA GLU B 299 48.57 -21.89 16.66
C GLU B 299 49.15 -22.53 17.92
N ARG B 300 49.94 -23.59 17.75
CA ARG B 300 50.59 -24.21 18.91
C ARG B 300 51.60 -23.27 19.57
N GLU B 301 52.41 -22.58 18.75
CA GLU B 301 53.39 -21.66 19.31
C GLU B 301 52.74 -20.48 20.02
N TYR B 302 51.62 -19.99 19.48
CA TYR B 302 50.90 -18.91 20.15
C TYR B 302 50.25 -19.40 21.44
N ASN B 303 49.72 -20.63 21.43
CA ASN B 303 49.02 -21.12 22.61
C ASN B 303 49.96 -21.52 23.74
N ASN B 304 51.21 -21.88 23.46
CA ASN B 304 52.16 -22.10 24.53
C ASN B 304 53.13 -20.94 24.71
N LYS B 305 52.98 -19.87 23.93
CA LYS B 305 53.85 -18.70 24.06
C LYS B 305 53.40 -17.82 25.23
N ARG B 306 52.12 -17.47 25.26
CA ARG B 306 51.59 -16.69 26.37
C ARG B 306 51.56 -17.51 27.65
N SER B 307 51.66 -16.83 28.78
CA SER B 307 51.76 -17.51 30.07
C SER B 307 50.40 -17.73 30.71
N GLY B 308 49.70 -16.64 31.01
CA GLY B 308 48.41 -16.75 31.68
C GLY B 308 47.36 -15.83 31.13
N VAL B 309 47.74 -14.99 30.16
CA VAL B 309 46.82 -14.05 29.56
C VAL B 309 45.85 -14.80 28.65
N GLY B 310 44.56 -14.52 28.79
CA GLY B 310 43.53 -15.20 28.04
C GLY B 310 43.60 -14.94 26.55
N PRO B 311 43.03 -15.84 25.76
CA PRO B 311 43.11 -15.71 24.31
C PRO B 311 42.16 -14.65 23.77
N SER B 312 42.53 -14.11 22.61
CA SER B 312 41.73 -13.15 21.89
C SER B 312 41.36 -13.71 20.52
N LYS B 313 40.57 -12.96 19.76
CA LYS B 313 40.16 -13.36 18.43
C LYS B 313 40.79 -12.47 17.35
N PHE B 314 41.84 -11.74 17.69
CA PHE B 314 42.56 -10.90 16.74
C PHE B 314 44.04 -11.23 16.69
N HIS B 315 44.47 -12.34 17.29
CA HIS B 315 45.89 -12.67 17.32
C HIS B 315 46.41 -13.20 16.00
N GLY B 316 45.53 -13.62 15.10
CA GLY B 316 45.95 -14.10 13.81
C GLY B 316 46.03 -12.99 12.78
N TYR B 317 45.09 -12.05 12.87
CA TYR B 317 45.03 -10.94 11.93
C TYR B 317 46.07 -9.87 12.21
N ALA B 318 46.84 -9.99 13.29
CA ALA B 318 47.93 -9.07 13.56
C ALA B 318 49.30 -9.66 13.23
N TYR B 319 49.41 -10.99 13.16
CA TYR B 319 50.67 -11.61 12.81
C TYR B 319 51.02 -11.39 11.35
N ASP B 320 50.02 -11.17 10.51
CA ASP B 320 50.26 -10.96 9.08
C ASP B 320 50.53 -9.51 8.72
N GLY B 321 50.05 -8.57 9.54
CA GLY B 321 50.29 -7.16 9.25
C GLY B 321 51.76 -6.77 9.32
N ILE B 322 52.51 -7.42 10.22
CA ILE B 322 53.94 -7.16 10.34
C ILE B 322 54.67 -7.63 9.08
N TRP B 323 54.31 -8.82 8.59
CA TRP B 323 54.93 -9.30 7.36
C TRP B 323 54.50 -8.48 6.15
N VAL B 324 53.27 -7.95 6.18
CA VAL B 324 52.83 -7.04 5.12
C VAL B 324 53.68 -5.78 5.11
N ILE B 325 53.94 -5.21 6.30
CA ILE B 325 54.76 -4.01 6.40
C ILE B 325 56.20 -4.30 5.98
N ALA B 326 56.73 -5.48 6.36
CA ALA B 326 58.09 -5.83 5.99
C ALA B 326 58.23 -6.02 4.49
N LYS B 327 57.26 -6.69 3.85
CA LYS B 327 57.33 -6.89 2.41
C LYS B 327 57.14 -5.57 1.66
N THR B 328 56.28 -4.68 2.18
CA THR B 328 56.11 -3.36 1.57
C THR B 328 57.40 -2.55 1.64
N LEU B 329 58.07 -2.57 2.79
CA LEU B 329 59.33 -1.85 2.94
C LEU B 329 60.41 -2.43 2.03
N GLN B 330 60.46 -3.76 1.92
CA GLN B 330 61.48 -4.38 1.08
C GLN B 330 61.21 -4.15 -0.41
N ARG B 331 59.94 -4.09 -0.81
CA ARG B 331 59.61 -3.88 -2.21
C ARG B 331 59.58 -2.42 -2.62
N ALA B 332 59.51 -1.49 -1.66
CA ALA B 332 59.56 -0.07 -1.97
C ALA B 332 60.95 0.52 -1.81
N MET B 333 61.78 -0.02 -0.92
CA MET B 333 63.12 0.51 -0.73
C MET B 333 64.02 0.17 -1.92
N GLU B 334 63.99 -1.09 -2.35
CA GLU B 334 64.90 -1.57 -3.39
C GLU B 334 64.32 -1.28 -4.78
N THR B 335 64.25 0.01 -5.09
CA THR B 335 63.88 0.47 -6.41
C THR B 335 65.15 0.58 -7.28
N LEU B 336 65.03 1.25 -8.43
CA LEU B 336 66.17 1.36 -9.34
C LEU B 336 67.28 2.21 -8.76
N HIS B 337 66.92 3.31 -8.10
CA HIS B 337 67.92 4.18 -7.48
C HIS B 337 68.42 3.56 -6.18
N ALA B 338 69.69 3.81 -5.88
CA ALA B 338 70.32 3.30 -4.67
C ALA B 338 70.80 4.40 -3.74
N SER B 339 71.59 5.35 -4.26
CA SER B 339 72.19 6.37 -3.40
C SER B 339 71.14 7.32 -2.85
N SER B 340 70.28 7.86 -3.72
CA SER B 340 69.20 8.73 -3.26
C SER B 340 68.19 7.97 -2.42
N ARG B 341 67.94 6.69 -2.75
CA ARG B 341 66.99 5.89 -2.00
C ARG B 341 67.50 5.51 -0.62
N HIS B 342 68.82 5.53 -0.41
CA HIS B 342 69.37 5.35 0.92
C HIS B 342 69.68 6.66 1.63
N GLN B 343 69.72 7.77 0.90
CA GLN B 343 69.96 9.08 1.50
C GLN B 343 68.69 9.78 1.95
N ARG B 344 67.56 9.56 1.26
CA ARG B 344 66.32 10.28 1.56
C ARG B 344 65.51 9.63 2.69
N ILE B 345 66.13 8.82 3.54
CA ILE B 345 65.39 8.11 4.59
C ILE B 345 65.72 8.66 5.98
N GLN B 346 66.32 9.85 6.06
CA GLN B 346 66.54 10.51 7.33
C GLN B 346 66.19 11.99 7.30
N ASP B 347 65.79 12.52 6.15
CA ASP B 347 65.32 13.89 6.04
C ASP B 347 63.80 13.98 6.04
N PHE B 348 63.14 12.93 6.51
CA PHE B 348 61.67 12.85 6.50
C PHE B 348 61.14 13.68 7.66
N ASN B 349 60.79 14.94 7.38
CA ASN B 349 60.16 15.82 8.35
C ASN B 349 58.64 15.79 8.23
N TYR B 350 58.07 14.67 7.78
CA TYR B 350 56.65 14.49 7.48
C TYR B 350 56.13 15.46 6.42
N THR B 351 57.02 15.97 5.56
CA THR B 351 56.62 16.86 4.48
C THR B 351 56.91 16.31 3.09
N ASP B 352 57.67 15.23 2.97
CA ASP B 352 58.08 14.71 1.67
C ASP B 352 56.89 14.00 1.02
N HIS B 353 56.34 14.61 -0.03
CA HIS B 353 55.17 14.06 -0.70
C HIS B 353 55.54 12.91 -1.62
N THR B 354 56.72 12.99 -2.26
CA THR B 354 57.15 11.93 -3.17
C THR B 354 57.38 10.63 -2.42
N LEU B 355 57.92 10.70 -1.20
CA LEU B 355 58.11 9.51 -0.40
C LEU B 355 56.77 8.89 0.00
N GLY B 356 55.78 9.73 0.30
CA GLY B 356 54.45 9.22 0.60
C GLY B 356 53.81 8.52 -0.58
N ARG B 357 53.96 9.10 -1.78
CA ARG B 357 53.42 8.46 -2.97
C ARG B 357 54.14 7.15 -3.30
N ILE B 358 55.47 7.15 -3.16
CA ILE B 358 56.23 5.94 -3.48
C ILE B 358 56.04 4.86 -2.42
N ILE B 359 55.57 5.23 -1.23
CA ILE B 359 55.19 4.21 -0.26
C ILE B 359 53.80 3.68 -0.55
N LEU B 360 52.86 4.57 -0.88
CA LEU B 360 51.46 4.17 -1.06
C LEU B 360 51.28 3.30 -2.30
N ASN B 361 51.89 3.68 -3.42
CA ASN B 361 51.68 2.93 -4.65
C ASN B 361 52.35 1.57 -4.60
N ALA B 362 53.41 1.42 -3.80
CA ALA B 362 54.00 0.11 -3.58
C ALA B 362 53.25 -0.70 -2.54
N MET B 363 52.56 -0.02 -1.62
CA MET B 363 51.72 -0.71 -0.66
C MET B 363 50.45 -1.24 -1.32
N ASN B 364 50.04 -0.63 -2.44
CA ASN B 364 48.79 -1.01 -3.09
C ASN B 364 48.79 -2.47 -3.53
N GLU B 365 49.91 -2.97 -4.07
CA GLU B 365 50.00 -4.35 -4.51
C GLU B 365 50.70 -5.19 -3.46
N THR B 366 50.08 -6.30 -3.07
CA THR B 366 50.67 -7.30 -2.20
C THR B 366 49.89 -8.60 -2.38
N ASN B 367 50.62 -9.72 -2.44
CA ASN B 367 50.00 -11.00 -2.74
C ASN B 367 50.87 -12.11 -2.20
N PHE B 368 50.45 -12.74 -1.11
CA PHE B 368 51.14 -13.90 -0.56
C PHE B 368 50.19 -14.64 0.37
N PHE B 369 50.52 -15.90 0.64
CA PHE B 369 49.70 -16.76 1.48
C PHE B 369 50.21 -16.64 2.92
N GLY B 370 49.48 -15.90 3.74
CA GLY B 370 49.85 -15.74 5.14
C GLY B 370 49.32 -16.88 5.99
N VAL B 371 48.69 -16.54 7.11
CA VAL B 371 48.07 -17.55 7.97
C VAL B 371 46.56 -17.55 7.88
N THR B 372 45.96 -16.56 7.23
CA THR B 372 44.51 -16.50 7.05
C THR B 372 44.13 -16.59 5.58
N GLY B 373 44.97 -17.24 4.79
CA GLY B 373 44.75 -17.35 3.36
C GLY B 373 45.63 -16.37 2.58
N GLN B 374 45.18 -16.07 1.37
CA GLN B 374 45.86 -15.06 0.57
C GLN B 374 45.57 -13.68 1.13
N VAL B 375 46.58 -12.81 1.09
CA VAL B 375 46.41 -11.44 1.55
C VAL B 375 46.36 -10.52 0.34
N VAL B 376 45.16 -10.24 -0.15
CA VAL B 376 44.97 -9.40 -1.32
C VAL B 376 43.98 -8.29 -0.98
N PHE B 377 44.24 -7.11 -1.55
CA PHE B 377 43.46 -5.91 -1.30
C PHE B 377 42.64 -5.54 -2.52
N ARG B 378 41.60 -4.76 -2.27
CA ARG B 378 40.76 -4.20 -3.33
C ARG B 378 40.27 -2.85 -2.83
N ASN B 379 40.78 -1.78 -3.45
CA ASN B 379 40.41 -0.39 -3.16
C ASN B 379 40.59 -0.04 -1.68
N GLY B 380 41.58 -0.66 -1.03
CA GLY B 380 41.84 -0.46 0.37
C GLY B 380 41.35 -1.58 1.25
N GLU B 381 40.23 -2.22 0.91
CA GLU B 381 39.69 -3.29 1.74
C GLU B 381 40.44 -4.58 1.47
N ARG B 382 40.10 -5.62 2.22
CA ARG B 382 40.80 -6.91 2.13
C ARG B 382 39.82 -8.00 1.71
N MET B 383 40.25 -8.87 0.81
CA MET B 383 39.46 -10.05 0.47
C MET B 383 39.74 -11.14 1.49
N GLY B 384 38.68 -11.65 2.12
CA GLY B 384 38.83 -12.53 3.28
C GLY B 384 38.00 -13.78 3.16
N THR B 385 37.37 -14.15 4.28
CA THR B 385 36.64 -15.41 4.40
C THR B 385 35.46 -15.18 5.32
N ILE B 386 34.34 -15.83 5.04
CA ILE B 386 33.09 -15.65 5.78
C ILE B 386 32.64 -17.00 6.34
N LYS B 387 32.15 -17.00 7.57
CA LYS B 387 31.74 -18.20 8.29
C LYS B 387 30.26 -18.11 8.68
N PHE B 388 29.56 -19.23 8.58
CA PHE B 388 28.15 -19.34 8.88
C PHE B 388 27.91 -20.17 10.13
N THR B 389 26.95 -19.76 10.95
CA THR B 389 26.59 -20.46 12.18
C THR B 389 25.07 -20.58 12.28
N GLN B 390 24.63 -21.61 13.03
CA GLN B 390 23.21 -21.84 13.25
C GLN B 390 22.96 -22.14 14.72
N PHE B 391 21.75 -21.81 15.19
CA PHE B 391 21.34 -22.03 16.57
C PHE B 391 20.62 -23.38 16.65
N GLN B 392 21.27 -24.36 17.27
CA GLN B 392 20.72 -25.71 17.36
C GLN B 392 20.85 -26.24 18.78
N ASP B 393 19.73 -26.70 19.34
CA ASP B 393 19.67 -27.32 20.67
C ASP B 393 20.21 -26.39 21.75
N SER B 394 19.76 -25.13 21.72
CA SER B 394 20.25 -24.04 22.57
C SER B 394 21.77 -23.92 22.51
N ARG B 395 22.31 -24.00 21.29
CA ARG B 395 23.75 -23.87 21.07
C ARG B 395 23.98 -23.48 19.61
N GLU B 396 25.13 -22.85 19.37
CA GLU B 396 25.52 -22.40 18.04
C GLU B 396 26.59 -23.31 17.47
N VAL B 397 26.43 -23.68 16.20
CA VAL B 397 27.36 -24.56 15.51
C VAL B 397 27.75 -23.95 14.17
N LYS B 398 29.01 -24.18 13.79
CA LYS B 398 29.55 -23.73 12.52
C LYS B 398 29.09 -24.67 11.41
N VAL B 399 28.59 -24.11 10.32
CA VAL B 399 27.92 -24.93 9.32
C VAL B 399 28.46 -24.75 7.90
N GLY B 400 29.16 -23.67 7.57
CA GLY B 400 29.60 -23.49 6.21
C GLY B 400 30.79 -22.57 6.11
N GLU B 401 31.12 -22.22 4.87
CA GLU B 401 32.22 -21.31 4.58
C GLU B 401 32.01 -20.69 3.22
N TYR B 402 32.59 -19.51 3.03
CA TYR B 402 32.48 -18.78 1.77
C TYR B 402 33.81 -18.12 1.48
N ASN B 403 34.47 -18.54 0.40
CA ASN B 403 35.69 -17.86 0.01
C ASN B 403 35.33 -16.57 -0.73
N ALA B 404 36.31 -15.69 -0.88
CA ALA B 404 36.08 -14.40 -1.52
C ALA B 404 36.88 -14.20 -2.79
N VAL B 405 38.12 -14.68 -2.84
CA VAL B 405 38.90 -14.53 -4.06
C VAL B 405 38.49 -15.59 -5.09
N ALA B 406 38.08 -16.77 -4.63
CA ALA B 406 37.60 -17.80 -5.52
C ALA B 406 36.08 -17.78 -5.71
N ASP B 407 35.38 -17.05 -4.84
CA ASP B 407 33.94 -16.79 -4.95
C ASP B 407 33.13 -18.09 -4.92
N THR B 408 33.54 -19.03 -4.08
CA THR B 408 32.84 -20.29 -3.90
C THR B 408 32.22 -20.37 -2.51
N LEU B 409 31.22 -21.24 -2.38
CA LEU B 409 30.47 -21.41 -1.14
C LEU B 409 30.43 -22.89 -0.82
N GLU B 410 31.06 -23.28 0.28
CA GLU B 410 31.09 -24.68 0.71
C GLU B 410 30.14 -24.87 1.88
N ILE B 411 29.28 -25.88 1.78
CA ILE B 411 28.33 -26.21 2.84
C ILE B 411 28.77 -27.52 3.47
N ILE B 412 28.98 -27.50 4.78
CA ILE B 412 29.30 -28.72 5.52
C ILE B 412 27.99 -29.44 5.78
N ASN B 413 27.65 -30.40 4.93
CA ASN B 413 26.50 -31.25 5.17
C ASN B 413 26.82 -32.21 6.32
N ASP B 414 25.75 -32.84 6.85
CA ASP B 414 25.64 -33.69 8.06
C ASP B 414 25.54 -32.81 9.30
N THR B 415 25.43 -31.49 9.14
CA THR B 415 25.23 -30.59 10.27
C THR B 415 23.96 -29.77 10.14
N ILE B 416 23.70 -29.17 8.98
CA ILE B 416 22.53 -28.30 8.84
C ILE B 416 21.25 -29.13 8.86
N ARG B 417 20.16 -28.48 9.24
CA ARG B 417 18.86 -29.13 9.32
C ARG B 417 17.77 -28.08 9.18
N PHE B 418 16.54 -28.55 9.04
CA PHE B 418 15.38 -27.67 8.98
C PHE B 418 14.27 -28.27 9.84
N GLN B 419 13.31 -27.42 10.20
CA GLN B 419 12.26 -27.85 11.11
C GLN B 419 11.29 -28.81 10.44
N GLY B 420 11.01 -28.60 9.15
CA GLY B 420 10.15 -29.52 8.43
C GLY B 420 10.93 -30.68 7.85
N SER B 421 10.78 -30.91 6.55
CA SER B 421 11.58 -31.92 5.86
C SER B 421 12.14 -31.37 4.54
N GLU B 422 12.07 -30.07 4.33
CA GLU B 422 12.52 -29.43 3.10
C GLU B 422 12.78 -27.97 3.41
N PRO B 423 13.54 -27.28 2.56
CA PRO B 423 13.68 -25.84 2.73
C PRO B 423 12.35 -25.15 2.55
N PRO B 424 12.12 -24.05 3.27
CA PRO B 424 10.85 -23.33 3.13
C PRO B 424 10.78 -22.60 1.80
N LYS B 425 9.61 -22.06 1.51
CA LYS B 425 9.34 -21.37 0.27
C LYS B 425 9.18 -19.88 0.50
N ASP B 426 9.38 -19.11 -0.57
CA ASP B 426 9.32 -17.66 -0.47
C ASP B 426 7.89 -17.13 -0.40
N LYS B 427 6.95 -17.78 -1.08
CA LYS B 427 5.56 -17.34 -1.06
C LYS B 427 4.65 -18.51 -1.39
N THR B 428 3.38 -18.34 -1.08
CA THR B 428 2.38 -19.37 -1.34
C THR B 428 2.09 -19.45 -2.84
N ILE B 429 1.32 -20.47 -3.22
CA ILE B 429 1.06 -20.79 -4.62
C ILE B 429 -0.29 -20.20 -5.02
N ILE B 430 -0.32 -19.56 -6.19
CA ILE B 430 -1.54 -19.07 -6.80
C ILE B 430 -2.06 -20.11 -7.78
N LEU B 431 -3.31 -20.52 -7.62
CA LEU B 431 -3.91 -21.56 -8.44
C LEU B 431 -5.19 -21.03 -9.05
N GLU B 432 -5.27 -21.06 -10.39
CA GLU B 432 -6.47 -20.62 -11.09
C GLU B 432 -7.43 -21.80 -11.26
N GLN B 433 -8.72 -21.54 -11.06
CA GLN B 433 -9.71 -22.61 -11.10
C GLN B 433 -10.96 -22.13 -11.83
N LEU B 434 -11.55 -23.03 -12.61
CA LEU B 434 -12.80 -22.74 -13.31
C LEU B 434 -13.98 -23.11 -12.44
N ARG B 435 -15.11 -22.45 -12.69
CA ARG B 435 -16.35 -22.70 -11.96
C ARG B 435 -17.26 -23.56 -12.82
N LYS B 436 -17.59 -24.75 -12.32
CA LYS B 436 -18.34 -25.73 -13.08
C LYS B 436 -19.81 -25.75 -12.65
N ILE B 437 -20.63 -26.37 -13.48
CA ILE B 437 -22.05 -26.54 -13.19
C ILE B 437 -22.23 -27.73 -12.25
N SER B 438 -23.24 -27.65 -11.39
CA SER B 438 -23.52 -28.75 -10.47
C SER B 438 -24.06 -29.95 -11.24
N LEU B 439 -23.40 -31.10 -11.06
CA LEU B 439 -23.76 -32.35 -11.74
C LEU B 439 -25.13 -32.91 -11.36
N PRO B 440 -25.62 -32.83 -10.10
CA PRO B 440 -27.02 -33.20 -9.86
C PRO B 440 -28.02 -32.38 -10.66
N LEU B 441 -27.77 -31.08 -10.82
CA LEU B 441 -28.65 -30.24 -11.61
C LEU B 441 -28.68 -30.68 -13.07
N TYR B 442 -27.50 -30.98 -13.63
CA TYR B 442 -27.41 -31.45 -15.01
C TYR B 442 -28.12 -32.79 -15.18
N SER B 443 -27.96 -33.70 -14.21
CA SER B 443 -28.61 -35.00 -14.29
C SER B 443 -30.13 -34.86 -14.25
N ILE B 444 -30.63 -34.03 -13.34
CA ILE B 444 -32.07 -33.85 -13.18
C ILE B 444 -32.67 -33.24 -14.43
N LEU B 445 -32.04 -32.18 -14.95
CA LEU B 445 -32.60 -31.52 -16.13
C LEU B 445 -32.51 -32.40 -17.37
N SER B 446 -31.44 -33.20 -17.50
CA SER B 446 -31.35 -34.11 -18.62
C SER B 446 -32.40 -35.21 -18.55
N ALA B 447 -32.70 -35.70 -17.33
CA ALA B 447 -33.73 -36.71 -17.18
C ALA B 447 -35.12 -36.15 -17.51
N LEU B 448 -35.37 -34.91 -17.09
CA LEU B 448 -36.65 -34.28 -17.41
C LEU B 448 -36.80 -34.05 -18.91
N THR B 449 -35.72 -33.62 -19.58
CA THR B 449 -35.79 -33.42 -21.02
C THR B 449 -35.95 -34.74 -21.76
N ILE B 450 -35.36 -35.81 -21.25
CA ILE B 450 -35.52 -37.13 -21.86
C ILE B 450 -36.97 -37.61 -21.71
N LEU B 451 -37.58 -37.35 -20.55
CA LEU B 451 -38.98 -37.72 -20.35
C LEU B 451 -39.90 -36.94 -21.29
N GLY B 452 -39.60 -35.65 -21.48
CA GLY B 452 -40.35 -34.88 -22.46
C GLY B 452 -40.17 -35.40 -23.87
N MET B 453 -38.96 -35.91 -24.17
CA MET B 453 -38.71 -36.52 -25.47
C MET B 453 -39.54 -37.78 -25.68
N ILE B 454 -39.69 -38.60 -24.64
CA ILE B 454 -40.52 -39.80 -24.75
C ILE B 454 -41.98 -39.43 -24.94
N MET B 455 -42.45 -38.38 -24.26
CA MET B 455 -43.83 -37.92 -24.46
C MET B 455 -44.03 -37.39 -25.88
N ALA B 456 -43.02 -36.70 -26.43
CA ALA B 456 -43.11 -36.24 -27.82
C ALA B 456 -43.13 -37.43 -28.78
N SER B 457 -42.38 -38.48 -28.48
CA SER B 457 -42.41 -39.69 -29.30
C SER B 457 -43.80 -40.32 -29.30
N ALA B 458 -44.45 -40.34 -28.13
CA ALA B 458 -45.81 -40.86 -28.05
C ALA B 458 -46.78 -40.00 -28.85
N PHE B 459 -46.63 -38.67 -28.79
CA PHE B 459 -47.51 -37.78 -29.54
C PHE B 459 -47.34 -37.96 -31.05
N LEU B 460 -46.10 -38.10 -31.51
CA LEU B 460 -45.87 -38.33 -32.94
C LEU B 460 -46.41 -39.69 -33.37
N PHE B 461 -46.28 -40.70 -32.51
CA PHE B 461 -46.88 -42.00 -32.77
C PHE B 461 -48.39 -41.87 -32.96
N PHE B 462 -49.05 -41.09 -32.10
CA PHE B 462 -50.49 -40.90 -32.24
C PHE B 462 -50.82 -40.16 -33.54
N ASN B 463 -49.99 -39.18 -33.91
CA ASN B 463 -50.28 -38.40 -35.11
C ASN B 463 -50.14 -39.24 -36.39
N ILE B 464 -49.17 -40.15 -36.41
CA ILE B 464 -49.03 -40.99 -37.61
C ILE B 464 -49.98 -42.19 -37.59
N LYS B 465 -50.41 -42.66 -36.42
CA LYS B 465 -51.18 -43.89 -36.34
C LYS B 465 -52.57 -43.74 -36.94
N ASN B 466 -53.36 -42.78 -36.44
CA ASN B 466 -54.73 -42.59 -36.87
C ASN B 466 -54.87 -41.42 -37.83
N ARG B 467 -53.91 -41.27 -38.74
CA ARG B 467 -53.91 -40.16 -39.70
C ARG B 467 -55.05 -40.24 -40.71
N ASN B 468 -55.65 -41.41 -40.89
CA ASN B 468 -56.76 -41.60 -41.83
C ASN B 468 -57.87 -42.41 -41.16
N GLN B 469 -58.21 -42.04 -39.92
CA GLN B 469 -59.19 -42.77 -39.13
C GLN B 469 -60.29 -41.81 -38.70
N LYS B 470 -61.53 -42.14 -39.07
CA LYS B 470 -62.76 -41.47 -38.66
C LYS B 470 -62.81 -40.00 -39.08
N LEU B 471 -61.93 -39.58 -40.00
CA LEU B 471 -61.87 -38.21 -40.53
C LEU B 471 -61.71 -37.18 -39.41
N ILE B 472 -60.56 -37.25 -38.73
CA ILE B 472 -60.31 -36.35 -37.61
C ILE B 472 -59.78 -35.04 -38.16
N LYS B 473 -60.71 -34.18 -38.59
CA LYS B 473 -60.54 -32.81 -39.09
C LYS B 473 -59.85 -32.74 -40.45
N MET B 474 -59.32 -33.86 -40.93
CA MET B 474 -58.67 -34.04 -42.23
C MET B 474 -57.72 -32.91 -42.62
N SER B 475 -56.99 -32.35 -41.65
CA SER B 475 -56.19 -31.17 -41.90
C SER B 475 -54.84 -31.28 -41.22
N SER B 476 -53.81 -30.88 -41.95
CA SER B 476 -52.44 -30.78 -41.46
C SER B 476 -51.86 -32.04 -40.81
N PRO B 477 -51.70 -33.16 -41.56
CA PRO B 477 -50.85 -34.24 -41.05
C PRO B 477 -49.39 -33.84 -41.09
N TYR B 478 -48.95 -33.40 -42.28
CA TYR B 478 -47.56 -33.03 -42.49
C TYR B 478 -47.17 -31.83 -41.64
N MET B 479 -48.08 -30.87 -41.49
CA MET B 479 -47.78 -29.68 -40.70
C MET B 479 -47.66 -29.99 -39.22
N ASN B 480 -48.50 -30.89 -38.71
CA ASN B 480 -48.38 -31.29 -37.31
C ASN B 480 -47.10 -32.10 -37.09
N ASN B 481 -46.73 -32.94 -38.06
CA ASN B 481 -45.44 -33.63 -38.00
C ASN B 481 -44.29 -32.63 -37.98
N LEU B 482 -44.43 -31.53 -38.73
CA LEU B 482 -43.35 -30.54 -38.78
C LEU B 482 -43.27 -29.76 -37.47
N ILE B 483 -44.42 -29.45 -36.86
CA ILE B 483 -44.43 -28.81 -35.53
C ILE B 483 -43.73 -29.68 -34.51
N ILE B 484 -44.07 -30.98 -34.46
CA ILE B 484 -43.50 -31.81 -33.41
C ILE B 484 -42.03 -32.12 -33.72
N LEU B 485 -41.64 -32.14 -35.00
CA LEU B 485 -40.22 -32.25 -35.32
C LEU B 485 -39.47 -31.00 -34.93
N GLY B 486 -40.11 -29.82 -35.03
CA GLY B 486 -39.47 -28.61 -34.55
C GLY B 486 -39.28 -28.61 -33.04
N GLY B 487 -40.26 -29.13 -32.30
CA GLY B 487 -40.09 -29.26 -30.86
C GLY B 487 -38.99 -30.24 -30.49
N MET B 488 -38.93 -31.36 -31.20
CA MET B 488 -37.85 -32.32 -31.00
C MET B 488 -36.50 -31.71 -31.33
N LEU B 489 -36.45 -30.83 -32.33
CA LEU B 489 -35.22 -30.17 -32.71
C LEU B 489 -34.83 -29.09 -31.71
N SER B 490 -35.82 -28.54 -31.01
CA SER B 490 -35.56 -27.54 -29.99
C SER B 490 -35.07 -28.15 -28.68
N TYR B 491 -35.48 -29.38 -28.38
CA TYR B 491 -35.00 -30.03 -27.15
C TYR B 491 -33.51 -30.31 -27.17
N ALA B 492 -32.92 -30.51 -28.34
CA ALA B 492 -31.48 -30.70 -28.42
C ALA B 492 -30.71 -29.44 -28.02
N SER B 493 -31.34 -28.27 -28.09
CA SER B 493 -30.68 -27.05 -27.63
C SER B 493 -30.43 -27.10 -26.13
N ILE B 494 -31.44 -27.48 -25.34
CA ILE B 494 -31.23 -27.56 -23.89
C ILE B 494 -30.44 -28.82 -23.54
N PHE B 495 -30.42 -29.83 -24.42
CA PHE B 495 -29.37 -30.84 -24.31
C PHE B 495 -27.98 -30.23 -24.48
N LEU B 496 -27.87 -29.18 -25.30
CA LEU B 496 -26.58 -28.65 -25.73
C LEU B 496 -26.04 -27.52 -24.86
N PHE B 497 -26.88 -26.89 -24.04
CA PHE B 497 -26.47 -25.69 -23.32
C PHE B 497 -25.35 -25.97 -22.31
N GLY B 498 -25.59 -26.89 -21.39
CA GLY B 498 -24.73 -27.03 -20.23
C GLY B 498 -23.39 -27.69 -20.48
N LEU B 499 -22.49 -26.99 -21.16
CA LEU B 499 -21.14 -27.47 -21.39
C LEU B 499 -20.22 -27.01 -20.26
N ASP B 500 -18.97 -27.49 -20.32
CA ASP B 500 -17.93 -27.07 -19.39
C ASP B 500 -16.59 -27.16 -20.09
N GLY B 501 -15.65 -26.30 -19.65
CA GLY B 501 -14.33 -26.28 -20.25
C GLY B 501 -13.53 -27.54 -20.02
N SER B 502 -13.84 -28.29 -18.96
CA SER B 502 -13.18 -29.56 -18.71
C SER B 502 -13.70 -30.68 -19.62
N PHE B 503 -14.90 -30.54 -20.17
CA PHE B 503 -15.50 -31.56 -21.01
C PHE B 503 -15.47 -31.21 -22.49
N VAL B 504 -14.80 -30.13 -22.86
CA VAL B 504 -14.70 -29.76 -24.27
C VAL B 504 -13.23 -29.69 -24.67
N SER B 505 -12.35 -29.46 -23.68
CA SER B 505 -10.89 -29.45 -23.84
C SER B 505 -10.42 -28.49 -24.92
N GLU B 506 -11.21 -27.44 -25.19
CA GLU B 506 -11.00 -26.49 -26.28
C GLU B 506 -10.82 -27.23 -27.62
N LYS B 507 -11.77 -28.11 -27.91
CA LYS B 507 -11.78 -28.85 -29.16
C LYS B 507 -12.97 -28.52 -30.05
N THR B 508 -14.17 -28.44 -29.47
CA THR B 508 -15.38 -28.14 -30.22
C THR B 508 -16.12 -26.93 -29.67
N PHE B 509 -15.54 -26.21 -28.71
CA PHE B 509 -16.24 -25.08 -28.10
C PHE B 509 -16.40 -23.92 -29.08
N GLU B 510 -15.47 -23.76 -30.00
CA GLU B 510 -15.56 -22.67 -30.96
C GLU B 510 -16.60 -22.92 -32.06
N THR B 511 -17.27 -24.07 -32.06
CA THR B 511 -18.27 -24.41 -33.07
C THR B 511 -19.64 -24.68 -32.48
N LEU B 512 -19.71 -25.30 -31.29
CA LEU B 512 -21.00 -25.60 -30.68
C LEU B 512 -21.73 -24.32 -30.30
N CYS B 513 -21.00 -23.29 -29.88
CA CYS B 513 -21.61 -22.03 -29.50
C CYS B 513 -22.30 -21.35 -30.69
N THR B 514 -21.76 -21.52 -31.89
CA THR B 514 -22.35 -20.89 -33.06
C THR B 514 -23.24 -21.82 -33.87
N VAL B 515 -23.35 -23.09 -33.51
CA VAL B 515 -24.42 -23.93 -34.08
C VAL B 515 -25.61 -24.10 -33.15
N ARG B 516 -25.46 -23.74 -31.86
CA ARG B 516 -26.61 -23.72 -30.96
C ARG B 516 -27.67 -22.72 -31.43
N THR B 517 -27.24 -21.54 -31.85
CA THR B 517 -28.17 -20.56 -32.39
C THR B 517 -28.80 -21.05 -33.69
N TRP B 518 -28.02 -21.78 -34.49
CA TRP B 518 -28.53 -22.38 -35.73
C TRP B 518 -29.69 -23.32 -35.44
N ILE B 519 -29.48 -24.29 -34.56
CA ILE B 519 -30.51 -25.31 -34.31
C ILE B 519 -31.72 -24.68 -33.61
N LEU B 520 -31.48 -23.74 -32.69
CA LEU B 520 -32.59 -23.11 -31.97
C LEU B 520 -33.45 -22.27 -32.91
N THR B 521 -32.82 -21.47 -33.78
CA THR B 521 -33.58 -20.60 -34.68
C THR B 521 -34.31 -21.41 -35.73
N VAL B 522 -33.70 -22.50 -36.22
CA VAL B 522 -34.39 -23.35 -37.19
C VAL B 522 -35.62 -23.99 -36.57
N GLY B 523 -35.49 -24.49 -35.33
CA GLY B 523 -36.65 -25.07 -34.66
C GLY B 523 -37.76 -24.07 -34.41
N TYR B 524 -37.38 -22.86 -33.96
CA TYR B 524 -38.36 -21.79 -33.72
C TYR B 524 -39.11 -21.42 -34.99
N THR B 525 -38.36 -21.19 -36.09
CA THR B 525 -38.97 -20.76 -37.34
C THR B 525 -39.88 -21.82 -37.90
N THR B 526 -39.42 -23.08 -37.94
CA THR B 526 -40.24 -24.12 -38.54
C THR B 526 -41.47 -24.41 -37.66
N ALA B 527 -41.36 -24.24 -36.34
CA ALA B 527 -42.50 -24.47 -35.47
C ALA B 527 -43.58 -23.41 -35.71
N PHE B 528 -43.19 -22.13 -35.68
CA PHE B 528 -44.20 -21.09 -35.88
C PHE B 528 -44.75 -21.07 -37.30
N GLY B 529 -43.93 -21.42 -38.28
CA GLY B 529 -44.42 -21.46 -39.66
C GLY B 529 -45.41 -22.58 -39.88
N ALA B 530 -45.10 -23.79 -39.38
CA ALA B 530 -46.05 -24.89 -39.50
C ALA B 530 -47.28 -24.67 -38.62
N MET B 531 -47.18 -23.82 -37.59
CA MET B 531 -48.38 -23.44 -36.86
C MET B 531 -49.25 -22.51 -37.70
N PHE B 532 -48.65 -21.48 -38.32
CA PHE B 532 -49.44 -20.46 -39.01
C PHE B 532 -49.95 -20.91 -40.37
N ALA B 533 -49.32 -21.91 -40.99
CA ALA B 533 -49.74 -22.34 -42.32
C ALA B 533 -51.15 -22.94 -42.32
N LYS B 534 -51.52 -23.61 -41.24
CA LYS B 534 -52.86 -24.18 -41.13
C LYS B 534 -53.92 -23.09 -41.16
N THR B 535 -53.75 -22.06 -40.33
CA THR B 535 -54.71 -20.96 -40.30
C THR B 535 -54.70 -20.16 -41.59
N TRP B 536 -53.55 -20.07 -42.26
CA TRP B 536 -53.50 -19.45 -43.58
C TRP B 536 -54.33 -20.24 -44.59
N ARG B 537 -54.26 -21.58 -44.51
CA ARG B 537 -55.05 -22.41 -45.42
C ARG B 537 -56.54 -22.29 -45.13
N VAL B 538 -56.93 -22.25 -43.84
CA VAL B 538 -58.34 -22.09 -43.50
C VAL B 538 -58.86 -20.72 -43.91
N HIS B 539 -58.03 -19.68 -43.83
CA HIS B 539 -58.46 -18.38 -44.33
C HIS B 539 -58.52 -18.36 -45.85
N ALA B 540 -57.68 -19.15 -46.52
CA ALA B 540 -57.68 -19.16 -47.98
C ALA B 540 -58.86 -19.93 -48.54
N ILE B 541 -59.30 -20.99 -47.86
CA ILE B 541 -60.37 -21.83 -48.42
C ILE B 541 -61.74 -21.17 -48.28
N PHE B 542 -61.92 -20.27 -47.31
CA PHE B 542 -63.19 -19.62 -47.06
C PHE B 542 -63.31 -18.27 -47.78
N LYS B 543 -62.66 -18.12 -48.93
CA LYS B 543 -62.72 -16.88 -49.68
C LYS B 543 -62.51 -17.17 -51.16
N ASN B 544 -62.94 -16.21 -51.99
CA ASN B 544 -62.82 -16.28 -53.46
C ASN B 544 -63.54 -17.50 -54.03
N VAL B 545 -64.68 -17.83 -53.44
CA VAL B 545 -65.47 -18.98 -53.88
C VAL B 545 -66.21 -18.66 -55.17
N LYS B 548 -68.44 -24.41 -53.89
CA LYS B 548 -67.47 -25.13 -54.71
C LYS B 548 -66.06 -24.95 -54.17
N LYS B 549 -65.59 -25.93 -53.41
CA LYS B 549 -64.27 -25.89 -52.81
C LYS B 549 -63.54 -27.20 -53.08
N LYS B 550 -62.22 -27.13 -53.00
CA LYS B 550 -61.35 -28.28 -53.22
C LYS B 550 -59.99 -27.96 -52.59
N ILE B 551 -58.99 -28.79 -52.90
CA ILE B 551 -57.64 -28.53 -52.42
C ILE B 551 -57.06 -27.35 -53.18
N ILE B 552 -56.46 -26.41 -52.44
CA ILE B 552 -55.95 -25.19 -53.03
C ILE B 552 -54.44 -25.32 -53.25
N LYS B 553 -53.77 -26.08 -52.37
CA LYS B 553 -52.33 -26.24 -52.45
C LYS B 553 -51.93 -27.51 -51.73
N ASP B 554 -51.22 -28.40 -52.45
CA ASP B 554 -50.76 -29.64 -51.83
C ASP B 554 -49.44 -29.44 -51.10
N GLN B 555 -48.52 -28.65 -51.68
CA GLN B 555 -47.23 -28.42 -51.06
C GLN B 555 -46.77 -26.97 -51.17
N LYS B 556 -47.63 -26.04 -51.62
CA LYS B 556 -47.21 -24.66 -51.75
C LYS B 556 -47.04 -23.99 -50.39
N LEU B 557 -47.84 -24.37 -49.40
CA LEU B 557 -47.64 -23.87 -48.05
C LEU B 557 -46.34 -24.40 -47.45
N LEU B 558 -46.01 -25.67 -47.74
CA LEU B 558 -44.72 -26.21 -47.35
C LEU B 558 -43.59 -25.46 -48.03
N VAL B 559 -43.79 -25.07 -49.29
CA VAL B 559 -42.78 -24.32 -50.02
C VAL B 559 -42.58 -22.94 -49.40
N ILE B 560 -43.66 -22.28 -48.98
CA ILE B 560 -43.50 -20.94 -48.45
C ILE B 560 -42.95 -20.96 -47.02
N VAL B 561 -43.27 -21.98 -46.21
CA VAL B 561 -42.63 -22.05 -44.90
C VAL B 561 -41.17 -22.46 -45.04
N GLY B 562 -40.84 -23.26 -46.06
CA GLY B 562 -39.45 -23.55 -46.34
C GLY B 562 -38.69 -22.32 -46.81
N GLY B 563 -39.36 -21.44 -47.56
CA GLY B 563 -38.75 -20.19 -47.96
C GLY B 563 -38.49 -19.27 -46.77
N MET B 564 -39.44 -19.23 -45.82
CA MET B 564 -39.24 -18.45 -44.60
C MET B 564 -38.08 -18.99 -43.78
N LEU B 565 -38.03 -20.32 -43.60
CA LEU B 565 -36.93 -20.92 -42.85
C LEU B 565 -35.59 -20.71 -43.55
N LEU B 566 -35.59 -20.74 -44.89
CA LEU B 566 -34.35 -20.57 -45.64
C LEU B 566 -33.85 -19.14 -45.56
N ILE B 567 -34.74 -18.15 -45.66
CA ILE B 567 -34.28 -16.76 -45.60
C ILE B 567 -33.82 -16.42 -44.19
N ASP B 568 -34.50 -16.93 -43.16
CA ASP B 568 -34.03 -16.64 -41.81
C ASP B 568 -32.82 -17.47 -41.41
N LEU B 569 -32.53 -18.56 -42.12
CA LEU B 569 -31.29 -19.29 -41.87
C LEU B 569 -30.11 -18.65 -42.60
N CYS B 570 -30.34 -18.14 -43.81
CA CYS B 570 -29.29 -17.39 -44.50
C CYS B 570 -29.00 -16.09 -43.77
N ILE B 571 -30.00 -15.53 -43.06
CA ILE B 571 -29.77 -14.40 -42.16
C ILE B 571 -28.66 -14.72 -41.16
N LEU B 572 -28.65 -15.95 -40.64
CA LEU B 572 -27.57 -16.36 -39.75
C LEU B 572 -26.28 -16.62 -40.52
N ILE B 573 -26.38 -17.34 -41.64
CA ILE B 573 -25.18 -17.87 -42.31
C ILE B 573 -24.34 -16.75 -42.92
N CYS B 574 -24.97 -15.67 -43.39
CA CYS B 574 -24.23 -14.53 -43.93
C CYS B 574 -23.62 -13.63 -42.86
N TRP B 575 -23.51 -14.10 -41.62
CA TRP B 575 -22.79 -13.41 -40.56
C TRP B 575 -21.38 -13.95 -40.34
N GLN B 576 -21.20 -15.27 -40.50
CA GLN B 576 -19.89 -15.90 -40.27
C GLN B 576 -19.10 -15.97 -41.57
N ALA B 577 -18.77 -14.80 -42.09
CA ALA B 577 -17.80 -14.70 -43.17
C ALA B 577 -16.69 -13.71 -42.85
N VAL B 578 -17.03 -12.59 -42.21
CA VAL B 578 -16.03 -11.64 -41.71
C VAL B 578 -16.18 -11.37 -40.22
N ASP B 579 -17.39 -11.46 -39.67
CA ASP B 579 -17.67 -11.06 -38.29
C ASP B 579 -17.72 -12.29 -37.38
N PRO B 580 -16.74 -12.48 -36.48
CA PRO B 580 -16.75 -13.64 -35.59
C PRO B 580 -17.41 -13.38 -34.25
N LEU B 581 -17.53 -14.44 -33.44
CA LEU B 581 -18.03 -14.30 -32.06
C LEU B 581 -17.46 -15.48 -31.27
N ARG B 582 -16.39 -15.22 -30.51
CA ARG B 582 -15.65 -16.32 -29.88
C ARG B 582 -15.48 -16.12 -28.37
N ARG B 583 -14.64 -16.92 -27.74
CA ARG B 583 -14.56 -16.94 -26.28
C ARG B 583 -13.69 -15.80 -25.75
N THR B 584 -14.13 -15.21 -24.64
CA THR B 584 -13.36 -14.24 -23.86
C THR B 584 -13.47 -14.67 -22.39
N VAL B 585 -12.55 -15.52 -21.95
CA VAL B 585 -12.55 -15.98 -20.56
C VAL B 585 -12.11 -14.86 -19.64
N GLU B 586 -12.88 -14.64 -18.57
CA GLU B 586 -12.59 -13.59 -17.61
C GLU B 586 -12.31 -14.21 -16.25
N LYS B 587 -11.84 -13.38 -15.33
CA LYS B 587 -11.43 -13.82 -14.00
C LYS B 587 -11.89 -12.81 -12.96
N TYR B 588 -11.98 -13.27 -11.71
CA TYR B 588 -12.40 -12.41 -10.61
C TYR B 588 -11.47 -12.66 -9.42
N SER B 589 -10.42 -11.84 -9.32
CA SER B 589 -9.38 -12.03 -8.30
C SER B 589 -9.92 -11.58 -6.95
N MET B 590 -10.60 -12.50 -6.26
CA MET B 590 -11.08 -12.31 -4.90
C MET B 590 -10.67 -13.50 -4.05
N GLU B 591 -9.39 -13.86 -4.14
CA GLU B 591 -8.80 -15.13 -3.72
C GLU B 591 -9.00 -15.44 -2.24
N PRO B 592 -9.86 -16.42 -1.92
CA PRO B 592 -9.99 -16.86 -0.54
C PRO B 592 -9.07 -18.03 -0.23
N ASP B 593 -9.18 -18.58 0.98
CA ASP B 593 -8.45 -19.80 1.32
C ASP B 593 -9.28 -21.04 1.03
N PRO B 594 -8.62 -22.20 0.85
CA PRO B 594 -9.38 -23.46 0.75
C PRO B 594 -9.84 -23.96 2.11
N ALA B 595 -10.41 -25.16 2.15
CA ALA B 595 -10.91 -25.75 3.39
C ALA B 595 -9.73 -26.21 4.24
N GLY B 596 -9.06 -25.24 4.87
CA GLY B 596 -7.94 -25.52 5.74
C GLY B 596 -6.58 -25.37 5.11
N ARG B 597 -6.50 -25.27 3.79
CA ARG B 597 -5.21 -25.21 3.11
C ARG B 597 -4.73 -23.76 3.00
N ASP B 598 -3.55 -23.58 2.41
CA ASP B 598 -2.94 -22.28 2.25
C ASP B 598 -2.73 -21.86 0.80
N ILE B 599 -3.00 -22.75 -0.16
CA ILE B 599 -2.81 -22.42 -1.57
C ILE B 599 -3.89 -21.44 -2.00
N SER B 600 -3.49 -20.23 -2.35
CA SER B 600 -4.45 -19.19 -2.70
C SER B 600 -5.00 -19.44 -4.10
N ILE B 601 -6.32 -19.60 -4.21
CA ILE B 601 -6.97 -19.95 -5.46
C ILE B 601 -7.83 -18.78 -5.92
N ARG B 602 -7.84 -18.57 -7.24
CA ARG B 602 -8.67 -17.56 -7.85
C ARG B 602 -9.67 -18.21 -8.80
N PRO B 603 -10.87 -17.63 -8.95
CA PRO B 603 -11.82 -18.14 -9.94
C PRO B 603 -11.74 -17.40 -11.26
N LEU B 604 -11.88 -18.17 -12.34
CA LEU B 604 -12.04 -17.62 -13.67
C LEU B 604 -13.07 -18.45 -14.41
N LEU B 605 -13.86 -17.81 -15.26
CA LEU B 605 -14.93 -18.47 -15.99
C LEU B 605 -14.92 -18.02 -17.45
N GLU B 606 -15.35 -18.92 -18.32
CA GLU B 606 -15.32 -18.69 -19.75
C GLU B 606 -16.64 -18.12 -20.24
N HIS B 607 -16.65 -17.73 -21.52
CA HIS B 607 -17.83 -17.15 -22.16
C HIS B 607 -17.77 -17.47 -23.64
N CYS B 608 -18.78 -16.98 -24.37
CA CYS B 608 -18.77 -17.01 -25.84
C CYS B 608 -19.46 -15.73 -26.29
N GLU B 609 -18.67 -14.69 -26.53
CA GLU B 609 -19.17 -13.33 -26.73
C GLU B 609 -18.65 -12.75 -28.04
N ASN B 610 -18.91 -11.45 -28.23
CA ASN B 610 -18.45 -10.72 -29.38
C ASN B 610 -18.30 -9.26 -29.00
N THR B 611 -17.66 -8.49 -29.89
CA THR B 611 -17.45 -7.07 -29.66
C THR B 611 -18.67 -6.22 -30.02
N HIS B 612 -19.77 -6.85 -30.44
CA HIS B 612 -20.98 -6.17 -30.85
C HIS B 612 -22.20 -6.85 -30.23
N MET B 613 -22.12 -7.12 -28.92
CA MET B 613 -23.15 -7.90 -28.25
C MET B 613 -24.48 -7.16 -28.14
N THR B 614 -24.48 -5.83 -28.21
CA THR B 614 -25.71 -5.05 -28.15
C THR B 614 -26.47 -5.06 -29.48
N ILE B 615 -25.86 -5.60 -30.54
CA ILE B 615 -26.46 -5.63 -31.87
C ILE B 615 -26.67 -7.10 -32.21
N TRP B 616 -27.19 -7.37 -33.42
CA TRP B 616 -27.50 -8.72 -33.92
C TRP B 616 -28.56 -9.42 -33.06
N LEU B 617 -29.40 -8.64 -32.40
CA LEU B 617 -30.55 -9.16 -31.68
C LEU B 617 -31.84 -8.46 -32.05
N GLY B 618 -31.79 -7.15 -32.29
CA GLY B 618 -32.99 -6.41 -32.60
C GLY B 618 -33.62 -6.80 -33.92
N ILE B 619 -32.80 -7.16 -34.90
CA ILE B 619 -33.33 -7.54 -36.22
C ILE B 619 -34.12 -8.84 -36.13
N VAL B 620 -33.54 -9.86 -35.49
CA VAL B 620 -34.22 -11.14 -35.39
C VAL B 620 -35.43 -11.03 -34.47
N TYR B 621 -35.35 -10.22 -33.41
CA TYR B 621 -36.49 -10.05 -32.53
C TYR B 621 -37.63 -9.30 -33.23
N ALA B 622 -37.29 -8.31 -34.06
CA ALA B 622 -38.32 -7.57 -34.79
C ALA B 622 -38.97 -8.44 -35.84
N TYR B 623 -38.19 -9.30 -36.51
CA TYR B 623 -38.81 -10.16 -37.52
C TYR B 623 -39.66 -11.25 -36.88
N LYS B 624 -39.27 -11.72 -35.69
CA LYS B 624 -40.16 -12.64 -34.97
C LYS B 624 -41.42 -11.92 -34.50
N GLY B 625 -41.31 -10.64 -34.11
CA GLY B 625 -42.51 -9.88 -33.77
C GLY B 625 -43.43 -9.67 -34.97
N LEU B 626 -42.84 -9.49 -36.15
CA LEU B 626 -43.64 -9.41 -37.37
C LEU B 626 -44.36 -10.72 -37.65
N LEU B 627 -43.69 -11.85 -37.40
CA LEU B 627 -44.33 -13.15 -37.54
C LEU B 627 -45.47 -13.31 -36.54
N MET B 628 -45.27 -12.81 -35.31
CA MET B 628 -46.34 -12.83 -34.31
C MET B 628 -47.53 -11.98 -34.74
N LEU B 629 -47.25 -10.83 -35.38
CA LEU B 629 -48.33 -9.97 -35.85
C LEU B 629 -49.09 -10.62 -37.00
N PHE B 630 -48.39 -11.34 -37.88
CA PHE B 630 -49.07 -12.08 -38.94
C PHE B 630 -49.94 -13.19 -38.37
N GLY B 631 -49.45 -13.88 -37.32
CA GLY B 631 -50.27 -14.85 -36.64
C GLY B 631 -51.48 -14.22 -35.96
N CYS B 632 -51.31 -13.00 -35.46
CA CYS B 632 -52.44 -12.27 -34.87
C CYS B 632 -53.47 -11.92 -35.94
N PHE B 633 -53.01 -11.56 -37.14
CA PHE B 633 -53.93 -11.31 -38.24
C PHE B 633 -54.69 -12.57 -38.62
N LEU B 634 -54.00 -13.72 -38.64
CA LEU B 634 -54.66 -14.97 -38.97
C LEU B 634 -55.68 -15.36 -37.90
N ALA B 635 -55.36 -15.10 -36.63
CA ALA B 635 -56.31 -15.36 -35.55
C ALA B 635 -57.52 -14.43 -35.63
N TRP B 636 -57.29 -13.18 -36.05
CA TRP B 636 -58.40 -12.26 -36.28
C TRP B 636 -59.30 -12.76 -37.40
N GLU B 637 -58.70 -13.22 -38.51
CA GLU B 637 -59.48 -13.66 -39.65
C GLU B 637 -60.23 -14.95 -39.35
N THR B 638 -59.69 -15.81 -38.49
CA THR B 638 -60.33 -17.08 -38.17
C THR B 638 -61.26 -16.99 -36.97
N ARG B 639 -61.17 -15.94 -36.16
CA ARG B 639 -61.98 -15.88 -34.95
C ARG B 639 -63.44 -15.56 -35.24
N ASN B 640 -63.71 -14.83 -36.32
CA ASN B 640 -65.07 -14.43 -36.66
C ASN B 640 -65.78 -15.44 -37.55
N VAL B 641 -65.40 -16.71 -37.48
CA VAL B 641 -65.98 -17.75 -38.32
C VAL B 641 -66.88 -18.68 -37.53
N SER B 642 -66.50 -19.00 -36.28
CA SER B 642 -67.19 -19.98 -35.43
C SER B 642 -67.32 -21.33 -36.14
N ILE B 643 -66.19 -21.79 -36.69
CA ILE B 643 -66.13 -23.00 -37.51
C ILE B 643 -66.21 -24.22 -36.59
N PRO B 644 -66.50 -25.43 -37.11
CA PRO B 644 -66.40 -26.64 -36.28
C PRO B 644 -64.96 -27.00 -35.91
N ALA B 645 -64.79 -28.16 -35.27
CA ALA B 645 -63.50 -28.57 -34.71
C ALA B 645 -62.39 -28.76 -35.73
N LEU B 646 -62.69 -28.68 -37.03
CA LEU B 646 -61.63 -28.73 -38.04
C LEU B 646 -60.75 -27.50 -37.98
N ASN B 647 -61.29 -26.37 -37.57
CA ASN B 647 -60.53 -25.13 -37.44
C ASN B 647 -60.34 -24.78 -35.96
N ASP B 648 -59.31 -23.99 -35.69
CA ASP B 648 -58.96 -23.62 -34.32
C ASP B 648 -58.46 -22.19 -34.32
N SER B 649 -59.09 -21.34 -33.52
CA SER B 649 -58.69 -19.95 -33.38
C SER B 649 -58.47 -19.52 -31.93
N LYS B 650 -58.75 -20.39 -30.97
CA LYS B 650 -58.57 -20.11 -29.55
C LYS B 650 -57.28 -20.69 -29.00
N TYR B 651 -56.95 -21.93 -29.38
CA TYR B 651 -55.74 -22.58 -28.92
C TYR B 651 -54.49 -21.83 -29.39
N ILE B 652 -54.53 -21.33 -30.62
CA ILE B 652 -53.38 -20.59 -31.16
C ILE B 652 -53.17 -19.28 -30.40
N GLY B 653 -54.27 -18.63 -30.01
CA GLY B 653 -54.15 -17.40 -29.25
C GLY B 653 -53.63 -17.64 -27.85
N MET B 654 -54.12 -18.69 -27.19
CA MET B 654 -53.60 -19.04 -25.86
C MET B 654 -52.12 -19.41 -25.93
N SER B 655 -51.72 -20.12 -26.99
CA SER B 655 -50.32 -20.51 -27.15
C SER B 655 -49.43 -19.30 -27.37
N VAL B 656 -49.85 -18.36 -28.24
CA VAL B 656 -48.97 -17.24 -28.51
C VAL B 656 -48.90 -16.30 -27.32
N TYR B 657 -50.00 -16.16 -26.57
CA TYR B 657 -49.97 -15.33 -25.37
C TYR B 657 -49.10 -15.96 -24.27
N ASN B 658 -49.12 -17.28 -24.14
CA ASN B 658 -48.30 -17.94 -23.14
C ASN B 658 -46.83 -18.03 -23.55
N VAL B 659 -46.54 -17.93 -24.84
CA VAL B 659 -45.14 -18.01 -25.29
C VAL B 659 -44.46 -16.64 -25.28
N GLY B 660 -45.16 -15.60 -25.75
CA GLY B 660 -44.50 -14.32 -25.96
C GLY B 660 -44.05 -13.66 -24.67
N ILE B 661 -44.92 -13.66 -23.66
CA ILE B 661 -44.59 -13.03 -22.38
C ILE B 661 -43.43 -13.76 -21.71
N MET B 662 -43.49 -15.10 -21.73
CA MET B 662 -42.42 -15.89 -21.12
C MET B 662 -41.10 -15.68 -21.82
N CYS B 663 -41.10 -15.60 -23.15
CA CYS B 663 -39.84 -15.38 -23.87
C CYS B 663 -39.28 -13.99 -23.61
N ILE B 664 -40.14 -12.96 -23.65
CA ILE B 664 -39.66 -11.60 -23.47
C ILE B 664 -39.28 -11.32 -22.01
N ILE B 665 -39.71 -12.18 -21.08
CA ILE B 665 -39.17 -12.07 -19.72
C ILE B 665 -37.85 -12.83 -19.60
N GLY B 666 -37.83 -14.06 -20.11
CA GLY B 666 -36.68 -14.94 -19.89
C GLY B 666 -35.42 -14.46 -20.59
N ALA B 667 -35.57 -13.81 -21.74
CA ALA B 667 -34.38 -13.28 -22.42
C ALA B 667 -33.72 -12.20 -21.58
N ALA B 668 -34.50 -11.23 -21.09
CA ALA B 668 -33.94 -10.15 -20.30
C ALA B 668 -33.45 -10.64 -18.94
N VAL B 669 -34.02 -11.72 -18.41
CA VAL B 669 -33.52 -12.25 -17.15
C VAL B 669 -32.19 -12.97 -17.36
N SER B 670 -32.12 -13.83 -18.38
CA SER B 670 -30.89 -14.59 -18.62
C SER B 670 -29.77 -13.71 -19.14
N PHE B 671 -30.06 -12.54 -19.72
CA PHE B 671 -28.99 -11.68 -20.19
C PHE B 671 -28.28 -10.93 -19.08
N LEU B 672 -28.84 -10.88 -17.87
CA LEU B 672 -28.30 -10.09 -16.79
C LEU B 672 -27.39 -10.87 -15.85
N THR B 673 -27.85 -12.03 -15.39
CA THR B 673 -27.11 -12.78 -14.37
C THR B 673 -25.88 -13.45 -14.98
N ARG B 674 -24.78 -12.71 -15.07
CA ARG B 674 -23.55 -13.23 -15.62
C ARG B 674 -22.61 -13.81 -14.56
N ASP B 675 -22.64 -13.26 -13.35
CA ASP B 675 -21.73 -13.66 -12.29
C ASP B 675 -22.26 -14.81 -11.45
N GLN B 676 -23.38 -15.42 -11.85
CA GLN B 676 -23.96 -16.55 -11.14
C GLN B 676 -24.25 -17.64 -12.17
N PRO B 677 -23.26 -18.47 -12.48
CA PRO B 677 -23.39 -19.43 -13.58
C PRO B 677 -24.26 -20.64 -13.27
N ASN B 678 -24.77 -20.77 -12.05
CA ASN B 678 -25.60 -21.90 -11.67
C ASN B 678 -27.07 -21.53 -11.49
N VAL B 679 -27.48 -20.35 -11.93
CA VAL B 679 -28.89 -19.99 -11.86
C VAL B 679 -29.44 -19.70 -13.25
N GLN B 680 -28.59 -19.25 -14.17
CA GLN B 680 -29.10 -18.94 -15.50
C GLN B 680 -29.37 -20.19 -16.30
N PHE B 681 -28.62 -21.27 -16.03
CA PHE B 681 -28.93 -22.56 -16.63
C PHE B 681 -30.30 -23.06 -16.18
N CYS B 682 -30.57 -22.95 -14.87
CA CYS B 682 -31.86 -23.35 -14.32
C CYS B 682 -33.00 -22.46 -14.79
N ILE B 683 -32.71 -21.21 -15.16
CA ILE B 683 -33.75 -20.35 -15.70
C ILE B 683 -34.06 -20.71 -17.15
N VAL B 684 -33.03 -20.84 -17.98
CA VAL B 684 -33.23 -21.09 -19.40
C VAL B 684 -33.84 -22.47 -19.63
N ALA B 685 -33.47 -23.45 -18.81
CA ALA B 685 -34.04 -24.79 -18.95
C ALA B 685 -35.55 -24.77 -18.72
N LEU B 686 -35.99 -24.11 -17.65
CA LEU B 686 -37.42 -24.03 -17.37
C LEU B 686 -38.14 -23.22 -18.43
N VAL B 687 -37.52 -22.14 -18.92
CA VAL B 687 -38.14 -21.30 -19.93
C VAL B 687 -38.38 -22.07 -21.22
N ILE B 688 -37.44 -22.94 -21.59
CA ILE B 688 -37.61 -23.73 -22.80
C ILE B 688 -38.65 -24.83 -22.60
N ILE B 689 -38.51 -25.59 -21.50
CA ILE B 689 -39.33 -26.78 -21.31
C ILE B 689 -40.79 -26.43 -21.08
N PHE B 690 -41.08 -25.37 -20.30
CA PHE B 690 -42.46 -25.00 -20.02
C PHE B 690 -43.17 -24.52 -21.28
N CYS B 691 -42.49 -23.70 -22.08
CA CYS B 691 -43.07 -23.22 -23.34
C CYS B 691 -43.35 -24.36 -24.30
N SER B 692 -42.39 -25.26 -24.48
CA SER B 692 -42.59 -26.33 -25.44
C SER B 692 -43.68 -27.30 -25.00
N THR B 693 -43.71 -27.63 -23.70
CA THR B 693 -44.74 -28.53 -23.19
C THR B 693 -46.13 -27.90 -23.31
N ILE B 694 -46.25 -26.61 -23.01
CA ILE B 694 -47.55 -25.95 -23.12
C ILE B 694 -48.00 -25.88 -24.57
N THR B 695 -47.07 -25.62 -25.50
CA THR B 695 -47.44 -25.56 -26.91
C THR B 695 -47.91 -26.92 -27.42
N LEU B 696 -47.18 -27.99 -27.08
CA LEU B 696 -47.57 -29.32 -27.53
C LEU B 696 -48.89 -29.75 -26.93
N CYS B 697 -49.12 -29.42 -25.65
CA CYS B 697 -50.37 -29.82 -25.01
C CYS B 697 -51.55 -29.04 -25.57
N LEU B 698 -51.35 -27.77 -25.91
CA LEU B 698 -52.45 -27.01 -26.49
C LEU B 698 -52.72 -27.42 -27.93
N VAL B 699 -51.72 -27.95 -28.63
CA VAL B 699 -51.93 -28.33 -30.02
C VAL B 699 -52.59 -29.71 -30.11
N PHE B 700 -52.01 -30.72 -29.46
CA PHE B 700 -52.36 -32.10 -29.83
C PHE B 700 -53.62 -32.61 -29.14
N VAL B 701 -53.64 -32.55 -27.81
CA VAL B 701 -54.68 -33.23 -27.02
C VAL B 701 -56.12 -32.76 -27.24
N PRO B 702 -56.44 -31.52 -27.72
CA PRO B 702 -57.85 -31.28 -28.08
C PRO B 702 -58.33 -32.13 -29.24
N LYS B 703 -57.49 -32.39 -30.24
CA LYS B 703 -57.87 -33.32 -31.28
C LYS B 703 -57.79 -34.77 -30.80
N LEU B 704 -56.90 -35.05 -29.85
CA LEU B 704 -56.71 -36.42 -29.38
C LEU B 704 -57.90 -36.89 -28.55
N ILE B 705 -58.41 -36.03 -27.67
CA ILE B 705 -59.58 -36.42 -26.88
C ILE B 705 -60.81 -36.58 -27.77
N THR B 706 -60.92 -35.75 -28.82
CA THR B 706 -62.04 -35.88 -29.74
C THR B 706 -61.95 -37.17 -30.55
N LEU B 707 -60.75 -37.53 -30.99
CA LEU B 707 -60.59 -38.78 -31.73
C LEU B 707 -60.76 -39.99 -30.84
N ARG B 708 -60.42 -39.87 -29.55
CA ARG B 708 -60.66 -40.97 -28.62
C ARG B 708 -62.13 -41.11 -28.28
N THR B 709 -62.87 -40.00 -28.28
CA THR B 709 -64.31 -40.07 -28.06
C THR B 709 -65.01 -40.66 -29.27
N ASN B 710 -64.65 -40.18 -30.47
CA ASN B 710 -65.18 -40.66 -31.76
C ASN B 710 -66.71 -40.61 -31.84
#